data_1MP1
#
_entry.id   1MP1
#
_entity_poly.entity_id   1
_entity_poly.type   'polypeptide(L)'
_entity_poly.pdbx_seq_one_letter_code
;SHMQLKFAECLEKKVDMSKVNLEVIKPWITKRVTEILGFEDDVVIEFIFNQLEVKNPDSKMMQINLTGFLNGKNAREFMG
ELWPLLLSAQENIAGIPSAFLELKKEEIKQR
;
_entity_poly.pdbx_strand_id   A
#
# COMPACT_ATOMS: atom_id res chain seq x y z
N SER A 1 -11.24 0.48 -15.73
CA SER A 1 -10.66 1.69 -15.18
C SER A 1 -11.75 2.69 -14.82
N HIS A 2 -11.76 3.09 -13.56
CA HIS A 2 -12.75 4.04 -13.08
C HIS A 2 -12.34 5.45 -13.50
N MET A 3 -11.10 5.80 -13.16
CA MET A 3 -10.59 7.12 -13.49
C MET A 3 -9.10 7.04 -13.83
N GLN A 4 -8.80 7.46 -15.06
CA GLN A 4 -7.41 7.45 -15.53
C GLN A 4 -6.70 8.73 -15.10
N LEU A 5 -5.42 8.58 -14.80
CA LEU A 5 -4.61 9.72 -14.38
C LEU A 5 -3.13 9.35 -14.47
N LYS A 6 -2.30 10.23 -13.94
CA LYS A 6 -0.86 10.01 -13.97
C LYS A 6 -0.41 9.52 -12.59
N PHE A 7 0.65 8.71 -12.60
CA PHE A 7 1.19 8.17 -11.37
C PHE A 7 2.65 8.60 -11.17
N ALA A 8 3.31 7.94 -10.23
CA ALA A 8 4.70 8.25 -9.94
C ALA A 8 5.60 7.31 -10.76
N GLU A 9 6.87 7.33 -10.42
CA GLU A 9 7.85 6.50 -11.12
C GLU A 9 8.28 5.34 -10.22
N CYS A 10 8.45 5.66 -8.95
CA CYS A 10 8.86 4.65 -7.97
C CYS A 10 7.87 3.48 -8.04
N LEU A 11 6.70 3.76 -8.58
CA LEU A 11 5.67 2.76 -8.71
C LEU A 11 6.13 1.68 -9.68
N GLU A 12 7.22 1.98 -10.38
CA GLU A 12 7.79 1.06 -11.34
C GLU A 12 8.87 0.20 -10.69
N LYS A 13 8.82 0.14 -9.37
CA LYS A 13 9.80 -0.63 -8.63
C LYS A 13 9.30 -2.07 -8.46
N LYS A 14 8.05 -2.27 -8.87
CA LYS A 14 7.43 -3.58 -8.77
C LYS A 14 7.51 -4.08 -7.33
N VAL A 15 6.89 -5.22 -7.10
CA VAL A 15 6.89 -5.81 -5.77
C VAL A 15 6.71 -7.33 -5.88
N ASP A 16 6.41 -7.95 -4.76
CA ASP A 16 6.20 -9.38 -4.72
C ASP A 16 5.58 -9.78 -3.38
N MET A 17 4.25 -9.86 -3.38
CA MET A 17 3.52 -10.21 -2.18
C MET A 17 3.90 -11.62 -1.71
N SER A 18 4.37 -12.42 -2.64
CA SER A 18 4.77 -13.78 -2.34
C SER A 18 6.09 -13.78 -1.56
N LYS A 19 6.67 -12.58 -1.45
CA LYS A 19 7.92 -12.43 -0.73
C LYS A 19 7.71 -11.52 0.47
N VAL A 20 6.87 -10.50 0.27
CA VAL A 20 6.58 -9.55 1.32
C VAL A 20 5.13 -9.76 1.79
N ASN A 21 4.90 -9.41 3.05
CA ASN A 21 3.58 -9.55 3.63
C ASN A 21 2.78 -8.26 3.40
N LEU A 22 1.59 -8.42 2.85
CA LEU A 22 0.72 -7.29 2.58
C LEU A 22 -0.18 -7.04 3.78
N GLU A 23 -0.42 -8.11 4.53
CA GLU A 23 -1.27 -8.01 5.71
C GLU A 23 -0.70 -6.98 6.69
N VAL A 24 0.62 -6.95 6.78
CA VAL A 24 1.29 -6.02 7.67
C VAL A 24 1.14 -4.60 7.12
N ILE A 25 0.56 -4.52 5.93
CA ILE A 25 0.35 -3.23 5.29
C ILE A 25 -1.15 -2.92 5.28
N LYS A 26 -1.93 -3.91 5.66
CA LYS A 26 -3.38 -3.75 5.69
C LYS A 26 -3.73 -2.58 6.60
N PRO A 27 -3.11 -2.58 7.81
CA PRO A 27 -3.36 -1.52 8.78
C PRO A 27 -2.66 -0.23 8.37
N TRP A 28 -1.56 -0.40 7.64
CA TRP A 28 -0.79 0.75 7.18
C TRP A 28 -1.56 1.42 6.04
N ILE A 29 -2.02 0.58 5.12
CA ILE A 29 -2.78 1.08 3.98
C ILE A 29 -4.14 1.58 4.45
N THR A 30 -4.82 0.71 5.20
CA THR A 30 -6.14 1.06 5.71
C THR A 30 -6.07 2.33 6.55
N LYS A 31 -4.99 2.46 7.29
CA LYS A 31 -4.78 3.62 8.14
C LYS A 31 -4.42 4.82 7.27
N ARG A 32 -3.61 4.55 6.26
CA ARG A 32 -3.17 5.60 5.34
C ARG A 32 -4.36 6.14 4.56
N VAL A 33 -5.11 5.22 3.97
CA VAL A 33 -6.27 5.58 3.18
C VAL A 33 -7.29 6.28 4.09
N THR A 34 -7.42 5.78 5.30
CA THR A 34 -8.34 6.34 6.26
C THR A 34 -7.86 7.73 6.70
N GLU A 35 -6.57 7.83 6.93
CA GLU A 35 -5.98 9.08 7.35
C GLU A 35 -5.95 10.08 6.19
N ILE A 36 -5.87 9.53 4.99
CA ILE A 36 -5.83 10.35 3.79
C ILE A 36 -7.06 11.26 3.76
N LEU A 37 -8.21 10.64 4.00
CA LEU A 37 -9.47 11.37 4.00
C LEU A 37 -9.87 11.68 5.45
N GLY A 38 -9.77 10.67 6.30
CA GLY A 38 -10.11 10.83 7.69
C GLY A 38 -11.10 9.76 8.14
N PHE A 39 -11.64 9.04 7.16
CA PHE A 39 -12.59 7.99 7.43
C PHE A 39 -12.18 6.69 6.75
N GLU A 40 -12.64 5.58 7.33
CA GLU A 40 -12.33 4.27 6.79
C GLU A 40 -13.11 4.03 5.50
N ASP A 41 -12.39 4.00 4.40
CA ASP A 41 -13.01 3.78 3.10
C ASP A 41 -13.36 2.30 2.95
N ASP A 42 -13.37 1.84 1.71
CA ASP A 42 -13.70 0.46 1.43
C ASP A 42 -13.36 0.14 -0.03
N VAL A 43 -13.81 1.02 -0.91
CA VAL A 43 -13.56 0.86 -2.33
C VAL A 43 -12.06 0.97 -2.60
N VAL A 44 -11.45 1.96 -1.98
CA VAL A 44 -10.03 2.19 -2.13
C VAL A 44 -9.25 1.08 -1.41
N ILE A 45 -9.73 0.74 -0.23
CA ILE A 45 -9.09 -0.30 0.57
C ILE A 45 -9.16 -1.62 -0.20
N GLU A 46 -10.35 -1.94 -0.69
CA GLU A 46 -10.55 -3.16 -1.44
C GLU A 46 -9.58 -3.23 -2.63
N PHE A 47 -9.43 -2.09 -3.28
CA PHE A 47 -8.55 -1.99 -4.43
C PHE A 47 -7.13 -2.41 -4.07
N ILE A 48 -6.66 -1.86 -2.96
CA ILE A 48 -5.32 -2.17 -2.48
C ILE A 48 -5.28 -3.61 -1.96
N PHE A 49 -6.31 -3.95 -1.19
CA PHE A 49 -6.40 -5.29 -0.64
C PHE A 49 -6.52 -6.35 -1.73
N ASN A 50 -7.43 -6.09 -2.67
CA ASN A 50 -7.66 -7.00 -3.76
C ASN A 50 -6.39 -7.07 -4.63
N GLN A 51 -5.76 -5.91 -4.79
CA GLN A 51 -4.56 -5.83 -5.59
C GLN A 51 -3.38 -6.46 -4.83
N LEU A 52 -3.36 -6.22 -3.52
CA LEU A 52 -2.31 -6.74 -2.67
C LEU A 52 -2.59 -8.22 -2.38
N GLU A 53 -3.70 -8.69 -2.91
CA GLU A 53 -4.09 -10.09 -2.71
C GLU A 53 -3.44 -10.97 -3.78
N VAL A 54 -2.74 -10.33 -4.70
CA VAL A 54 -2.07 -11.04 -5.77
C VAL A 54 -0.58 -11.15 -5.46
N LYS A 55 0.17 -11.62 -6.44
CA LYS A 55 1.60 -11.78 -6.28
C LYS A 55 2.32 -10.62 -6.98
N ASN A 56 1.59 -9.97 -7.88
CA ASN A 56 2.14 -8.86 -8.63
C ASN A 56 1.04 -7.80 -8.83
N PRO A 57 0.96 -6.87 -7.85
CA PRO A 57 -0.04 -5.81 -7.90
C PRO A 57 0.37 -4.74 -8.92
N ASP A 58 -0.64 -4.05 -9.44
CA ASP A 58 -0.40 -3.00 -10.42
C ASP A 58 -0.50 -1.64 -9.73
N SER A 59 0.66 -1.12 -9.35
CA SER A 59 0.73 0.18 -8.68
C SER A 59 -0.04 1.21 -9.49
N LYS A 60 -0.05 1.02 -10.81
CA LYS A 60 -0.74 1.93 -11.70
C LYS A 60 -2.23 1.98 -11.33
N MET A 61 -2.80 0.80 -11.16
CA MET A 61 -4.21 0.69 -10.81
C MET A 61 -4.45 1.19 -9.39
N MET A 62 -3.45 0.96 -8.53
CA MET A 62 -3.54 1.38 -7.14
C MET A 62 -3.67 2.90 -7.04
N GLN A 63 -2.73 3.58 -7.68
CA GLN A 63 -2.72 5.03 -7.66
C GLN A 63 -3.90 5.58 -8.47
N ILE A 64 -4.25 4.85 -9.52
CA ILE A 64 -5.35 5.26 -10.37
C ILE A 64 -6.66 5.12 -9.60
N ASN A 65 -6.76 4.05 -8.83
CA ASN A 65 -7.94 3.79 -8.03
C ASN A 65 -7.97 4.74 -6.84
N LEU A 66 -6.80 4.93 -6.25
CA LEU A 66 -6.68 5.82 -5.11
C LEU A 66 -7.07 7.24 -5.51
N THR A 67 -6.56 7.66 -6.65
CA THR A 67 -6.85 8.98 -7.16
C THR A 67 -8.36 9.17 -7.35
N GLY A 68 -9.04 8.04 -7.49
CA GLY A 68 -10.48 8.06 -7.68
C GLY A 68 -11.19 8.51 -6.40
N PHE A 69 -10.49 8.36 -5.29
CA PHE A 69 -11.04 8.74 -4.00
C PHE A 69 -10.20 9.85 -3.35
N LEU A 70 -8.89 9.67 -3.40
CA LEU A 70 -7.97 10.64 -2.83
C LEU A 70 -8.10 11.96 -3.61
N ASN A 71 -7.13 12.83 -3.38
CA ASN A 71 -7.11 14.13 -4.03
C ASN A 71 -6.25 14.04 -5.29
N GLY A 72 -5.55 12.92 -5.41
CA GLY A 72 -4.69 12.71 -6.56
C GLY A 72 -3.21 12.79 -6.16
N LYS A 73 -2.90 13.84 -5.41
CA LYS A 73 -1.54 14.05 -4.95
C LYS A 73 -1.23 13.08 -3.80
N ASN A 74 -2.24 12.83 -3.00
CA ASN A 74 -2.09 11.93 -1.86
C ASN A 74 -1.88 10.50 -2.38
N ALA A 75 -2.48 10.24 -3.53
CA ALA A 75 -2.37 8.91 -4.13
C ALA A 75 -0.90 8.65 -4.52
N ARG A 76 -0.27 9.69 -5.04
CA ARG A 76 1.12 9.59 -5.46
C ARG A 76 2.02 9.45 -4.23
N GLU A 77 1.68 10.19 -3.20
CA GLU A 77 2.45 10.15 -1.96
C GLU A 77 2.19 8.85 -1.21
N PHE A 78 0.94 8.41 -1.26
CA PHE A 78 0.54 7.18 -0.61
C PHE A 78 1.26 5.98 -1.21
N MET A 79 1.22 5.91 -2.53
CA MET A 79 1.86 4.81 -3.24
C MET A 79 3.38 4.86 -3.07
N GLY A 80 3.89 6.09 -2.98
CA GLY A 80 5.32 6.28 -2.82
C GLY A 80 5.75 6.05 -1.37
N GLU A 81 4.83 5.48 -0.60
CA GLU A 81 5.10 5.20 0.79
C GLU A 81 4.78 3.74 1.12
N LEU A 82 3.82 3.20 0.38
CA LEU A 82 3.41 1.81 0.58
C LEU A 82 4.13 0.93 -0.44
N TRP A 83 4.31 1.47 -1.63
CA TRP A 83 4.98 0.75 -2.69
C TRP A 83 6.41 0.43 -2.23
N PRO A 84 7.04 1.45 -1.59
CA PRO A 84 8.40 1.29 -1.10
C PRO A 84 8.42 0.45 0.17
N LEU A 85 7.31 0.49 0.89
CA LEU A 85 7.20 -0.27 2.13
C LEU A 85 7.40 -1.75 1.83
N LEU A 86 6.79 -2.19 0.74
CA LEU A 86 6.91 -3.58 0.33
C LEU A 86 8.32 -3.85 -0.19
N LEU A 87 8.89 -2.83 -0.82
CA LEU A 87 10.23 -2.94 -1.37
C LEU A 87 11.18 -3.41 -0.27
N SER A 88 11.03 -2.81 0.90
CA SER A 88 11.87 -3.15 2.03
C SER A 88 11.39 -4.47 2.66
N ALA A 89 10.09 -4.67 2.60
CA ALA A 89 9.49 -5.88 3.15
C ALA A 89 10.00 -7.09 2.37
N GLN A 90 9.96 -6.97 1.06
CA GLN A 90 10.41 -8.05 0.19
C GLN A 90 11.89 -8.34 0.43
N GLU A 91 12.54 -7.42 1.13
CA GLU A 91 13.95 -7.56 1.42
C GLU A 91 14.14 -8.28 2.77
N ASN A 92 13.04 -8.45 3.47
CA ASN A 92 13.07 -9.12 4.76
C ASN A 92 12.84 -10.61 4.56
N ILE A 93 12.54 -11.29 5.66
CA ILE A 93 12.31 -12.73 5.61
C ILE A 93 10.83 -13.00 5.90
N ALA A 94 10.29 -12.27 6.86
CA ALA A 94 8.91 -12.43 7.23
C ALA A 94 8.04 -11.51 6.36
N GLY A 95 8.70 -10.84 5.42
CA GLY A 95 8.01 -9.93 4.53
C GLY A 95 7.48 -8.71 5.28
N ILE A 96 8.29 -8.24 6.23
CA ILE A 96 7.92 -7.09 7.02
C ILE A 96 8.92 -5.96 6.78
N PRO A 97 8.37 -4.73 6.59
CA PRO A 97 9.20 -3.56 6.35
C PRO A 97 9.88 -3.09 7.64
N SER A 98 11.05 -2.49 7.48
CA SER A 98 11.81 -2.00 8.61
C SER A 98 10.98 -0.98 9.39
N ALA A 99 9.94 -0.48 8.73
CA ALA A 99 9.06 0.50 9.34
C ALA A 99 8.43 -0.10 10.59
N PHE A 100 8.27 -1.42 10.56
CA PHE A 100 7.68 -2.13 11.68
C PHE A 100 8.76 -2.78 12.55
N LEU A 101 9.82 -3.23 11.88
CA LEU A 101 10.92 -3.88 12.57
C LEU A 101 11.49 -2.92 13.62
N GLU A 102 12.10 -1.85 13.13
CA GLU A 102 12.69 -0.85 14.01
C GLU A 102 11.62 -0.26 14.93
N LEU A 103 10.83 0.65 14.36
CA LEU A 103 9.78 1.29 15.11
C LEU A 103 8.83 0.24 15.67
N LYS A 104 7.74 0.71 16.27
CA LYS A 104 6.76 -0.18 16.85
C LYS A 104 5.55 0.64 17.31
N LYS A 105 4.38 0.02 17.20
CA LYS A 105 3.14 0.67 17.60
C LYS A 105 2.02 -0.36 17.66
N GLU A 106 1.01 -0.04 18.44
CA GLU A 106 -0.14 -0.93 18.59
C GLU A 106 -0.90 -1.03 17.27
N GLU A 107 -1.99 -1.78 17.31
CA GLU A 107 -2.81 -1.98 16.13
C GLU A 107 -4.26 -1.57 16.42
N ILE A 108 -4.59 -0.37 16.00
CA ILE A 108 -5.95 0.14 16.20
C ILE A 108 -6.81 -0.20 14.99
N LYS A 109 -8.03 -0.63 15.28
CA LYS A 109 -8.96 -0.98 14.22
C LYS A 109 -10.37 -1.11 14.81
N GLN A 110 -11.32 -0.49 14.11
CA GLN A 110 -12.70 -0.54 14.56
C GLN A 110 -13.61 -1.04 13.42
N ARG A 111 -14.84 -1.35 13.80
CA ARG A 111 -15.81 -1.84 12.83
C ARG A 111 -15.85 -0.92 11.61
N SER A 1 -10.37 1.99 -16.38
CA SER A 1 -11.47 1.48 -15.57
C SER A 1 -11.60 2.31 -14.29
N HIS A 2 -12.81 2.77 -14.04
CA HIS A 2 -13.09 3.57 -12.87
C HIS A 2 -12.37 4.91 -12.97
N MET A 3 -11.05 4.85 -12.92
CA MET A 3 -10.23 6.04 -13.01
C MET A 3 -9.09 5.86 -14.02
N GLN A 4 -8.31 6.91 -14.18
CA GLN A 4 -7.18 6.87 -15.09
C GLN A 4 -6.44 8.21 -15.07
N LEU A 5 -5.14 8.13 -14.80
CA LEU A 5 -4.31 9.32 -14.75
C LEU A 5 -2.84 8.90 -14.71
N LYS A 6 -1.98 9.89 -14.48
CA LYS A 6 -0.56 9.64 -14.43
C LYS A 6 -0.17 9.25 -13.00
N PHE A 7 0.87 8.43 -12.90
CA PHE A 7 1.34 7.98 -11.61
C PHE A 7 2.80 8.40 -11.38
N ALA A 8 3.34 7.97 -10.25
CA ALA A 8 4.71 8.29 -9.91
C ALA A 8 5.65 7.42 -10.75
N GLU A 9 6.93 7.46 -10.37
CA GLU A 9 7.94 6.68 -11.08
C GLU A 9 8.43 5.53 -10.20
N CYS A 10 8.41 5.77 -8.90
CA CYS A 10 8.86 4.76 -7.95
C CYS A 10 7.87 3.59 -8.00
N LEU A 11 6.71 3.85 -8.59
CA LEU A 11 5.69 2.83 -8.72
C LEU A 11 6.16 1.76 -9.70
N GLU A 12 7.25 2.07 -10.40
CA GLU A 12 7.81 1.15 -11.37
C GLU A 12 8.92 0.31 -10.72
N LYS A 13 8.82 0.19 -9.40
CA LYS A 13 9.81 -0.59 -8.67
C LYS A 13 9.31 -2.02 -8.51
N LYS A 14 8.07 -2.23 -8.92
CA LYS A 14 7.47 -3.56 -8.84
C LYS A 14 7.55 -4.05 -7.39
N VAL A 15 6.93 -5.20 -7.16
CA VAL A 15 6.92 -5.79 -5.84
C VAL A 15 6.73 -7.31 -5.97
N ASP A 16 6.28 -7.90 -4.87
CA ASP A 16 6.06 -9.34 -4.84
C ASP A 16 5.48 -9.74 -3.48
N MET A 17 4.17 -9.86 -3.44
CA MET A 17 3.49 -10.23 -2.21
C MET A 17 3.91 -11.64 -1.75
N SER A 18 4.34 -12.43 -2.72
CA SER A 18 4.78 -13.79 -2.44
C SER A 18 6.10 -13.77 -1.67
N LYS A 19 6.66 -12.57 -1.55
CA LYS A 19 7.92 -12.41 -0.84
C LYS A 19 7.70 -11.48 0.36
N VAL A 20 6.88 -10.47 0.16
CA VAL A 20 6.58 -9.52 1.21
C VAL A 20 5.13 -9.72 1.68
N ASN A 21 4.91 -9.39 2.95
CA ASN A 21 3.58 -9.53 3.52
C ASN A 21 2.80 -8.24 3.30
N LEU A 22 1.55 -8.41 2.86
CA LEU A 22 0.69 -7.28 2.61
C LEU A 22 -0.21 -7.04 3.81
N GLU A 23 -0.40 -8.10 4.59
CA GLU A 23 -1.24 -8.03 5.78
C GLU A 23 -0.66 -7.02 6.77
N VAL A 24 0.66 -7.02 6.86
CA VAL A 24 1.34 -6.11 7.77
C VAL A 24 1.19 -4.67 7.26
N ILE A 25 0.62 -4.56 6.06
CA ILE A 25 0.41 -3.26 5.46
C ILE A 25 -1.09 -2.98 5.37
N LYS A 26 -1.86 -3.92 5.90
CA LYS A 26 -3.32 -3.80 5.89
C LYS A 26 -3.72 -2.61 6.77
N PRO A 27 -3.10 -2.56 7.97
CA PRO A 27 -3.39 -1.49 8.92
C PRO A 27 -2.74 -0.18 8.49
N TRP A 28 -1.64 -0.31 7.76
CA TRP A 28 -0.92 0.85 7.27
C TRP A 28 -1.72 1.45 6.13
N ILE A 29 -2.11 0.59 5.19
CA ILE A 29 -2.88 1.04 4.04
C ILE A 29 -4.26 1.53 4.51
N THR A 30 -4.92 0.68 5.28
CA THR A 30 -6.24 1.00 5.80
C THR A 30 -6.18 2.30 6.61
N LYS A 31 -5.10 2.44 7.36
CA LYS A 31 -4.92 3.63 8.18
C LYS A 31 -4.55 4.82 7.29
N ARG A 32 -3.70 4.54 6.32
CA ARG A 32 -3.26 5.57 5.39
C ARG A 32 -4.45 6.11 4.59
N VAL A 33 -5.20 5.17 4.02
CA VAL A 33 -6.36 5.54 3.23
C VAL A 33 -7.39 6.23 4.13
N THR A 34 -7.52 5.70 5.34
CA THR A 34 -8.46 6.26 6.30
C THR A 34 -8.00 7.65 6.74
N GLU A 35 -6.71 7.77 6.98
CA GLU A 35 -6.13 9.02 7.42
C GLU A 35 -6.11 10.02 6.25
N ILE A 36 -6.00 9.48 5.05
CA ILE A 36 -5.97 10.30 3.85
C ILE A 36 -7.22 11.19 3.81
N LEU A 37 -8.36 10.56 4.05
CA LEU A 37 -9.62 11.27 4.05
C LEU A 37 -10.02 11.61 5.48
N GLY A 38 -9.90 10.61 6.35
CA GLY A 38 -10.25 10.78 7.75
C GLY A 38 -11.25 9.72 8.20
N PHE A 39 -11.76 8.98 7.22
CA PHE A 39 -12.72 7.92 7.51
C PHE A 39 -12.32 6.62 6.84
N GLU A 40 -12.78 5.52 7.42
CA GLU A 40 -12.48 4.20 6.89
C GLU A 40 -13.16 4.00 5.53
N ASP A 41 -12.34 4.02 4.49
CA ASP A 41 -12.84 3.84 3.15
C ASP A 41 -13.27 2.38 2.95
N ASP A 42 -13.24 1.95 1.70
CA ASP A 42 -13.61 0.59 1.36
C ASP A 42 -13.27 0.31 -0.10
N VAL A 43 -13.68 1.24 -0.96
CA VAL A 43 -13.43 1.10 -2.39
C VAL A 43 -11.92 1.15 -2.64
N VAL A 44 -11.28 2.12 -1.99
CA VAL A 44 -9.85 2.30 -2.13
C VAL A 44 -9.12 1.16 -1.40
N ILE A 45 -9.65 0.82 -0.24
CA ILE A 45 -9.06 -0.25 0.56
C ILE A 45 -9.14 -1.56 -0.22
N GLU A 46 -10.33 -1.85 -0.73
CA GLU A 46 -10.55 -3.06 -1.50
C GLU A 46 -9.56 -3.13 -2.66
N PHE A 47 -9.39 -2.00 -3.31
CA PHE A 47 -8.49 -1.91 -4.45
C PHE A 47 -7.07 -2.35 -4.06
N ILE A 48 -6.61 -1.81 -2.94
CA ILE A 48 -5.29 -2.13 -2.44
C ILE A 48 -5.28 -3.57 -1.90
N PHE A 49 -6.33 -3.89 -1.17
CA PHE A 49 -6.45 -5.22 -0.58
C PHE A 49 -6.57 -6.28 -1.67
N ASN A 50 -7.46 -6.02 -2.61
CA ASN A 50 -7.67 -6.94 -3.72
C ASN A 50 -6.40 -7.02 -4.56
N GLN A 51 -5.76 -5.88 -4.74
CA GLN A 51 -4.54 -5.81 -5.52
C GLN A 51 -3.39 -6.45 -4.75
N LEU A 52 -3.37 -6.20 -3.44
CA LEU A 52 -2.33 -6.75 -2.60
C LEU A 52 -2.64 -8.21 -2.30
N GLU A 53 -3.79 -8.66 -2.79
CA GLU A 53 -4.21 -10.04 -2.59
C GLU A 53 -3.57 -10.95 -3.63
N VAL A 54 -2.87 -10.33 -4.58
CA VAL A 54 -2.22 -11.07 -5.64
C VAL A 54 -0.72 -11.18 -5.31
N LYS A 55 0.03 -11.68 -6.29
CA LYS A 55 1.46 -11.84 -6.14
C LYS A 55 2.18 -10.69 -6.85
N ASN A 56 1.45 -10.06 -7.76
CA ASN A 56 2.01 -8.95 -8.52
C ASN A 56 0.93 -7.88 -8.70
N PRO A 57 0.87 -6.94 -7.72
CA PRO A 57 -0.09 -5.87 -7.76
C PRO A 57 0.31 -4.81 -8.79
N ASP A 58 -0.69 -4.05 -9.24
CA ASP A 58 -0.45 -3.00 -10.22
C ASP A 58 -0.53 -1.64 -9.53
N SER A 59 0.64 -1.05 -9.32
CA SER A 59 0.71 0.25 -8.67
C SER A 59 -0.05 1.29 -9.50
N LYS A 60 -0.01 1.09 -10.80
CA LYS A 60 -0.70 2.00 -11.71
C LYS A 60 -2.20 2.04 -11.36
N MET A 61 -2.76 0.85 -11.23
CA MET A 61 -4.17 0.74 -10.91
C MET A 61 -4.45 1.22 -9.48
N MET A 62 -3.51 0.91 -8.59
CA MET A 62 -3.64 1.31 -7.20
C MET A 62 -3.69 2.83 -7.07
N GLN A 63 -2.71 3.48 -7.69
CA GLN A 63 -2.64 4.93 -7.64
C GLN A 63 -3.79 5.55 -8.45
N ILE A 64 -4.16 4.86 -9.51
CA ILE A 64 -5.25 5.32 -10.36
C ILE A 64 -6.57 5.20 -9.61
N ASN A 65 -6.69 4.12 -8.85
CA ASN A 65 -7.90 3.88 -8.07
C ASN A 65 -7.93 4.85 -6.89
N LEU A 66 -6.78 5.01 -6.25
CA LEU A 66 -6.67 5.89 -5.10
C LEU A 66 -7.08 7.31 -5.53
N THR A 67 -6.57 7.72 -6.68
CA THR A 67 -6.87 9.04 -7.20
C THR A 67 -8.38 9.22 -7.37
N GLY A 68 -9.07 8.09 -7.48
CA GLY A 68 -10.51 8.11 -7.66
C GLY A 68 -11.20 8.57 -6.37
N PHE A 69 -10.50 8.41 -5.26
CA PHE A 69 -11.03 8.81 -3.97
C PHE A 69 -10.20 9.93 -3.35
N LEU A 70 -8.89 9.75 -3.40
CA LEU A 70 -7.97 10.73 -2.85
C LEU A 70 -8.08 12.02 -3.65
N ASN A 71 -7.12 12.92 -3.42
CA ASN A 71 -7.11 14.19 -4.11
C ASN A 71 -6.23 14.09 -5.36
N GLY A 72 -5.48 13.00 -5.41
CA GLY A 72 -4.60 12.76 -6.55
C GLY A 72 -3.13 12.82 -6.12
N LYS A 73 -2.81 13.84 -5.34
CA LYS A 73 -1.45 14.02 -4.86
C LYS A 73 -1.19 13.05 -3.72
N ASN A 74 -2.24 12.76 -2.97
CA ASN A 74 -2.13 11.84 -1.85
C ASN A 74 -1.91 10.42 -2.38
N ALA A 75 -2.46 10.16 -3.55
CA ALA A 75 -2.33 8.86 -4.18
C ALA A 75 -0.86 8.61 -4.51
N ARG A 76 -0.22 9.64 -5.04
CA ARG A 76 1.19 9.54 -5.41
C ARG A 76 2.06 9.41 -4.16
N GLU A 77 1.69 10.17 -3.14
CA GLU A 77 2.42 10.14 -1.88
C GLU A 77 2.14 8.85 -1.13
N PHE A 78 0.91 8.40 -1.23
CA PHE A 78 0.49 7.18 -0.56
C PHE A 78 1.22 5.96 -1.16
N MET A 79 1.19 5.88 -2.47
CA MET A 79 1.84 4.79 -3.17
C MET A 79 3.35 4.84 -3.00
N GLY A 80 3.87 6.06 -2.91
CA GLY A 80 5.30 6.27 -2.74
C GLY A 80 5.72 6.03 -1.29
N GLU A 81 4.80 5.44 -0.54
CA GLU A 81 5.06 5.16 0.87
C GLU A 81 4.76 3.69 1.18
N LEU A 82 3.80 3.15 0.44
CA LEU A 82 3.41 1.76 0.62
C LEU A 82 4.13 0.89 -0.41
N TRP A 83 4.28 1.45 -1.60
CA TRP A 83 4.94 0.74 -2.68
C TRP A 83 6.37 0.44 -2.24
N PRO A 84 7.01 1.46 -1.61
CA PRO A 84 8.37 1.31 -1.13
C PRO A 84 8.42 0.44 0.13
N LEU A 85 7.32 0.48 0.88
CA LEU A 85 7.23 -0.30 2.11
C LEU A 85 7.45 -1.77 1.79
N LEU A 86 6.83 -2.21 0.70
CA LEU A 86 6.94 -3.59 0.28
C LEU A 86 8.35 -3.85 -0.26
N LEU A 87 8.90 -2.82 -0.89
CA LEU A 87 10.23 -2.92 -1.46
C LEU A 87 11.21 -3.37 -0.37
N SER A 88 11.07 -2.78 0.80
CA SER A 88 11.94 -3.12 1.92
C SER A 88 11.47 -4.43 2.55
N ALA A 89 10.15 -4.64 2.52
CA ALA A 89 9.57 -5.84 3.09
C ALA A 89 10.04 -7.06 2.28
N GLN A 90 9.98 -6.92 0.97
CA GLN A 90 10.39 -8.00 0.08
C GLN A 90 11.87 -8.31 0.28
N GLU A 91 12.56 -7.38 0.92
CA GLU A 91 13.98 -7.54 1.19
C GLU A 91 14.20 -8.26 2.53
N ASN A 92 13.10 -8.39 3.27
CA ASN A 92 13.16 -9.06 4.56
C ASN A 92 12.94 -10.56 4.37
N ILE A 93 12.65 -11.22 5.48
CA ILE A 93 12.40 -12.65 5.44
C ILE A 93 10.93 -12.93 5.74
N ALA A 94 10.42 -12.20 6.73
CA ALA A 94 9.02 -12.35 7.13
C ALA A 94 8.16 -11.45 6.25
N GLY A 95 8.80 -10.81 5.29
CA GLY A 95 8.09 -9.92 4.39
C GLY A 95 7.52 -8.72 5.13
N ILE A 96 8.31 -8.21 6.07
CA ILE A 96 7.91 -7.07 6.86
C ILE A 96 8.89 -5.91 6.62
N PRO A 97 8.31 -4.69 6.49
CA PRO A 97 9.12 -3.50 6.26
C PRO A 97 9.83 -3.06 7.55
N SER A 98 11.02 -2.54 7.37
CA SER A 98 11.81 -2.09 8.51
C SER A 98 11.07 -0.97 9.25
N ALA A 99 10.08 -0.41 8.56
CA ALA A 99 9.28 0.66 9.13
C ALA A 99 8.61 0.16 10.41
N PHE A 100 8.37 -1.14 10.45
CA PHE A 100 7.74 -1.75 11.61
C PHE A 100 8.76 -2.48 12.48
N LEU A 101 9.69 -3.14 11.80
CA LEU A 101 10.75 -3.88 12.50
C LEU A 101 11.30 -3.02 13.63
N GLU A 102 11.92 -1.91 13.24
CA GLU A 102 12.51 -1.00 14.21
C GLU A 102 11.42 -0.44 15.13
N LEU A 103 10.61 0.44 14.57
CA LEU A 103 9.53 1.05 15.32
C LEU A 103 8.73 -0.04 16.05
N LYS A 104 8.83 -0.01 17.37
CA LYS A 104 8.14 -0.98 18.19
C LYS A 104 8.70 -2.38 17.92
N LYS A 105 8.78 -3.17 18.97
CA LYS A 105 9.30 -4.52 18.86
C LYS A 105 8.20 -5.44 18.31
N GLU A 106 8.59 -6.68 18.04
CA GLU A 106 7.65 -7.66 17.52
C GLU A 106 6.35 -7.62 18.30
N GLU A 107 5.25 -7.51 17.55
CA GLU A 107 3.94 -7.45 18.17
C GLU A 107 2.85 -7.57 17.09
N ILE A 108 2.25 -8.75 17.02
CA ILE A 108 1.20 -9.00 16.06
C ILE A 108 -0.07 -9.43 16.78
N LYS A 109 -1.20 -8.92 16.31
CA LYS A 109 -2.48 -9.23 16.90
C LYS A 109 -3.59 -9.00 15.88
N GLN A 110 -4.59 -9.86 15.92
CA GLN A 110 -5.72 -9.77 14.99
C GLN A 110 -6.75 -10.86 15.30
N ARG A 111 -8.01 -10.48 15.20
CA ARG A 111 -9.09 -11.42 15.45
C ARG A 111 -8.91 -12.07 16.82
N SER A 1 -13.66 2.07 -16.26
CA SER A 1 -12.31 2.11 -15.72
C SER A 1 -12.31 2.86 -14.38
N HIS A 2 -13.49 3.33 -14.01
CA HIS A 2 -13.65 4.06 -12.76
C HIS A 2 -12.94 5.42 -12.87
N MET A 3 -11.64 5.35 -13.14
CA MET A 3 -10.84 6.56 -13.27
C MET A 3 -9.46 6.24 -13.84
N GLN A 4 -8.85 7.25 -14.45
CA GLN A 4 -7.54 7.09 -15.04
C GLN A 4 -6.73 8.39 -14.90
N LEU A 5 -5.44 8.23 -14.64
CA LEU A 5 -4.57 9.37 -14.49
C LEU A 5 -3.11 8.90 -14.54
N LYS A 6 -2.21 9.82 -14.22
CA LYS A 6 -0.80 9.52 -14.23
C LYS A 6 -0.35 9.09 -12.83
N PHE A 7 0.71 8.30 -12.79
CA PHE A 7 1.23 7.82 -11.53
C PHE A 7 2.69 8.22 -11.34
N ALA A 8 3.21 7.95 -10.15
CA ALA A 8 4.59 8.28 -9.83
C ALA A 8 5.52 7.41 -10.67
N GLU A 9 6.79 7.43 -10.31
CA GLU A 9 7.79 6.64 -11.01
C GLU A 9 8.27 5.49 -10.14
N CYS A 10 8.39 5.77 -8.85
CA CYS A 10 8.83 4.76 -7.90
C CYS A 10 7.87 3.58 -7.97
N LEU A 11 6.70 3.84 -8.55
CA LEU A 11 5.69 2.81 -8.68
C LEU A 11 6.17 1.75 -9.67
N GLU A 12 7.25 2.08 -10.36
CA GLU A 12 7.83 1.17 -11.34
C GLU A 12 8.92 0.32 -10.70
N LYS A 13 8.81 0.16 -9.38
CA LYS A 13 9.78 -0.62 -8.63
C LYS A 13 9.25 -2.06 -8.47
N LYS A 14 8.01 -2.25 -8.91
CA LYS A 14 7.39 -3.56 -8.81
C LYS A 14 7.46 -4.05 -7.36
N VAL A 15 6.84 -5.20 -7.13
CA VAL A 15 6.84 -5.80 -5.81
C VAL A 15 6.65 -7.31 -5.93
N ASP A 16 6.30 -7.92 -4.82
CA ASP A 16 6.10 -9.35 -4.79
C ASP A 16 5.49 -9.76 -3.44
N MET A 17 4.16 -9.82 -3.42
CA MET A 17 3.45 -10.19 -2.21
C MET A 17 3.84 -11.59 -1.74
N SER A 18 4.28 -12.40 -2.70
CA SER A 18 4.68 -13.76 -2.40
C SER A 18 6.00 -13.76 -1.63
N LYS A 19 6.59 -12.58 -1.53
CA LYS A 19 7.85 -12.44 -0.83
C LYS A 19 7.66 -11.52 0.38
N VAL A 20 6.83 -10.49 0.19
CA VAL A 20 6.56 -9.54 1.24
C VAL A 20 5.11 -9.74 1.73
N ASN A 21 4.91 -9.41 3.00
CA ASN A 21 3.60 -9.55 3.59
C ASN A 21 2.80 -8.26 3.38
N LEU A 22 1.60 -8.41 2.83
CA LEU A 22 0.75 -7.28 2.57
C LEU A 22 -0.15 -7.03 3.78
N GLU A 23 -0.40 -8.09 4.52
CA GLU A 23 -1.24 -8.01 5.71
C GLU A 23 -0.66 -6.98 6.69
N VAL A 24 0.66 -6.97 6.78
CA VAL A 24 1.34 -6.06 7.67
C VAL A 24 1.19 -4.63 7.16
N ILE A 25 0.61 -4.52 5.96
CA ILE A 25 0.39 -3.23 5.36
C ILE A 25 -1.11 -2.94 5.30
N LYS A 26 -1.89 -3.95 5.69
CA LYS A 26 -3.34 -3.81 5.68
C LYS A 26 -3.74 -2.65 6.59
N PRO A 27 -3.13 -2.64 7.81
CA PRO A 27 -3.43 -1.59 8.78
C PRO A 27 -2.72 -0.28 8.39
N TRP A 28 -1.61 -0.42 7.68
CA TRP A 28 -0.85 0.73 7.25
C TRP A 28 -1.61 1.38 6.09
N ILE A 29 -2.10 0.55 5.19
CA ILE A 29 -2.84 1.04 4.04
C ILE A 29 -4.20 1.57 4.50
N THR A 30 -4.90 0.72 5.24
CA THR A 30 -6.22 1.08 5.75
C THR A 30 -6.13 2.35 6.59
N LYS A 31 -5.05 2.44 7.36
CA LYS A 31 -4.83 3.60 8.21
C LYS A 31 -4.43 4.79 7.35
N ARG A 32 -3.65 4.51 6.32
CA ARG A 32 -3.20 5.54 5.42
C ARG A 32 -4.37 6.10 4.61
N VAL A 33 -5.12 5.19 4.01
CA VAL A 33 -6.27 5.58 3.22
C VAL A 33 -7.30 6.28 4.11
N THR A 34 -7.47 5.73 5.30
CA THR A 34 -8.41 6.29 6.25
C THR A 34 -7.97 7.69 6.68
N GLU A 35 -6.68 7.80 6.93
CA GLU A 35 -6.11 9.07 7.36
C GLU A 35 -6.08 10.05 6.18
N ILE A 36 -5.97 9.49 4.99
CA ILE A 36 -5.92 10.30 3.78
C ILE A 36 -7.17 11.18 3.72
N LEU A 37 -8.31 10.56 3.96
CA LEU A 37 -9.57 11.28 3.94
C LEU A 37 -9.99 11.63 5.36
N GLY A 38 -9.87 10.64 6.24
CA GLY A 38 -10.22 10.83 7.64
C GLY A 38 -11.23 9.77 8.09
N PHE A 39 -11.72 9.01 7.12
CA PHE A 39 -12.68 7.95 7.41
C PHE A 39 -12.27 6.63 6.75
N GLU A 40 -12.74 5.55 7.34
CA GLU A 40 -12.43 4.22 6.82
C GLU A 40 -13.11 4.02 5.47
N ASP A 41 -12.30 4.02 4.42
CA ASP A 41 -12.80 3.83 3.07
C ASP A 41 -13.23 2.37 2.90
N ASP A 42 -13.20 1.93 1.65
CA ASP A 42 -13.58 0.57 1.33
C ASP A 42 -13.25 0.28 -0.14
N VAL A 43 -13.67 1.19 -1.00
CA VAL A 43 -13.42 1.04 -2.42
C VAL A 43 -11.90 1.09 -2.68
N VAL A 44 -11.27 2.07 -2.05
CA VAL A 44 -9.83 2.23 -2.19
C VAL A 44 -9.11 1.10 -1.46
N ILE A 45 -9.63 0.78 -0.29
CA ILE A 45 -9.05 -0.29 0.52
C ILE A 45 -9.12 -1.61 -0.25
N GLU A 46 -10.32 -1.91 -0.75
CA GLU A 46 -10.53 -3.12 -1.50
C GLU A 46 -9.56 -3.19 -2.69
N PHE A 47 -9.40 -2.06 -3.35
CA PHE A 47 -8.52 -1.97 -4.50
C PHE A 47 -7.09 -2.39 -4.12
N ILE A 48 -6.63 -1.86 -3.00
CA ILE A 48 -5.29 -2.18 -2.52
C ILE A 48 -5.27 -3.62 -2.00
N PHE A 49 -6.31 -3.96 -1.25
CA PHE A 49 -6.42 -5.30 -0.70
C PHE A 49 -6.55 -6.34 -1.80
N ASN A 50 -7.47 -6.08 -2.71
CA ASN A 50 -7.72 -6.98 -3.82
C ASN A 50 -6.45 -7.08 -4.69
N GLN A 51 -5.82 -5.93 -4.87
CA GLN A 51 -4.61 -5.87 -5.67
C GLN A 51 -3.44 -6.52 -4.92
N LEU A 52 -3.40 -6.25 -3.62
CA LEU A 52 -2.35 -6.81 -2.77
C LEU A 52 -2.66 -8.26 -2.46
N GLU A 53 -3.84 -8.70 -2.91
CA GLU A 53 -4.28 -10.06 -2.68
C GLU A 53 -3.63 -11.01 -3.69
N VAL A 54 -2.88 -10.41 -4.61
CA VAL A 54 -2.20 -11.17 -5.64
C VAL A 54 -0.70 -11.25 -5.32
N LYS A 55 0.05 -11.77 -6.28
CA LYS A 55 1.49 -11.90 -6.12
C LYS A 55 2.18 -10.71 -6.79
N ASN A 56 1.46 -10.08 -7.70
CA ASN A 56 1.99 -8.94 -8.42
C ASN A 56 0.88 -7.89 -8.61
N PRO A 57 0.81 -6.95 -7.62
CA PRO A 57 -0.18 -5.91 -7.67
C PRO A 57 0.18 -4.84 -8.70
N ASP A 58 -0.84 -4.15 -9.18
CA ASP A 58 -0.64 -3.11 -10.18
C ASP A 58 -0.65 -1.74 -9.48
N SER A 59 0.52 -1.15 -9.38
CA SER A 59 0.66 0.15 -8.74
C SER A 59 -0.08 1.21 -9.55
N LYS A 60 -0.07 1.02 -10.87
CA LYS A 60 -0.74 1.94 -11.77
C LYS A 60 -2.22 2.01 -11.42
N MET A 61 -2.80 0.83 -11.19
CA MET A 61 -4.20 0.74 -10.84
C MET A 61 -4.46 1.26 -9.43
N MET A 62 -3.50 1.01 -8.56
CA MET A 62 -3.61 1.45 -7.17
C MET A 62 -3.68 2.98 -7.09
N GLN A 63 -2.71 3.61 -7.71
CA GLN A 63 -2.65 5.07 -7.73
C GLN A 63 -3.82 5.64 -8.53
N ILE A 64 -4.20 4.91 -9.57
CA ILE A 64 -5.29 5.33 -10.42
C ILE A 64 -6.61 5.23 -9.65
N ASN A 65 -6.73 4.16 -8.89
CA ASN A 65 -7.93 3.94 -8.09
C ASN A 65 -7.93 4.90 -6.89
N LEU A 66 -6.76 5.01 -6.27
CA LEU A 66 -6.62 5.88 -5.12
C LEU A 66 -6.99 7.31 -5.52
N THR A 67 -6.47 7.73 -6.66
CA THR A 67 -6.74 9.06 -7.16
C THR A 67 -8.25 9.27 -7.34
N GLY A 68 -8.95 8.16 -7.48
CA GLY A 68 -10.39 8.20 -7.67
C GLY A 68 -11.09 8.66 -6.38
N PHE A 69 -10.43 8.42 -5.26
CA PHE A 69 -10.97 8.81 -3.97
C PHE A 69 -10.12 9.91 -3.32
N LEU A 70 -8.82 9.74 -3.41
CA LEU A 70 -7.89 10.71 -2.84
C LEU A 70 -8.01 12.03 -3.61
N ASN A 71 -7.05 12.90 -3.37
CA ASN A 71 -7.03 14.19 -4.02
C ASN A 71 -6.16 14.11 -5.28
N GLY A 72 -5.45 13.00 -5.40
CA GLY A 72 -4.58 12.79 -6.55
C GLY A 72 -3.11 12.84 -6.13
N LYS A 73 -2.78 13.87 -5.38
CA LYS A 73 -1.41 14.05 -4.92
C LYS A 73 -1.14 13.08 -3.77
N ASN A 74 -2.18 12.82 -2.99
CA ASN A 74 -2.06 11.92 -1.86
C ASN A 74 -1.79 10.50 -2.37
N ALA A 75 -2.40 10.20 -3.52
CA ALA A 75 -2.23 8.89 -4.13
C ALA A 75 -0.75 8.66 -4.47
N ARG A 76 -0.13 9.71 -4.98
CA ARG A 76 1.27 9.64 -5.35
C ARG A 76 2.14 9.48 -4.10
N GLU A 77 1.75 10.20 -3.06
CA GLU A 77 2.49 10.15 -1.81
C GLU A 77 2.23 8.82 -1.10
N PHE A 78 0.98 8.37 -1.16
CA PHE A 78 0.60 7.12 -0.54
C PHE A 78 1.31 5.94 -1.17
N MET A 79 1.26 5.90 -2.50
CA MET A 79 1.91 4.83 -3.24
C MET A 79 3.43 4.88 -3.06
N GLY A 80 3.93 6.09 -2.88
CA GLY A 80 5.36 6.27 -2.69
C GLY A 80 5.77 6.02 -1.24
N GLU A 81 4.84 5.40 -0.51
CA GLU A 81 5.09 5.11 0.89
C GLU A 81 4.77 3.63 1.18
N LEU A 82 3.80 3.11 0.44
CA LEU A 82 3.40 1.73 0.60
C LEU A 82 4.13 0.86 -0.43
N TRP A 83 4.28 1.42 -1.63
CA TRP A 83 4.95 0.71 -2.69
C TRP A 83 6.38 0.41 -2.25
N PRO A 84 7.01 1.43 -1.61
CA PRO A 84 8.37 1.29 -1.13
C PRO A 84 8.42 0.45 0.14
N LEU A 85 7.32 0.49 0.88
CA LEU A 85 7.23 -0.27 2.12
C LEU A 85 7.43 -1.76 1.82
N LEU A 86 6.82 -2.20 0.73
CA LEU A 86 6.92 -3.59 0.33
C LEU A 86 8.32 -3.85 -0.22
N LEU A 87 8.87 -2.82 -0.85
CA LEU A 87 10.21 -2.92 -1.42
C LEU A 87 11.19 -3.37 -0.35
N SER A 88 11.02 -2.81 0.84
CA SER A 88 11.89 -3.15 1.96
C SER A 88 11.46 -4.49 2.55
N ALA A 89 10.15 -4.67 2.68
CA ALA A 89 9.60 -5.90 3.23
C ALA A 89 10.07 -7.08 2.38
N GLN A 90 9.94 -6.91 1.07
CA GLN A 90 10.34 -7.96 0.14
C GLN A 90 11.83 -8.27 0.30
N GLU A 91 12.54 -7.32 0.90
CA GLU A 91 13.97 -7.48 1.12
C GLU A 91 14.22 -8.18 2.46
N ASN A 92 13.18 -8.26 3.26
CA ASN A 92 13.26 -8.90 4.56
C ASN A 92 13.07 -10.41 4.39
N ILE A 93 12.77 -11.06 5.52
CA ILE A 93 12.55 -12.49 5.52
C ILE A 93 11.09 -12.78 5.85
N ALA A 94 10.57 -12.02 6.80
CA ALA A 94 9.19 -12.19 7.22
C ALA A 94 8.29 -11.28 6.38
N GLY A 95 8.88 -10.75 5.31
CA GLY A 95 8.15 -9.87 4.42
C GLY A 95 7.56 -8.68 5.17
N ILE A 96 8.37 -8.14 6.08
CA ILE A 96 7.95 -7.00 6.87
C ILE A 96 8.93 -5.85 6.65
N PRO A 97 8.35 -4.62 6.51
CA PRO A 97 9.16 -3.43 6.30
C PRO A 97 9.85 -2.99 7.59
N SER A 98 11.03 -2.42 7.43
CA SER A 98 11.81 -1.96 8.57
C SER A 98 11.01 -0.90 9.34
N ALA A 99 10.00 -0.37 8.68
CA ALA A 99 9.16 0.64 9.29
C ALA A 99 8.51 0.08 10.55
N PHE A 100 8.29 -1.22 10.53
CA PHE A 100 7.68 -1.90 11.67
C PHE A 100 8.76 -2.56 12.55
N LEU A 101 9.73 -3.15 11.88
CA LEU A 101 10.81 -3.83 12.59
C LEU A 101 11.36 -2.90 13.67
N GLU A 102 11.99 -1.82 13.20
CA GLU A 102 12.56 -0.85 14.13
C GLU A 102 11.51 -0.39 15.14
N LEU A 103 10.44 0.16 14.61
CA LEU A 103 9.36 0.65 15.46
C LEU A 103 8.96 -0.45 16.44
N LYS A 104 7.96 -0.13 17.27
CA LYS A 104 7.48 -1.07 18.26
C LYS A 104 5.95 -1.07 18.25
N LYS A 105 5.39 -1.91 19.09
CA LYS A 105 3.93 -2.02 19.19
C LYS A 105 3.33 -1.98 17.79
N GLU A 106 3.30 -3.14 17.16
CA GLU A 106 2.74 -3.25 15.81
C GLU A 106 1.26 -2.92 15.82
N GLU A 107 0.85 -2.17 14.80
CA GLU A 107 -0.54 -1.77 14.68
C GLU A 107 -1.46 -2.97 14.93
N ILE A 108 -2.74 -2.66 15.13
CA ILE A 108 -3.72 -3.70 15.37
C ILE A 108 -3.49 -4.86 14.40
N LYS A 109 -3.60 -6.06 14.94
CA LYS A 109 -3.40 -7.26 14.15
C LYS A 109 -4.05 -8.46 14.85
N GLN A 110 -4.96 -9.10 14.14
CA GLN A 110 -5.65 -10.26 14.69
C GLN A 110 -4.93 -11.55 14.29
N ARG A 111 -4.63 -12.35 15.30
CA ARG A 111 -3.95 -13.62 15.07
C ARG A 111 -4.93 -14.79 15.19
N SER A 1 -14.74 1.70 -15.39
CA SER A 1 -13.42 2.22 -15.69
C SER A 1 -12.81 2.86 -14.44
N HIS A 2 -13.65 3.00 -13.42
CA HIS A 2 -13.21 3.59 -12.17
C HIS A 2 -12.58 4.96 -12.46
N MET A 3 -11.25 4.95 -12.53
CA MET A 3 -10.50 6.17 -12.79
C MET A 3 -9.43 5.94 -13.86
N GLN A 4 -8.65 6.97 -14.10
CA GLN A 4 -7.59 6.91 -15.09
C GLN A 4 -6.79 8.21 -15.11
N LEU A 5 -5.51 8.09 -14.76
CA LEU A 5 -4.64 9.25 -14.75
C LEU A 5 -3.19 8.79 -14.70
N LYS A 6 -2.29 9.75 -14.51
CA LYS A 6 -0.87 9.45 -14.44
C LYS A 6 -0.50 9.14 -12.99
N PHE A 7 0.56 8.35 -12.85
CA PHE A 7 1.03 7.96 -11.53
C PHE A 7 2.49 8.38 -11.32
N ALA A 8 3.06 7.90 -10.22
CA ALA A 8 4.44 8.22 -9.89
C ALA A 8 5.37 7.33 -10.72
N GLU A 9 6.64 7.38 -10.37
CA GLU A 9 7.65 6.59 -11.07
C GLU A 9 8.13 5.44 -10.18
N CYS A 10 8.28 5.73 -8.90
CA CYS A 10 8.73 4.74 -7.95
C CYS A 10 7.77 3.54 -8.02
N LEU A 11 6.59 3.80 -8.55
CA LEU A 11 5.59 2.76 -8.69
C LEU A 11 6.08 1.70 -9.67
N GLU A 12 7.16 2.04 -10.37
CA GLU A 12 7.74 1.13 -11.35
C GLU A 12 8.85 0.31 -10.70
N LYS A 13 8.77 0.18 -9.38
CA LYS A 13 9.76 -0.57 -8.65
C LYS A 13 9.28 -2.01 -8.47
N LYS A 14 8.05 -2.25 -8.91
CA LYS A 14 7.46 -3.57 -8.81
C LYS A 14 7.57 -4.06 -7.36
N VAL A 15 6.94 -5.20 -7.11
CA VAL A 15 6.95 -5.79 -5.79
C VAL A 15 6.78 -7.31 -5.90
N ASP A 16 6.35 -7.91 -4.80
CA ASP A 16 6.14 -9.35 -4.76
C ASP A 16 5.55 -9.73 -3.40
N MET A 17 4.23 -9.89 -3.40
CA MET A 17 3.54 -10.26 -2.17
C MET A 17 3.96 -11.65 -1.70
N SER A 18 4.44 -12.45 -2.65
CA SER A 18 4.88 -13.79 -2.35
C SER A 18 6.20 -13.76 -1.58
N LYS A 19 6.74 -12.55 -1.46
CA LYS A 19 8.00 -12.37 -0.77
C LYS A 19 7.77 -11.45 0.45
N VAL A 20 6.92 -10.46 0.23
CA VAL A 20 6.61 -9.51 1.30
C VAL A 20 5.17 -9.73 1.76
N ASN A 21 4.93 -9.40 3.02
CA ASN A 21 3.60 -9.55 3.59
C ASN A 21 2.79 -8.27 3.36
N LEU A 22 1.61 -8.43 2.81
CA LEU A 22 0.75 -7.31 2.53
C LEU A 22 -0.16 -7.06 3.73
N GLU A 23 -0.41 -8.12 4.48
CA GLU A 23 -1.26 -8.03 5.66
C GLU A 23 -0.69 -7.02 6.64
N VAL A 24 0.65 -7.02 6.74
CA VAL A 24 1.32 -6.10 7.64
C VAL A 24 1.17 -4.67 7.12
N ILE A 25 0.60 -4.57 5.93
CA ILE A 25 0.38 -3.27 5.31
C ILE A 25 -1.11 -2.97 5.26
N LYS A 26 -1.90 -3.98 5.64
CA LYS A 26 -3.34 -3.84 5.63
C LYS A 26 -3.74 -2.67 6.54
N PRO A 27 -3.15 -2.67 7.76
CA PRO A 27 -3.44 -1.61 8.73
C PRO A 27 -2.74 -0.31 8.35
N TRP A 28 -1.62 -0.47 7.65
CA TRP A 28 -0.86 0.69 7.22
C TRP A 28 -1.61 1.36 6.06
N ILE A 29 -2.09 0.54 5.15
CA ILE A 29 -2.84 1.03 4.00
C ILE A 29 -4.19 1.55 4.47
N THR A 30 -4.90 0.71 5.21
CA THR A 30 -6.21 1.08 5.72
C THR A 30 -6.11 2.34 6.58
N LYS A 31 -5.05 2.41 7.36
CA LYS A 31 -4.83 3.55 8.23
C LYS A 31 -4.39 4.75 7.37
N ARG A 32 -3.65 4.46 6.33
CA ARG A 32 -3.17 5.50 5.44
C ARG A 32 -4.32 6.05 4.59
N VAL A 33 -5.07 5.14 3.99
CA VAL A 33 -6.20 5.53 3.16
C VAL A 33 -7.22 6.26 4.02
N THR A 34 -7.42 5.74 5.22
CA THR A 34 -8.37 6.33 6.16
C THR A 34 -7.87 7.69 6.63
N GLU A 35 -6.57 7.75 6.88
CA GLU A 35 -5.96 8.99 7.34
C GLU A 35 -5.88 10.01 6.20
N ILE A 36 -5.77 9.47 4.99
CA ILE A 36 -5.69 10.32 3.81
C ILE A 36 -6.90 11.24 3.76
N LEU A 37 -8.07 10.65 3.96
CA LEU A 37 -9.31 11.40 3.94
C LEU A 37 -9.74 11.69 5.38
N GLY A 38 -9.67 10.67 6.21
CA GLY A 38 -10.06 10.81 7.61
C GLY A 38 -11.11 9.77 8.00
N PHE A 39 -11.61 9.08 6.99
CA PHE A 39 -12.61 8.06 7.21
C PHE A 39 -12.21 6.73 6.54
N GLU A 40 -12.72 5.65 7.10
CA GLU A 40 -12.42 4.32 6.57
C GLU A 40 -13.08 4.14 5.21
N ASP A 41 -12.25 4.13 4.17
CA ASP A 41 -12.74 3.95 2.81
C ASP A 41 -13.28 2.54 2.65
N ASP A 42 -13.18 2.05 1.42
CA ASP A 42 -13.65 0.71 1.12
C ASP A 42 -13.22 0.33 -0.30
N VAL A 43 -13.62 1.17 -1.25
CA VAL A 43 -13.28 0.94 -2.64
C VAL A 43 -11.76 1.03 -2.82
N VAL A 44 -11.18 2.00 -2.12
CA VAL A 44 -9.74 2.20 -2.19
C VAL A 44 -9.03 1.07 -1.44
N ILE A 45 -9.58 0.74 -0.27
CA ILE A 45 -9.01 -0.32 0.54
C ILE A 45 -9.07 -1.64 -0.22
N GLU A 46 -10.25 -1.93 -0.74
CA GLU A 46 -10.46 -3.15 -1.50
C GLU A 46 -9.48 -3.23 -2.66
N PHE A 47 -9.31 -2.09 -3.32
CA PHE A 47 -8.40 -2.01 -4.46
C PHE A 47 -6.99 -2.44 -4.06
N ILE A 48 -6.53 -1.90 -2.94
CA ILE A 48 -5.21 -2.22 -2.44
C ILE A 48 -5.19 -3.65 -1.92
N PHE A 49 -6.23 -3.99 -1.18
CA PHE A 49 -6.36 -5.32 -0.61
C PHE A 49 -6.47 -6.38 -1.72
N ASN A 50 -7.35 -6.11 -2.66
CA ASN A 50 -7.56 -7.03 -3.77
C ASN A 50 -6.29 -7.09 -4.62
N GLN A 51 -5.68 -5.93 -4.79
CA GLN A 51 -4.46 -5.84 -5.58
C GLN A 51 -3.29 -6.49 -4.82
N LEU A 52 -3.28 -6.25 -3.51
CA LEU A 52 -2.23 -6.79 -2.67
C LEU A 52 -2.52 -8.27 -2.38
N GLU A 53 -3.66 -8.72 -2.88
CA GLU A 53 -4.07 -10.10 -2.69
C GLU A 53 -3.45 -10.99 -3.77
N VAL A 54 -2.76 -10.35 -4.69
CA VAL A 54 -2.11 -11.07 -5.78
C VAL A 54 -0.60 -11.16 -5.50
N LYS A 55 0.13 -11.61 -6.51
CA LYS A 55 1.57 -11.74 -6.39
C LYS A 55 2.24 -10.56 -7.08
N ASN A 56 1.48 -9.91 -7.95
CA ASN A 56 2.00 -8.77 -8.68
C ASN A 56 0.87 -7.74 -8.88
N PRO A 57 0.80 -6.79 -7.90
CA PRO A 57 -0.22 -5.75 -7.95
C PRO A 57 0.12 -4.70 -9.01
N ASP A 58 -0.92 -4.03 -9.48
CA ASP A 58 -0.75 -3.00 -10.49
C ASP A 58 -0.75 -1.63 -9.82
N SER A 59 0.41 -1.27 -9.28
CA SER A 59 0.55 0.02 -8.61
C SER A 59 -0.16 1.11 -9.40
N LYS A 60 -0.24 0.89 -10.71
CA LYS A 60 -0.89 1.84 -11.59
C LYS A 60 -2.38 1.94 -11.23
N MET A 61 -3.00 0.78 -11.10
CA MET A 61 -4.41 0.72 -10.76
C MET A 61 -4.66 1.24 -9.35
N MET A 62 -3.71 0.93 -8.47
CA MET A 62 -3.81 1.37 -7.08
C MET A 62 -3.83 2.89 -6.98
N GLN A 63 -2.83 3.50 -7.59
CA GLN A 63 -2.71 4.96 -7.58
C GLN A 63 -3.86 5.58 -8.37
N ILE A 64 -4.27 4.87 -9.42
CA ILE A 64 -5.36 5.35 -10.26
C ILE A 64 -6.67 5.28 -9.47
N ASN A 65 -6.81 4.21 -8.71
CA ASN A 65 -8.01 4.01 -7.92
C ASN A 65 -7.99 4.97 -6.73
N LEU A 66 -6.81 5.08 -6.12
CA LEU A 66 -6.65 5.96 -4.97
C LEU A 66 -7.02 7.39 -5.37
N THR A 67 -6.53 7.79 -6.53
CA THR A 67 -6.81 9.13 -7.03
C THR A 67 -8.31 9.34 -7.19
N GLY A 68 -9.02 8.23 -7.30
CA GLY A 68 -10.47 8.28 -7.45
C GLY A 68 -11.14 8.71 -6.15
N PHE A 69 -10.46 8.46 -5.04
CA PHE A 69 -10.96 8.81 -3.73
C PHE A 69 -10.12 9.91 -3.08
N LEU A 70 -8.81 9.73 -3.19
CA LEU A 70 -7.88 10.69 -2.62
C LEU A 70 -8.00 12.02 -3.37
N ASN A 71 -7.02 12.89 -3.14
CA ASN A 71 -7.01 14.19 -3.79
C ASN A 71 -6.17 14.11 -5.06
N GLY A 72 -5.54 12.95 -5.25
CA GLY A 72 -4.70 12.74 -6.42
C GLY A 72 -3.21 12.79 -6.05
N LYS A 73 -2.83 13.89 -5.43
CA LYS A 73 -1.45 14.07 -5.02
C LYS A 73 -1.14 13.14 -3.85
N ASN A 74 -2.17 12.87 -3.06
CA ASN A 74 -2.02 11.99 -1.91
C ASN A 74 -1.78 10.55 -2.40
N ALA A 75 -2.36 10.25 -3.55
CA ALA A 75 -2.23 8.93 -4.13
C ALA A 75 -0.76 8.68 -4.49
N ARG A 76 -0.14 9.69 -5.07
CA ARG A 76 1.25 9.60 -5.46
C ARG A 76 2.14 9.49 -4.22
N GLU A 77 1.78 10.25 -3.21
CA GLU A 77 2.53 10.24 -1.95
C GLU A 77 2.27 8.95 -1.18
N PHE A 78 1.03 8.51 -1.23
CA PHE A 78 0.63 7.29 -0.55
C PHE A 78 1.34 6.07 -1.15
N MET A 79 1.26 5.97 -2.46
CA MET A 79 1.88 4.86 -3.18
C MET A 79 3.39 4.89 -3.02
N GLY A 80 3.92 6.09 -2.85
CA GLY A 80 5.35 6.28 -2.67
C GLY A 80 5.76 6.02 -1.23
N GLU A 81 4.85 5.41 -0.48
CA GLU A 81 5.11 5.10 0.91
C GLU A 81 4.79 3.64 1.21
N LEU A 82 3.83 3.12 0.45
CA LEU A 82 3.42 1.73 0.62
C LEU A 82 4.14 0.86 -0.41
N TRP A 83 4.30 1.42 -1.61
CA TRP A 83 4.97 0.71 -2.68
C TRP A 83 6.40 0.41 -2.23
N PRO A 84 7.03 1.44 -1.61
CA PRO A 84 8.40 1.30 -1.13
C PRO A 84 8.45 0.45 0.15
N LEU A 85 7.34 0.49 0.88
CA LEU A 85 7.24 -0.27 2.12
C LEU A 85 7.46 -1.76 1.82
N LEU A 86 6.84 -2.21 0.74
CA LEU A 86 6.97 -3.60 0.34
C LEU A 86 8.37 -3.85 -0.22
N LEU A 87 8.91 -2.82 -0.84
CA LEU A 87 10.25 -2.91 -1.42
C LEU A 87 11.22 -3.38 -0.34
N SER A 88 11.10 -2.79 0.84
CA SER A 88 11.95 -3.13 1.95
C SER A 88 11.49 -4.44 2.59
N ALA A 89 10.18 -4.64 2.57
CA ALA A 89 9.59 -5.84 3.14
C ALA A 89 10.06 -7.06 2.35
N GLN A 90 9.99 -6.93 1.03
CA GLN A 90 10.41 -8.02 0.15
C GLN A 90 11.89 -8.34 0.37
N GLU A 91 12.57 -7.40 1.03
CA GLU A 91 13.99 -7.57 1.30
C GLU A 91 14.19 -8.25 2.65
N ASN A 92 13.09 -8.39 3.38
CA ASN A 92 13.13 -9.01 4.69
C ASN A 92 12.94 -10.51 4.55
N ILE A 93 12.59 -11.15 5.66
CA ILE A 93 12.38 -12.59 5.65
C ILE A 93 10.90 -12.88 5.90
N ALA A 94 10.34 -12.20 6.89
CA ALA A 94 8.94 -12.37 7.22
C ALA A 94 8.09 -11.45 6.35
N GLY A 95 8.76 -10.80 5.42
CA GLY A 95 8.08 -9.88 4.51
C GLY A 95 7.52 -8.68 5.26
N ILE A 96 8.32 -8.16 6.17
CA ILE A 96 7.92 -7.02 6.97
C ILE A 96 8.89 -5.87 6.74
N PRO A 97 8.32 -4.64 6.57
CA PRO A 97 9.14 -3.46 6.33
C PRO A 97 9.81 -3.00 7.62
N SER A 98 11.01 -2.45 7.47
CA SER A 98 11.77 -1.97 8.60
C SER A 98 10.97 -0.90 9.35
N ALA A 99 9.96 -0.38 8.67
CA ALA A 99 9.12 0.65 9.26
C ALA A 99 8.46 0.10 10.53
N PHE A 100 8.22 -1.20 10.52
CA PHE A 100 7.60 -1.86 11.66
C PHE A 100 8.67 -2.52 12.55
N LEU A 101 9.64 -3.14 11.89
CA LEU A 101 10.71 -3.81 12.61
C LEU A 101 11.25 -2.89 13.71
N GLU A 102 11.86 -1.79 13.28
CA GLU A 102 12.42 -0.82 14.20
C GLU A 102 11.36 -0.41 15.22
N LEU A 103 10.37 0.33 14.75
CA LEU A 103 9.30 0.80 15.59
C LEU A 103 8.54 -0.39 16.17
N LYS A 104 7.45 -0.10 16.86
CA LYS A 104 6.63 -1.14 17.46
C LYS A 104 5.38 -1.34 16.60
N LYS A 105 5.15 -2.59 16.24
CA LYS A 105 3.99 -2.94 15.43
C LYS A 105 2.72 -2.56 16.18
N GLU A 106 2.02 -1.57 15.63
CA GLU A 106 0.78 -1.11 16.23
C GLU A 106 -0.30 -2.18 16.14
N GLU A 107 -0.97 -2.39 17.26
CA GLU A 107 -2.04 -3.39 17.31
C GLU A 107 -1.47 -4.78 17.02
N ILE A 108 -2.10 -5.77 17.62
CA ILE A 108 -1.66 -7.15 17.44
C ILE A 108 -2.34 -7.73 16.20
N LYS A 109 -1.58 -8.53 15.47
CA LYS A 109 -2.09 -9.15 14.26
C LYS A 109 -3.47 -9.76 14.54
N GLN A 110 -4.40 -9.45 13.67
CA GLN A 110 -5.76 -9.95 13.80
C GLN A 110 -6.30 -10.43 12.46
N ARG A 111 -7.40 -11.16 12.52
CA ARG A 111 -8.01 -11.69 11.31
C ARG A 111 -9.48 -12.03 11.57
N SER A 1 -10.53 -1.06 -14.04
CA SER A 1 -9.95 0.07 -14.75
C SER A 1 -10.29 1.38 -14.04
N HIS A 2 -11.60 1.65 -13.99
CA HIS A 2 -12.08 2.86 -13.35
C HIS A 2 -11.29 4.07 -13.86
N MET A 3 -11.54 5.20 -13.24
CA MET A 3 -10.87 6.43 -13.63
C MET A 3 -9.40 6.17 -13.96
N GLN A 4 -8.82 7.10 -14.71
CA GLN A 4 -7.42 6.98 -15.11
C GLN A 4 -6.71 8.32 -14.98
N LEU A 5 -5.43 8.26 -14.68
CA LEU A 5 -4.63 9.46 -14.53
C LEU A 5 -3.15 9.08 -14.52
N LYS A 6 -2.31 10.07 -14.20
CA LYS A 6 -0.88 9.86 -14.16
C LYS A 6 -0.48 9.44 -12.75
N PHE A 7 0.54 8.59 -12.68
CA PHE A 7 1.04 8.10 -11.41
C PHE A 7 2.49 8.52 -11.20
N ALA A 8 3.07 8.02 -10.11
CA ALA A 8 4.44 8.32 -9.78
C ALA A 8 5.38 7.49 -10.64
N GLU A 9 6.64 7.48 -10.25
CA GLU A 9 7.65 6.72 -10.99
C GLU A 9 8.14 5.53 -10.15
N CYS A 10 8.20 5.77 -8.85
CA CYS A 10 8.65 4.73 -7.94
C CYS A 10 7.69 3.55 -8.04
N LEU A 11 6.52 3.82 -8.60
CA LEU A 11 5.50 2.79 -8.77
C LEU A 11 6.02 1.74 -9.76
N GLU A 12 7.11 2.08 -10.42
CA GLU A 12 7.70 1.18 -11.40
C GLU A 12 8.82 0.37 -10.75
N LYS A 13 8.70 0.18 -9.45
CA LYS A 13 9.70 -0.59 -8.71
C LYS A 13 9.20 -2.03 -8.54
N LYS A 14 7.97 -2.25 -8.94
CA LYS A 14 7.37 -3.57 -8.83
C LYS A 14 7.49 -4.07 -7.39
N VAL A 15 6.89 -5.23 -7.15
CA VAL A 15 6.92 -5.82 -5.82
C VAL A 15 6.75 -7.33 -5.94
N ASP A 16 6.40 -7.95 -4.82
CA ASP A 16 6.20 -9.38 -4.78
C ASP A 16 5.56 -9.77 -3.45
N MET A 17 4.25 -9.84 -3.46
CA MET A 17 3.51 -10.20 -2.26
C MET A 17 3.88 -11.60 -1.78
N SER A 18 4.34 -12.41 -2.73
CA SER A 18 4.74 -13.77 -2.42
C SER A 18 6.06 -13.78 -1.64
N LYS A 19 6.63 -12.59 -1.52
CA LYS A 19 7.89 -12.44 -0.81
C LYS A 19 7.68 -11.52 0.40
N VAL A 20 6.86 -10.50 0.18
CA VAL A 20 6.57 -9.55 1.25
C VAL A 20 5.14 -9.77 1.74
N ASN A 21 4.92 -9.40 2.99
CA ASN A 21 3.60 -9.56 3.60
C ASN A 21 2.81 -8.26 3.40
N LEU A 22 1.65 -8.40 2.77
CA LEU A 22 0.79 -7.26 2.52
C LEU A 22 -0.14 -7.05 3.72
N GLU A 23 -0.34 -8.13 4.46
CA GLU A 23 -1.21 -8.09 5.63
C GLU A 23 -0.68 -7.07 6.64
N VAL A 24 0.63 -7.04 6.77
CA VAL A 24 1.27 -6.12 7.69
C VAL A 24 1.13 -4.68 7.16
N ILE A 25 0.58 -4.59 5.96
CA ILE A 25 0.38 -3.29 5.34
C ILE A 25 -1.12 -2.99 5.26
N LYS A 26 -1.91 -3.94 5.76
CA LYS A 26 -3.35 -3.80 5.76
C LYS A 26 -3.74 -2.63 6.69
N PRO A 27 -3.11 -2.62 7.89
CA PRO A 27 -3.39 -1.57 8.86
C PRO A 27 -2.72 -0.26 8.46
N TRP A 28 -1.62 -0.39 7.73
CA TRP A 28 -0.88 0.79 7.28
C TRP A 28 -1.69 1.43 6.16
N ILE A 29 -2.12 0.60 5.22
CA ILE A 29 -2.90 1.10 4.09
C ILE A 29 -4.23 1.66 4.60
N THR A 30 -4.91 0.87 5.40
CA THR A 30 -6.19 1.28 5.96
C THR A 30 -6.02 2.56 6.78
N LYS A 31 -4.92 2.60 7.51
CA LYS A 31 -4.64 3.77 8.34
C LYS A 31 -4.25 4.95 7.46
N ARG A 32 -3.57 4.63 6.36
CA ARG A 32 -3.14 5.65 5.43
C ARG A 32 -4.33 6.18 4.64
N VAL A 33 -5.10 5.25 4.08
CA VAL A 33 -6.26 5.61 3.29
C VAL A 33 -7.25 6.38 4.19
N THR A 34 -7.49 5.82 5.36
CA THR A 34 -8.41 6.44 6.31
C THR A 34 -7.91 7.83 6.70
N GLU A 35 -6.61 7.94 6.90
CA GLU A 35 -6.00 9.20 7.27
C GLU A 35 -5.96 10.14 6.07
N ILE A 36 -5.87 9.54 4.89
CA ILE A 36 -5.82 10.30 3.66
C ILE A 36 -7.06 11.20 3.57
N LEU A 37 -8.21 10.58 3.81
CA LEU A 37 -9.47 11.30 3.76
C LEU A 37 -9.90 11.68 5.18
N GLY A 38 -9.82 10.69 6.07
CA GLY A 38 -10.18 10.90 7.45
C GLY A 38 -11.24 9.88 7.90
N PHE A 39 -11.72 9.12 6.92
CA PHE A 39 -12.73 8.11 7.21
C PHE A 39 -12.32 6.76 6.62
N GLU A 40 -12.88 5.70 7.19
CA GLU A 40 -12.58 4.36 6.73
C GLU A 40 -13.19 4.12 5.35
N ASP A 41 -12.33 4.00 4.36
CA ASP A 41 -12.77 3.77 2.99
C ASP A 41 -13.15 2.30 2.83
N ASP A 42 -13.36 1.91 1.57
CA ASP A 42 -13.74 0.55 1.26
C ASP A 42 -13.32 0.22 -0.17
N VAL A 43 -13.77 1.07 -1.09
CA VAL A 43 -13.46 0.89 -2.49
C VAL A 43 -11.95 1.01 -2.70
N VAL A 44 -11.37 1.98 -2.00
CA VAL A 44 -9.94 2.21 -2.10
C VAL A 44 -9.20 1.11 -1.36
N ILE A 45 -9.73 0.75 -0.20
CA ILE A 45 -9.14 -0.29 0.62
C ILE A 45 -9.17 -1.61 -0.15
N GLU A 46 -10.33 -1.91 -0.70
CA GLU A 46 -10.52 -3.14 -1.46
C GLU A 46 -9.55 -3.18 -2.64
N PHE A 47 -9.40 -2.03 -3.28
CA PHE A 47 -8.50 -1.92 -4.43
C PHE A 47 -7.08 -2.34 -4.06
N ILE A 48 -6.62 -1.83 -2.92
CA ILE A 48 -5.28 -2.13 -2.43
C ILE A 48 -5.25 -3.58 -1.95
N PHE A 49 -6.26 -3.94 -1.17
CA PHE A 49 -6.35 -5.28 -0.63
C PHE A 49 -6.47 -6.32 -1.76
N ASN A 50 -7.38 -6.05 -2.68
CA ASN A 50 -7.60 -6.94 -3.80
C ASN A 50 -6.31 -7.02 -4.64
N GLN A 51 -5.69 -5.86 -4.82
CA GLN A 51 -4.47 -5.77 -5.59
C GLN A 51 -3.31 -6.43 -4.82
N LEU A 52 -3.31 -6.19 -3.53
CA LEU A 52 -2.26 -6.75 -2.67
C LEU A 52 -2.58 -8.21 -2.38
N GLU A 53 -3.75 -8.63 -2.84
CA GLU A 53 -4.18 -10.01 -2.62
C GLU A 53 -3.55 -10.93 -3.67
N VAL A 54 -2.81 -10.31 -4.59
CA VAL A 54 -2.15 -11.06 -5.65
C VAL A 54 -0.65 -11.13 -5.35
N LYS A 55 0.09 -11.63 -6.33
CA LYS A 55 1.53 -11.76 -6.18
C LYS A 55 2.22 -10.58 -6.90
N ASN A 56 1.47 -9.98 -7.81
CA ASN A 56 2.00 -8.86 -8.57
C ASN A 56 0.90 -7.80 -8.73
N PRO A 57 0.87 -6.86 -7.76
CA PRO A 57 -0.13 -5.80 -7.79
C PRO A 57 0.22 -4.74 -8.84
N ASP A 58 -0.82 -4.10 -9.36
CA ASP A 58 -0.63 -3.08 -10.37
C ASP A 58 -0.63 -1.70 -9.70
N SER A 59 0.58 -1.20 -9.46
CA SER A 59 0.73 0.10 -8.84
C SER A 59 -0.03 1.17 -9.63
N LYS A 60 -0.07 0.97 -10.94
CA LYS A 60 -0.76 1.90 -11.82
C LYS A 60 -2.22 1.98 -11.40
N MET A 61 -2.83 0.82 -11.22
CA MET A 61 -4.22 0.74 -10.84
C MET A 61 -4.42 1.26 -9.40
N MET A 62 -3.41 1.00 -8.58
CA MET A 62 -3.46 1.43 -7.19
C MET A 62 -3.56 2.95 -7.09
N GLN A 63 -2.63 3.62 -7.77
CA GLN A 63 -2.61 5.08 -7.76
C GLN A 63 -3.80 5.63 -8.54
N ILE A 64 -4.16 4.90 -9.60
CA ILE A 64 -5.28 5.31 -10.44
C ILE A 64 -6.58 5.16 -9.65
N ASN A 65 -6.66 4.07 -8.91
CA ASN A 65 -7.85 3.80 -8.11
C ASN A 65 -7.88 4.74 -6.91
N LEU A 66 -6.73 4.86 -6.26
CA LEU A 66 -6.62 5.73 -5.10
C LEU A 66 -6.97 7.16 -5.50
N THR A 67 -6.39 7.59 -6.62
CA THR A 67 -6.63 8.93 -7.11
C THR A 67 -8.13 9.14 -7.37
N GLY A 68 -8.83 8.03 -7.55
CA GLY A 68 -10.25 8.07 -7.82
C GLY A 68 -11.03 8.51 -6.56
N PHE A 69 -10.41 8.25 -5.41
CA PHE A 69 -11.04 8.59 -4.15
C PHE A 69 -10.23 9.68 -3.43
N LEU A 70 -8.91 9.58 -3.56
CA LEU A 70 -8.03 10.55 -2.94
C LEU A 70 -8.08 11.87 -3.71
N ASN A 71 -7.14 12.74 -3.39
CA ASN A 71 -7.07 14.04 -4.05
C ASN A 71 -6.11 13.95 -5.23
N GLY A 72 -5.37 12.86 -5.28
CA GLY A 72 -4.40 12.64 -6.34
C GLY A 72 -2.98 12.73 -5.82
N LYS A 73 -2.67 13.86 -5.20
CA LYS A 73 -1.35 14.09 -4.65
C LYS A 73 -1.09 13.08 -3.53
N ASN A 74 -2.15 12.77 -2.80
CA ASN A 74 -2.05 11.83 -1.70
C ASN A 74 -1.84 10.42 -2.26
N ALA A 75 -2.46 10.17 -3.41
CA ALA A 75 -2.35 8.87 -4.06
C ALA A 75 -0.89 8.63 -4.45
N ARG A 76 -0.25 9.69 -4.92
CA ARG A 76 1.14 9.60 -5.33
C ARG A 76 2.05 9.41 -4.12
N GLU A 77 1.70 10.12 -3.05
CA GLU A 77 2.48 10.03 -1.82
C GLU A 77 2.20 8.70 -1.11
N PHE A 78 0.93 8.30 -1.15
CA PHE A 78 0.52 7.06 -0.51
C PHE A 78 1.25 5.87 -1.12
N MET A 79 1.22 5.81 -2.44
CA MET A 79 1.88 4.72 -3.16
C MET A 79 3.40 4.81 -3.02
N GLY A 80 3.87 6.03 -2.85
CA GLY A 80 5.30 6.28 -2.71
C GLY A 80 5.76 6.01 -1.27
N GLU A 81 4.86 5.40 -0.50
CA GLU A 81 5.16 5.09 0.89
C GLU A 81 4.82 3.63 1.19
N LEU A 82 3.85 3.11 0.44
CA LEU A 82 3.43 1.74 0.61
C LEU A 82 4.15 0.86 -0.42
N TRP A 83 4.28 1.40 -1.62
CA TRP A 83 4.95 0.68 -2.69
C TRP A 83 6.38 0.37 -2.24
N PRO A 84 7.02 1.41 -1.63
CA PRO A 84 8.39 1.26 -1.15
C PRO A 84 8.44 0.43 0.12
N LEU A 85 7.34 0.46 0.86
CA LEU A 85 7.25 -0.28 2.11
C LEU A 85 7.47 -1.77 1.82
N LEU A 86 6.86 -2.23 0.74
CA LEU A 86 6.99 -3.63 0.34
C LEU A 86 8.40 -3.86 -0.22
N LEU A 87 8.93 -2.83 -0.85
CA LEU A 87 10.27 -2.92 -1.43
C LEU A 87 11.25 -3.39 -0.36
N SER A 88 11.14 -2.78 0.80
CA SER A 88 12.01 -3.11 1.91
C SER A 88 11.53 -4.40 2.59
N ALA A 89 10.21 -4.58 2.58
CA ALA A 89 9.61 -5.76 3.18
C ALA A 89 10.05 -7.01 2.40
N GLN A 90 9.96 -6.90 1.08
CA GLN A 90 10.34 -8.01 0.22
C GLN A 90 11.82 -8.36 0.43
N GLU A 91 12.53 -7.41 1.03
CA GLU A 91 13.95 -7.60 1.28
C GLU A 91 14.15 -8.31 2.63
N ASN A 92 13.06 -8.40 3.39
CA ASN A 92 13.11 -9.05 4.69
C ASN A 92 12.91 -10.55 4.51
N ILE A 93 12.61 -11.20 5.62
CA ILE A 93 12.39 -12.64 5.61
C ILE A 93 10.91 -12.92 5.87
N ALA A 94 10.35 -12.18 6.82
CA ALA A 94 8.96 -12.35 7.18
C ALA A 94 8.10 -11.44 6.28
N GLY A 95 8.76 -10.77 5.37
CA GLY A 95 8.07 -9.88 4.45
C GLY A 95 7.50 -8.67 5.18
N ILE A 96 8.28 -8.16 6.13
CA ILE A 96 7.86 -7.02 6.92
C ILE A 96 8.81 -5.85 6.65
N PRO A 97 8.21 -4.63 6.52
CA PRO A 97 9.00 -3.44 6.27
C PRO A 97 9.75 -2.99 7.53
N SER A 98 10.90 -2.38 7.31
CA SER A 98 11.71 -1.90 8.42
C SER A 98 10.94 -0.83 9.21
N ALA A 99 9.92 -0.30 8.56
CA ALA A 99 9.10 0.73 9.18
C ALA A 99 8.47 0.17 10.47
N PHE A 100 8.25 -1.13 10.46
CA PHE A 100 7.66 -1.79 11.61
C PHE A 100 8.73 -2.47 12.47
N LEU A 101 9.74 -2.99 11.79
CA LEU A 101 10.84 -3.66 12.47
C LEU A 101 11.43 -2.71 13.53
N GLU A 102 12.02 -1.64 13.04
CA GLU A 102 12.63 -0.65 13.92
C GLU A 102 11.77 -0.48 15.18
N LEU A 103 10.53 -0.10 14.97
CA LEU A 103 9.61 0.10 16.08
C LEU A 103 9.83 -1.00 17.12
N LYS A 104 10.11 -0.56 18.34
CA LYS A 104 10.33 -1.49 19.44
C LYS A 104 9.19 -2.51 19.48
N LYS A 105 8.03 -2.02 19.87
CA LYS A 105 6.85 -2.88 19.97
C LYS A 105 6.83 -3.84 18.77
N GLU A 106 7.29 -5.05 19.02
CA GLU A 106 7.33 -6.07 17.98
C GLU A 106 5.91 -6.47 17.58
N GLU A 107 5.60 -6.29 16.31
CA GLU A 107 4.29 -6.64 15.79
C GLU A 107 4.38 -7.86 14.88
N ILE A 108 4.89 -8.95 15.43
CA ILE A 108 5.04 -10.18 14.69
C ILE A 108 4.28 -11.30 15.39
N LYS A 109 2.97 -11.27 15.23
CA LYS A 109 2.11 -12.27 15.84
C LYS A 109 1.02 -12.68 14.86
N GLN A 110 1.44 -13.30 13.77
CA GLN A 110 0.52 -13.75 12.75
C GLN A 110 1.05 -15.00 12.04
N ARG A 111 0.21 -15.60 11.23
CA ARG A 111 0.58 -16.80 10.50
C ARG A 111 1.76 -16.51 9.58
N SER A 1 -11.92 0.42 -15.66
CA SER A 1 -10.75 1.14 -15.18
C SER A 1 -11.13 2.03 -14.00
N HIS A 2 -12.36 2.50 -14.03
CA HIS A 2 -12.86 3.37 -12.98
C HIS A 2 -12.21 4.75 -13.09
N MET A 3 -10.89 4.75 -12.96
CA MET A 3 -10.13 6.00 -13.05
C MET A 3 -8.97 5.86 -14.03
N GLN A 4 -8.32 6.99 -14.27
CA GLN A 4 -7.19 7.00 -15.19
C GLN A 4 -6.44 8.33 -15.09
N LEU A 5 -5.15 8.24 -14.80
CA LEU A 5 -4.32 9.43 -14.67
C LEU A 5 -2.84 9.01 -14.65
N LYS A 6 -2.00 9.99 -14.36
CA LYS A 6 -0.57 9.74 -14.31
C LYS A 6 -0.18 9.36 -12.88
N PHE A 7 0.90 8.58 -12.78
CA PHE A 7 1.39 8.14 -11.49
C PHE A 7 2.85 8.52 -11.29
N ALA A 8 3.40 8.09 -10.18
CA ALA A 8 4.79 8.37 -9.86
C ALA A 8 5.69 7.46 -10.70
N GLU A 9 6.97 7.48 -10.36
CA GLU A 9 7.95 6.67 -11.08
C GLU A 9 8.44 5.53 -10.19
N CYS A 10 8.42 5.78 -8.89
CA CYS A 10 8.87 4.79 -7.93
C CYS A 10 7.91 3.60 -7.99
N LEU A 11 6.75 3.83 -8.59
CA LEU A 11 5.75 2.80 -8.72
C LEU A 11 6.22 1.76 -9.74
N GLU A 12 7.35 2.07 -10.37
CA GLU A 12 7.92 1.17 -11.36
C GLU A 12 9.02 0.31 -10.72
N LYS A 13 8.89 0.12 -9.41
CA LYS A 13 9.85 -0.67 -8.67
C LYS A 13 9.31 -2.10 -8.50
N LYS A 14 8.06 -2.27 -8.91
CA LYS A 14 7.42 -3.57 -8.81
C LYS A 14 7.52 -4.08 -7.37
N VAL A 15 6.83 -5.18 -7.11
CA VAL A 15 6.83 -5.77 -5.79
C VAL A 15 6.64 -7.28 -5.91
N ASP A 16 6.36 -7.91 -4.78
CA ASP A 16 6.16 -9.35 -4.75
C ASP A 16 5.56 -9.74 -3.40
N MET A 17 4.23 -9.83 -3.39
CA MET A 17 3.52 -10.20 -2.18
C MET A 17 3.90 -11.62 -1.72
N SER A 18 4.34 -12.41 -2.69
CA SER A 18 4.74 -13.78 -2.40
C SER A 18 6.06 -13.79 -1.61
N LYS A 19 6.64 -12.60 -1.48
CA LYS A 19 7.89 -12.46 -0.76
C LYS A 19 7.68 -11.55 0.45
N VAL A 20 6.87 -10.52 0.25
CA VAL A 20 6.58 -9.57 1.31
C VAL A 20 5.12 -9.78 1.77
N ASN A 21 4.90 -9.46 3.04
CA ASN A 21 3.57 -9.58 3.62
C ASN A 21 2.79 -8.29 3.38
N LEU A 22 1.58 -8.46 2.86
CA LEU A 22 0.72 -7.32 2.59
C LEU A 22 -0.19 -7.06 3.79
N GLU A 23 -0.43 -8.13 4.55
CA GLU A 23 -1.27 -8.03 5.72
C GLU A 23 -0.71 -6.99 6.70
N VAL A 24 0.61 -6.99 6.79
CA VAL A 24 1.29 -6.04 7.68
C VAL A 24 1.15 -4.63 7.13
N ILE A 25 0.55 -4.55 5.94
CA ILE A 25 0.35 -3.26 5.30
C ILE A 25 -1.14 -2.94 5.25
N LYS A 26 -1.94 -3.94 5.62
CA LYS A 26 -3.38 -3.78 5.64
C LYS A 26 -3.76 -2.60 6.53
N PRO A 27 -3.16 -2.59 7.76
CA PRO A 27 -3.43 -1.53 8.71
C PRO A 27 -2.70 -0.24 8.32
N TRP A 28 -1.59 -0.42 7.62
CA TRP A 28 -0.79 0.71 7.17
C TRP A 28 -1.54 1.38 6.01
N ILE A 29 -2.08 0.54 5.13
CA ILE A 29 -2.82 1.04 3.98
C ILE A 29 -4.18 1.56 4.44
N THR A 30 -4.89 0.71 5.17
CA THR A 30 -6.21 1.08 5.66
C THR A 30 -6.12 2.36 6.51
N LYS A 31 -5.07 2.44 7.31
CA LYS A 31 -4.87 3.59 8.16
C LYS A 31 -4.45 4.78 7.31
N ARG A 32 -3.60 4.51 6.33
CA ARG A 32 -3.12 5.55 5.43
C ARG A 32 -4.29 6.17 4.66
N VAL A 33 -5.09 5.28 4.07
CA VAL A 33 -6.24 5.72 3.30
C VAL A 33 -7.20 6.50 4.21
N THR A 34 -7.43 5.92 5.39
CA THR A 34 -8.32 6.54 6.36
C THR A 34 -7.78 7.89 6.78
N GLU A 35 -6.46 7.96 6.92
CA GLU A 35 -5.82 9.20 7.32
C GLU A 35 -5.79 10.19 6.16
N ILE A 36 -5.73 9.64 4.96
CA ILE A 36 -5.70 10.45 3.75
C ILE A 36 -6.93 11.34 3.72
N LEU A 37 -8.08 10.72 3.98
CA LEU A 37 -9.34 11.45 3.97
C LEU A 37 -9.74 11.77 5.41
N GLY A 38 -9.65 10.75 6.26
CA GLY A 38 -10.00 10.91 7.66
C GLY A 38 -11.04 9.86 8.09
N PHE A 39 -11.58 9.17 7.09
CA PHE A 39 -12.58 8.14 7.35
C PHE A 39 -12.17 6.82 6.71
N GLU A 40 -12.66 5.74 7.30
CA GLU A 40 -12.35 4.41 6.80
C GLU A 40 -13.10 4.16 5.48
N ASP A 41 -12.33 4.09 4.41
CA ASP A 41 -12.91 3.85 3.10
C ASP A 41 -13.26 2.37 2.96
N ASP A 42 -13.30 1.92 1.72
CA ASP A 42 -13.64 0.53 1.44
C ASP A 42 -13.27 0.21 -0.02
N VAL A 43 -13.73 1.08 -0.91
CA VAL A 43 -13.46 0.90 -2.33
C VAL A 43 -11.96 1.01 -2.58
N VAL A 44 -11.35 1.99 -1.92
CA VAL A 44 -9.92 2.21 -2.06
C VAL A 44 -9.16 1.07 -1.38
N ILE A 45 -9.64 0.72 -0.19
CA ILE A 45 -9.01 -0.36 0.57
C ILE A 45 -9.09 -1.66 -0.24
N GLU A 46 -10.29 -1.94 -0.72
CA GLU A 46 -10.51 -3.15 -1.50
C GLU A 46 -9.55 -3.20 -2.69
N PHE A 47 -9.40 -2.05 -3.32
CA PHE A 47 -8.51 -1.95 -4.48
C PHE A 47 -7.09 -2.38 -4.12
N ILE A 48 -6.61 -1.87 -2.99
CA ILE A 48 -5.28 -2.20 -2.53
C ILE A 48 -5.25 -3.65 -2.02
N PHE A 49 -6.27 -3.99 -1.26
CA PHE A 49 -6.39 -5.33 -0.72
C PHE A 49 -6.51 -6.37 -1.83
N ASN A 50 -7.41 -6.09 -2.76
CA ASN A 50 -7.65 -7.00 -3.88
C ASN A 50 -6.38 -7.05 -4.74
N GLN A 51 -5.75 -5.90 -4.88
CA GLN A 51 -4.53 -5.81 -5.67
C GLN A 51 -3.36 -6.47 -4.94
N LEU A 52 -3.33 -6.25 -3.63
CA LEU A 52 -2.28 -6.83 -2.80
C LEU A 52 -2.58 -8.30 -2.54
N GLU A 53 -3.78 -8.70 -2.97
CA GLU A 53 -4.20 -10.08 -2.79
C GLU A 53 -3.55 -10.98 -3.83
N VAL A 54 -2.80 -10.36 -4.73
CA VAL A 54 -2.12 -11.09 -5.79
C VAL A 54 -0.63 -11.15 -5.47
N LYS A 55 0.12 -11.64 -6.45
CA LYS A 55 1.56 -11.76 -6.28
C LYS A 55 2.25 -10.58 -6.97
N ASN A 56 1.52 -9.97 -7.89
CA ASN A 56 2.04 -8.83 -8.63
C ASN A 56 0.95 -7.78 -8.79
N PRO A 57 0.87 -6.87 -7.78
CA PRO A 57 -0.12 -5.80 -7.79
C PRO A 57 0.25 -4.72 -8.81
N ASP A 58 -0.78 -4.05 -9.31
CA ASP A 58 -0.58 -3.00 -10.28
C ASP A 58 -0.61 -1.64 -9.56
N SER A 59 0.57 -1.06 -9.41
CA SER A 59 0.69 0.23 -8.75
C SER A 59 -0.07 1.29 -9.54
N LYS A 60 -0.04 1.14 -10.86
CA LYS A 60 -0.72 2.09 -11.73
C LYS A 60 -2.20 2.12 -11.38
N MET A 61 -2.79 0.93 -11.30
CA MET A 61 -4.21 0.82 -10.97
C MET A 61 -4.47 1.27 -9.54
N MET A 62 -3.51 1.00 -8.66
CA MET A 62 -3.63 1.36 -7.27
C MET A 62 -3.72 2.88 -7.12
N GLN A 63 -2.78 3.57 -7.73
CA GLN A 63 -2.75 5.03 -7.67
C GLN A 63 -3.95 5.61 -8.42
N ILE A 64 -4.32 4.93 -9.50
CA ILE A 64 -5.44 5.37 -10.31
C ILE A 64 -6.74 5.19 -9.53
N ASN A 65 -6.79 4.09 -8.78
CA ASN A 65 -7.96 3.78 -7.98
C ASN A 65 -8.04 4.75 -6.79
N LEU A 66 -6.88 4.96 -6.17
CA LEU A 66 -6.80 5.85 -5.02
C LEU A 66 -7.25 7.25 -5.44
N THR A 67 -6.74 7.67 -6.60
CA THR A 67 -7.08 8.99 -7.12
C THR A 67 -8.60 9.12 -7.30
N GLY A 68 -9.25 7.97 -7.42
CA GLY A 68 -10.68 7.94 -7.61
C GLY A 68 -11.41 8.33 -6.32
N PHE A 69 -10.67 8.29 -5.23
CA PHE A 69 -11.22 8.64 -3.93
C PHE A 69 -10.42 9.76 -3.27
N LEU A 70 -9.11 9.59 -3.27
CA LEU A 70 -8.22 10.58 -2.68
C LEU A 70 -8.32 11.88 -3.48
N ASN A 71 -7.34 12.75 -3.23
CA ASN A 71 -7.30 14.03 -3.92
C ASN A 71 -6.43 13.91 -5.17
N GLY A 72 -5.69 12.81 -5.23
CA GLY A 72 -4.81 12.56 -6.35
C GLY A 72 -3.35 12.62 -5.94
N LYS A 73 -2.97 13.76 -5.37
CA LYS A 73 -1.60 13.96 -4.91
C LYS A 73 -1.31 12.98 -3.77
N ASN A 74 -2.32 12.75 -2.95
CA ASN A 74 -2.17 11.83 -1.83
C ASN A 74 -1.94 10.42 -2.36
N ALA A 75 -2.53 10.15 -3.51
CA ALA A 75 -2.40 8.84 -4.12
C ALA A 75 -0.93 8.61 -4.51
N ARG A 76 -0.31 9.66 -5.01
CA ARG A 76 1.09 9.59 -5.42
C ARG A 76 1.98 9.43 -4.18
N GLU A 77 1.64 10.17 -3.14
CA GLU A 77 2.41 10.12 -1.90
C GLU A 77 2.15 8.81 -1.17
N PHE A 78 0.90 8.38 -1.22
CA PHE A 78 0.50 7.14 -0.57
C PHE A 78 1.22 5.93 -1.19
N MET A 79 1.16 5.87 -2.50
CA MET A 79 1.80 4.78 -3.22
C MET A 79 3.32 4.85 -3.07
N GLY A 80 3.82 6.07 -2.99
CA GLY A 80 5.26 6.27 -2.85
C GLY A 80 5.70 6.04 -1.40
N GLU A 81 4.80 5.47 -0.62
CA GLU A 81 5.08 5.19 0.78
C GLU A 81 4.79 3.72 1.09
N LEU A 82 3.84 3.17 0.36
CA LEU A 82 3.45 1.78 0.54
C LEU A 82 4.19 0.91 -0.47
N TRP A 83 4.33 1.45 -1.67
CA TRP A 83 5.01 0.73 -2.74
C TRP A 83 6.44 0.43 -2.27
N PRO A 84 7.07 1.46 -1.65
CA PRO A 84 8.42 1.31 -1.15
C PRO A 84 8.45 0.48 0.13
N LEU A 85 7.35 0.52 0.86
CA LEU A 85 7.23 -0.23 2.09
C LEU A 85 7.43 -1.71 1.81
N LEU A 86 6.81 -2.16 0.73
CA LEU A 86 6.92 -3.56 0.34
C LEU A 86 8.33 -3.83 -0.21
N LEU A 87 8.88 -2.81 -0.84
CA LEU A 87 10.22 -2.92 -1.41
C LEU A 87 11.19 -3.40 -0.32
N SER A 88 11.05 -2.80 0.86
CA SER A 88 11.90 -3.16 1.98
C SER A 88 11.43 -4.46 2.61
N ALA A 89 10.12 -4.65 2.57
CA ALA A 89 9.52 -5.85 3.14
C ALA A 89 10.02 -7.07 2.37
N GLN A 90 9.99 -6.97 1.06
CA GLN A 90 10.44 -8.06 0.21
C GLN A 90 11.93 -8.34 0.45
N GLU A 91 12.57 -7.42 1.14
CA GLU A 91 13.98 -7.56 1.45
C GLU A 91 14.17 -8.23 2.81
N ASN A 92 13.04 -8.45 3.49
CA ASN A 92 13.07 -9.08 4.79
C ASN A 92 12.87 -10.59 4.63
N ILE A 93 12.57 -11.25 5.74
CA ILE A 93 12.35 -12.68 5.73
C ILE A 93 10.87 -12.97 5.96
N ALA A 94 10.30 -12.25 6.92
CA ALA A 94 8.90 -12.43 7.26
C ALA A 94 8.05 -11.55 6.35
N GLY A 95 8.72 -10.85 5.45
CA GLY A 95 8.05 -9.98 4.50
C GLY A 95 7.49 -8.73 5.21
N ILE A 96 8.26 -8.25 6.18
CA ILE A 96 7.85 -7.08 6.94
C ILE A 96 8.86 -5.95 6.70
N PRO A 97 8.30 -4.72 6.53
CA PRO A 97 9.13 -3.55 6.29
C PRO A 97 9.83 -3.11 7.58
N SER A 98 10.94 -2.40 7.41
CA SER A 98 11.71 -1.90 8.53
C SER A 98 10.88 -0.87 9.31
N ALA A 99 9.82 -0.39 8.67
CA ALA A 99 8.95 0.58 9.29
C ALA A 99 8.38 0.00 10.59
N PHE A 100 8.23 -1.32 10.59
CA PHE A 100 7.69 -2.01 11.75
C PHE A 100 8.82 -2.61 12.60
N LEU A 101 9.81 -3.14 11.90
CA LEU A 101 10.95 -3.75 12.57
C LEU A 101 11.55 -2.75 13.56
N GLU A 102 12.12 -1.69 13.01
CA GLU A 102 12.72 -0.66 13.84
C GLU A 102 11.75 -0.21 14.93
N LEU A 103 10.56 0.16 14.50
CA LEU A 103 9.53 0.62 15.43
C LEU A 103 9.55 -0.27 16.67
N LYS A 104 9.38 -1.56 16.45
CA LYS A 104 9.38 -2.52 17.54
C LYS A 104 8.10 -2.34 18.36
N LYS A 105 8.03 -1.21 19.05
CA LYS A 105 6.88 -0.91 19.88
C LYS A 105 5.61 -1.10 19.05
N GLU A 106 4.62 -1.75 19.67
CA GLU A 106 3.35 -1.99 19.00
C GLU A 106 2.19 -1.81 19.99
N GLU A 107 1.74 -0.56 20.08
CA GLU A 107 0.64 -0.23 20.97
C GLU A 107 -0.66 -0.91 20.50
N ILE A 108 -1.39 -1.46 21.46
CA ILE A 108 -2.63 -2.13 21.15
C ILE A 108 -3.79 -1.41 21.85
N LYS A 109 -4.58 -0.70 21.06
CA LYS A 109 -5.70 0.04 21.59
C LYS A 109 -6.58 -0.90 22.41
N GLN A 110 -7.24 -0.33 23.40
CA GLN A 110 -8.11 -1.11 24.26
C GLN A 110 -9.55 -1.08 23.72
N ARG A 111 -10.29 -2.13 24.06
CA ARG A 111 -11.67 -2.24 23.62
C ARG A 111 -12.44 -0.96 23.96
N SER A 1 -10.58 0.97 -16.22
CA SER A 1 -10.07 1.83 -15.15
C SER A 1 -11.11 2.87 -14.78
N HIS A 2 -11.61 2.76 -13.56
CA HIS A 2 -12.60 3.69 -13.07
C HIS A 2 -12.24 5.11 -13.48
N MET A 3 -11.04 5.52 -13.11
CA MET A 3 -10.57 6.86 -13.43
C MET A 3 -9.06 6.84 -13.71
N GLN A 4 -8.72 7.15 -14.94
CA GLN A 4 -7.32 7.17 -15.35
C GLN A 4 -6.68 8.50 -14.94
N LEU A 5 -5.38 8.43 -14.69
CA LEU A 5 -4.63 9.62 -14.27
C LEU A 5 -3.13 9.33 -14.38
N LYS A 6 -2.36 10.24 -13.81
CA LYS A 6 -0.91 10.09 -13.83
C LYS A 6 -0.43 9.62 -12.45
N PHE A 7 0.62 8.81 -12.47
CA PHE A 7 1.18 8.27 -11.25
C PHE A 7 2.67 8.64 -11.11
N ALA A 8 3.30 8.03 -10.12
CA ALA A 8 4.71 8.28 -9.88
C ALA A 8 5.54 7.31 -10.73
N GLU A 9 6.84 7.31 -10.46
CA GLU A 9 7.75 6.44 -11.18
C GLU A 9 8.22 5.29 -10.28
N CYS A 10 8.35 5.60 -9.00
CA CYS A 10 8.78 4.62 -8.03
C CYS A 10 7.82 3.44 -8.09
N LEU A 11 6.64 3.70 -8.64
CA LEU A 11 5.63 2.67 -8.75
C LEU A 11 6.10 1.60 -9.74
N GLU A 12 7.18 1.91 -10.42
CA GLU A 12 7.75 0.99 -11.40
C GLU A 12 8.86 0.15 -10.75
N LYS A 13 8.81 0.08 -9.42
CA LYS A 13 9.80 -0.68 -8.68
C LYS A 13 9.30 -2.12 -8.50
N LYS A 14 8.07 -2.33 -8.91
CA LYS A 14 7.46 -3.65 -8.81
C LYS A 14 7.58 -4.15 -7.36
N VAL A 15 6.92 -5.27 -7.10
CA VAL A 15 6.95 -5.87 -5.78
C VAL A 15 6.77 -7.38 -5.89
N ASP A 16 6.31 -7.97 -4.79
CA ASP A 16 6.09 -9.41 -4.75
C ASP A 16 5.47 -9.78 -3.42
N MET A 17 4.15 -9.86 -3.42
CA MET A 17 3.41 -10.21 -2.21
C MET A 17 3.81 -11.60 -1.72
N SER A 18 4.25 -12.42 -2.67
CA SER A 18 4.65 -13.78 -2.35
C SER A 18 5.98 -13.77 -1.60
N LYS A 19 6.57 -12.58 -1.51
CA LYS A 19 7.84 -12.42 -0.82
C LYS A 19 7.65 -11.50 0.38
N VAL A 20 6.83 -10.48 0.18
CA VAL A 20 6.55 -9.52 1.23
C VAL A 20 5.12 -9.72 1.74
N ASN A 21 4.92 -9.38 3.00
CA ASN A 21 3.61 -9.51 3.61
C ASN A 21 2.82 -8.22 3.39
N LEU A 22 1.64 -8.39 2.82
CA LEU A 22 0.77 -7.24 2.55
C LEU A 22 -0.14 -7.01 3.75
N GLU A 23 -0.38 -8.07 4.51
CA GLU A 23 -1.21 -7.99 5.69
C GLU A 23 -0.66 -6.96 6.67
N VAL A 24 0.67 -6.93 6.76
CA VAL A 24 1.35 -6.01 7.65
C VAL A 24 1.18 -4.59 7.12
N ILE A 25 0.61 -4.49 5.93
CA ILE A 25 0.39 -3.20 5.30
C ILE A 25 -1.10 -2.91 5.24
N LYS A 26 -1.88 -3.91 5.62
CA LYS A 26 -3.33 -3.78 5.60
C LYS A 26 -3.73 -2.60 6.49
N PRO A 27 -3.15 -2.58 7.72
CA PRO A 27 -3.44 -1.52 8.67
C PRO A 27 -2.73 -0.21 8.28
N TRP A 28 -1.61 -0.39 7.58
CA TRP A 28 -0.84 0.76 7.14
C TRP A 28 -1.60 1.43 5.98
N ILE A 29 -2.11 0.60 5.09
CA ILE A 29 -2.85 1.09 3.94
C ILE A 29 -4.22 1.60 4.41
N THR A 30 -4.91 0.74 5.14
CA THR A 30 -6.23 1.08 5.65
C THR A 30 -6.16 2.35 6.50
N LYS A 31 -5.10 2.45 7.29
CA LYS A 31 -4.90 3.60 8.15
C LYS A 31 -4.51 4.81 7.29
N ARG A 32 -3.68 4.53 6.29
CA ARG A 32 -3.22 5.59 5.39
C ARG A 32 -4.41 6.19 4.63
N VAL A 33 -5.21 5.30 4.05
CA VAL A 33 -6.38 5.74 3.30
C VAL A 33 -7.33 6.48 4.22
N THR A 34 -7.54 5.91 5.40
CA THR A 34 -8.43 6.51 6.38
C THR A 34 -7.91 7.90 6.78
N GLU A 35 -6.60 7.98 6.96
CA GLU A 35 -5.98 9.24 7.33
C GLU A 35 -5.97 10.20 6.14
N ILE A 36 -5.91 9.63 4.96
CA ILE A 36 -5.88 10.42 3.74
C ILE A 36 -7.11 11.33 3.70
N LEU A 37 -8.26 10.72 3.97
CA LEU A 37 -9.51 11.46 3.98
C LEU A 37 -9.90 11.79 5.43
N GLY A 38 -9.82 10.78 6.27
CA GLY A 38 -10.16 10.94 7.67
C GLY A 38 -11.17 9.88 8.12
N PHE A 39 -11.68 9.15 7.14
CA PHE A 39 -12.65 8.10 7.42
C PHE A 39 -12.24 6.78 6.76
N GLU A 40 -12.68 5.69 7.37
CA GLU A 40 -12.37 4.37 6.85
C GLU A 40 -13.11 4.13 5.54
N ASP A 41 -12.35 4.09 4.45
CA ASP A 41 -12.92 3.86 3.14
C ASP A 41 -13.37 2.40 3.02
N ASP A 42 -13.37 1.91 1.78
CA ASP A 42 -13.77 0.55 1.53
C ASP A 42 -13.44 0.18 0.07
N VAL A 43 -13.77 1.11 -0.82
CA VAL A 43 -13.52 0.92 -2.23
C VAL A 43 -12.02 1.03 -2.50
N VAL A 44 -11.40 2.00 -1.83
CA VAL A 44 -9.98 2.23 -1.98
C VAL A 44 -9.21 1.09 -1.32
N ILE A 45 -9.67 0.71 -0.14
CA ILE A 45 -9.03 -0.36 0.61
C ILE A 45 -9.11 -1.66 -0.20
N GLU A 46 -10.32 -1.95 -0.66
CA GLU A 46 -10.53 -3.15 -1.46
C GLU A 46 -9.59 -3.19 -2.66
N PHE A 47 -9.44 -2.02 -3.28
CA PHE A 47 -8.56 -1.91 -4.43
C PHE A 47 -7.14 -2.34 -4.09
N ILE A 48 -6.66 -1.83 -2.97
CA ILE A 48 -5.31 -2.15 -2.52
C ILE A 48 -5.28 -3.60 -2.01
N PHE A 49 -6.32 -3.95 -1.26
CA PHE A 49 -6.41 -5.28 -0.71
C PHE A 49 -6.54 -6.33 -1.82
N ASN A 50 -7.45 -6.05 -2.73
CA ASN A 50 -7.68 -6.96 -3.85
C ASN A 50 -6.43 -7.02 -4.72
N GLN A 51 -5.79 -5.87 -4.87
CA GLN A 51 -4.58 -5.77 -5.67
C GLN A 51 -3.40 -6.40 -4.92
N LEU A 52 -3.39 -6.19 -3.62
CA LEU A 52 -2.33 -6.72 -2.77
C LEU A 52 -2.61 -8.20 -2.49
N GLU A 53 -3.76 -8.66 -2.97
CA GLU A 53 -4.15 -10.04 -2.78
C GLU A 53 -3.49 -10.94 -3.82
N VAL A 54 -2.81 -10.29 -4.77
CA VAL A 54 -2.13 -11.02 -5.82
C VAL A 54 -0.64 -11.14 -5.48
N LYS A 55 0.12 -11.65 -6.44
CA LYS A 55 1.55 -11.81 -6.25
C LYS A 55 2.29 -10.67 -6.96
N ASN A 56 1.58 -10.04 -7.89
CA ASN A 56 2.15 -8.94 -8.64
C ASN A 56 1.09 -7.86 -8.85
N PRO A 57 1.01 -6.93 -7.87
CA PRO A 57 0.04 -5.85 -7.94
C PRO A 57 0.47 -4.79 -8.94
N ASP A 58 -0.52 -4.08 -9.47
CA ASP A 58 -0.25 -3.04 -10.45
C ASP A 58 -0.39 -1.66 -9.77
N SER A 59 0.71 -1.22 -9.17
CA SER A 59 0.73 0.06 -8.50
C SER A 59 0.04 1.12 -9.36
N LYS A 60 0.05 0.88 -10.66
CA LYS A 60 -0.57 1.79 -11.59
C LYS A 60 -2.07 1.87 -11.31
N MET A 61 -2.69 0.71 -11.18
CA MET A 61 -4.11 0.63 -10.89
C MET A 61 -4.41 1.11 -9.47
N MET A 62 -3.48 0.82 -8.58
CA MET A 62 -3.64 1.22 -7.19
C MET A 62 -3.73 2.74 -7.06
N GLN A 63 -2.74 3.41 -7.62
CA GLN A 63 -2.70 4.87 -7.58
C GLN A 63 -3.84 5.45 -8.42
N ILE A 64 -4.14 4.76 -9.50
CA ILE A 64 -5.19 5.21 -10.41
C ILE A 64 -6.54 5.12 -9.68
N ASN A 65 -6.71 4.04 -8.93
CA ASN A 65 -7.94 3.83 -8.19
C ASN A 65 -7.96 4.76 -6.98
N LEU A 66 -6.80 4.89 -6.35
CA LEU A 66 -6.68 5.74 -5.17
C LEU A 66 -7.08 7.17 -5.55
N THR A 67 -6.59 7.61 -6.69
CA THR A 67 -6.88 8.95 -7.17
C THR A 67 -8.40 9.15 -7.30
N GLY A 68 -9.10 8.03 -7.43
CA GLY A 68 -10.55 8.07 -7.56
C GLY A 68 -11.20 8.51 -6.25
N PHE A 69 -10.47 8.30 -5.16
CA PHE A 69 -10.97 8.68 -3.85
C PHE A 69 -10.11 9.78 -3.22
N LEU A 70 -8.80 9.61 -3.35
CA LEU A 70 -7.86 10.57 -2.81
C LEU A 70 -8.05 11.91 -3.53
N ASN A 71 -7.08 12.79 -3.30
CA ASN A 71 -7.12 14.11 -3.92
C ASN A 71 -6.32 14.08 -5.22
N GLY A 72 -5.49 13.05 -5.35
CA GLY A 72 -4.67 12.90 -6.53
C GLY A 72 -3.18 12.86 -6.16
N LYS A 73 -2.76 13.87 -5.42
CA LYS A 73 -1.38 13.96 -5.00
C LYS A 73 -1.13 12.98 -3.85
N ASN A 74 -2.18 12.77 -3.07
CA ASN A 74 -2.10 11.86 -1.93
C ASN A 74 -1.89 10.44 -2.44
N ALA A 75 -2.47 10.18 -3.62
CA ALA A 75 -2.36 8.86 -4.22
C ALA A 75 -0.89 8.58 -4.59
N ARG A 76 -0.24 9.62 -5.05
CA ARG A 76 1.16 9.52 -5.45
C ARG A 76 2.05 9.35 -4.21
N GLU A 77 1.70 10.11 -3.17
CA GLU A 77 2.46 10.06 -1.92
C GLU A 77 2.15 8.75 -1.18
N PHE A 78 0.91 8.33 -1.26
CA PHE A 78 0.48 7.10 -0.61
C PHE A 78 1.19 5.89 -1.21
N MET A 79 1.16 5.83 -2.53
CA MET A 79 1.79 4.71 -3.23
C MET A 79 3.32 4.78 -3.08
N GLY A 80 3.83 5.99 -3.00
CA GLY A 80 5.26 6.20 -2.86
C GLY A 80 5.70 5.97 -1.41
N GLU A 81 4.80 5.39 -0.63
CA GLU A 81 5.08 5.12 0.77
C GLU A 81 4.79 3.66 1.10
N LEU A 82 3.83 3.10 0.37
CA LEU A 82 3.43 1.72 0.57
C LEU A 82 4.15 0.83 -0.45
N TRP A 83 4.32 1.38 -1.64
CA TRP A 83 4.98 0.66 -2.72
C TRP A 83 6.41 0.36 -2.27
N PRO A 84 7.04 1.39 -1.64
CA PRO A 84 8.41 1.25 -1.17
C PRO A 84 8.45 0.42 0.12
N LEU A 85 7.35 0.46 0.86
CA LEU A 85 7.26 -0.28 2.09
C LEU A 85 7.48 -1.77 1.81
N LEU A 86 6.87 -2.24 0.74
CA LEU A 86 6.99 -3.63 0.35
C LEU A 86 8.39 -3.88 -0.21
N LEU A 87 8.93 -2.85 -0.85
CA LEU A 87 10.25 -2.95 -1.42
C LEU A 87 11.25 -3.40 -0.35
N SER A 88 11.14 -2.77 0.82
CA SER A 88 12.01 -3.10 1.93
C SER A 88 11.55 -4.39 2.60
N ALA A 89 10.24 -4.58 2.58
CA ALA A 89 9.65 -5.78 3.17
C ALA A 89 10.10 -7.02 2.39
N GLN A 90 10.00 -6.90 1.07
CA GLN A 90 10.40 -7.99 0.20
C GLN A 90 11.87 -8.32 0.38
N GLU A 91 12.59 -7.37 0.98
CA GLU A 91 14.01 -7.55 1.22
C GLU A 91 14.24 -8.24 2.57
N ASN A 92 13.16 -8.34 3.34
CA ASN A 92 13.23 -8.98 4.65
C ASN A 92 13.00 -10.48 4.49
N ILE A 93 12.69 -11.12 5.61
CA ILE A 93 12.44 -12.56 5.61
C ILE A 93 10.96 -12.81 5.91
N ALA A 94 10.44 -12.04 6.85
CA ALA A 94 9.05 -12.17 7.24
C ALA A 94 8.19 -11.25 6.37
N GLY A 95 8.82 -10.70 5.35
CA GLY A 95 8.13 -9.81 4.43
C GLY A 95 7.55 -8.61 5.17
N ILE A 96 8.33 -8.09 6.11
CA ILE A 96 7.91 -6.95 6.90
C ILE A 96 8.90 -5.79 6.68
N PRO A 97 8.32 -4.57 6.53
CA PRO A 97 9.14 -3.38 6.31
C PRO A 97 9.82 -2.95 7.62
N SER A 98 10.99 -2.35 7.46
CA SER A 98 11.76 -1.88 8.60
C SER A 98 10.94 -0.85 9.38
N ALA A 99 9.92 -0.32 8.72
CA ALA A 99 9.06 0.68 9.33
C ALA A 99 8.41 0.09 10.58
N PHE A 100 8.24 -1.22 10.55
CA PHE A 100 7.63 -1.93 11.68
C PHE A 100 8.70 -2.58 12.56
N LEU A 101 9.72 -3.11 11.90
CA LEU A 101 10.81 -3.76 12.61
C LEU A 101 11.36 -2.82 13.67
N GLU A 102 12.01 -1.76 13.21
CA GLU A 102 12.59 -0.78 14.10
C GLU A 102 11.61 -0.46 15.23
N LEU A 103 10.38 -0.14 14.84
CA LEU A 103 9.34 0.19 15.80
C LEU A 103 9.26 -0.92 16.85
N LYS A 104 8.59 -1.99 16.47
CA LYS A 104 8.42 -3.13 17.37
C LYS A 104 9.77 -3.48 18.00
N LYS A 105 9.75 -3.59 19.32
CA LYS A 105 10.96 -3.90 20.07
C LYS A 105 11.35 -5.37 19.79
N GLU A 106 11.59 -5.66 18.53
CA GLU A 106 11.97 -7.00 18.14
C GLU A 106 13.46 -7.25 18.41
N GLU A 107 13.84 -7.00 19.65
CA GLU A 107 15.22 -7.19 20.06
C GLU A 107 16.13 -6.25 19.28
N ILE A 108 16.97 -5.54 20.02
CA ILE A 108 17.90 -4.60 19.40
C ILE A 108 19.22 -5.31 19.11
N LYS A 109 19.66 -5.17 17.87
CA LYS A 109 20.91 -5.80 17.45
C LYS A 109 21.11 -5.57 15.95
N GLN A 110 20.87 -4.34 15.53
CA GLN A 110 21.02 -3.98 14.13
C GLN A 110 21.03 -2.46 13.98
N ARG A 111 21.60 -2.01 12.86
CA ARG A 111 21.69 -0.59 12.58
C ARG A 111 22.10 0.17 13.84
N SER A 1 -11.37 1.23 -14.89
CA SER A 1 -10.82 2.52 -15.23
C SER A 1 -11.72 3.63 -14.71
N HIS A 2 -11.99 3.58 -13.41
CA HIS A 2 -12.84 4.57 -12.77
C HIS A 2 -12.27 5.97 -13.02
N MET A 3 -10.94 6.03 -13.09
CA MET A 3 -10.26 7.29 -13.31
C MET A 3 -8.78 7.06 -13.62
N GLN A 4 -8.43 7.28 -14.88
CA GLN A 4 -7.05 7.11 -15.30
C GLN A 4 -6.23 8.38 -15.02
N LEU A 5 -4.94 8.18 -14.87
CA LEU A 5 -4.04 9.30 -14.59
C LEU A 5 -2.59 8.83 -14.75
N LYS A 6 -1.68 9.72 -14.39
CA LYS A 6 -0.26 9.41 -14.48
C LYS A 6 0.22 8.82 -13.15
N PHE A 7 1.25 8.00 -13.27
CA PHE A 7 1.82 7.35 -12.08
C PHE A 7 3.21 7.90 -11.77
N ALA A 8 3.66 7.65 -10.55
CA ALA A 8 4.96 8.11 -10.12
C ALA A 8 6.04 7.25 -10.78
N GLU A 9 7.26 7.44 -10.32
CA GLU A 9 8.39 6.69 -10.85
C GLU A 9 8.74 5.53 -9.93
N CYS A 10 8.48 5.73 -8.65
CA CYS A 10 8.77 4.71 -7.65
C CYS A 10 7.88 3.51 -7.93
N LEU A 11 6.74 3.79 -8.55
CA LEU A 11 5.78 2.74 -8.87
C LEU A 11 6.43 1.75 -9.85
N GLU A 12 7.55 2.18 -10.40
CA GLU A 12 8.28 1.34 -11.35
C GLU A 12 9.36 0.53 -10.63
N LYS A 13 9.09 0.28 -9.35
CA LYS A 13 10.02 -0.50 -8.53
C LYS A 13 9.51 -1.93 -8.41
N LYS A 14 8.28 -2.13 -8.85
CA LYS A 14 7.66 -3.44 -8.78
C LYS A 14 7.73 -3.97 -7.35
N VAL A 15 7.11 -5.11 -7.14
CA VAL A 15 7.10 -5.73 -5.82
C VAL A 15 6.93 -7.25 -5.98
N ASP A 16 6.45 -7.87 -4.91
CA ASP A 16 6.23 -9.31 -4.91
C ASP A 16 5.59 -9.73 -3.59
N MET A 17 4.27 -9.78 -3.59
CA MET A 17 3.53 -10.16 -2.40
C MET A 17 3.91 -11.57 -1.95
N SER A 18 4.37 -12.36 -2.92
CA SER A 18 4.77 -13.73 -2.63
C SER A 18 6.08 -13.75 -1.84
N LYS A 19 6.66 -12.56 -1.71
CA LYS A 19 7.91 -12.42 -0.98
C LYS A 19 7.69 -11.53 0.24
N VAL A 20 6.87 -10.51 0.04
CA VAL A 20 6.57 -9.57 1.11
C VAL A 20 5.12 -9.77 1.56
N ASN A 21 4.89 -9.47 2.84
CA ASN A 21 3.56 -9.61 3.40
C ASN A 21 2.79 -8.30 3.23
N LEU A 22 1.59 -8.42 2.68
CA LEU A 22 0.76 -7.25 2.45
C LEU A 22 -0.17 -7.06 3.65
N GLU A 23 -0.36 -8.15 4.39
CA GLU A 23 -1.21 -8.10 5.56
C GLU A 23 -0.68 -7.08 6.57
N VAL A 24 0.63 -7.05 6.70
CA VAL A 24 1.27 -6.13 7.62
C VAL A 24 1.11 -4.71 7.10
N ILE A 25 0.58 -4.60 5.90
CA ILE A 25 0.36 -3.30 5.28
C ILE A 25 -1.13 -3.03 5.18
N LYS A 26 -1.91 -3.93 5.77
CA LYS A 26 -3.36 -3.80 5.74
C LYS A 26 -3.78 -2.63 6.65
N PRO A 27 -3.17 -2.60 7.87
CA PRO A 27 -3.47 -1.54 8.82
C PRO A 27 -2.79 -0.23 8.41
N TRP A 28 -1.68 -0.37 7.72
CA TRP A 28 -0.94 0.80 7.26
C TRP A 28 -1.73 1.46 6.13
N ILE A 29 -2.16 0.63 5.19
CA ILE A 29 -2.93 1.11 4.06
C ILE A 29 -4.23 1.72 4.56
N THR A 30 -4.93 0.95 5.39
CA THR A 30 -6.20 1.40 5.94
C THR A 30 -6.00 2.67 6.77
N LYS A 31 -4.89 2.70 7.48
CA LYS A 31 -4.57 3.85 8.31
C LYS A 31 -4.18 5.03 7.42
N ARG A 32 -3.49 4.71 6.33
CA ARG A 32 -3.05 5.73 5.39
C ARG A 32 -4.24 6.28 4.61
N VAL A 33 -5.05 5.36 4.08
CA VAL A 33 -6.21 5.75 3.31
C VAL A 33 -7.20 6.48 4.22
N THR A 34 -7.36 5.93 5.42
CA THR A 34 -8.26 6.51 6.40
C THR A 34 -7.77 7.90 6.82
N GLU A 35 -6.46 7.99 7.00
CA GLU A 35 -5.85 9.25 7.40
C GLU A 35 -5.84 10.24 6.23
N ILE A 36 -5.77 9.68 5.03
CA ILE A 36 -5.75 10.50 3.83
C ILE A 36 -7.00 11.39 3.80
N LEU A 37 -8.14 10.76 4.06
CA LEU A 37 -9.40 11.47 4.07
C LEU A 37 -9.79 11.81 5.52
N GLY A 38 -9.68 10.80 6.37
CA GLY A 38 -10.02 10.95 7.77
C GLY A 38 -11.02 9.90 8.23
N PHE A 39 -11.55 9.18 7.24
CA PHE A 39 -12.52 8.13 7.53
C PHE A 39 -12.12 6.81 6.87
N GLU A 40 -12.58 5.72 7.45
CA GLU A 40 -12.28 4.40 6.93
C GLU A 40 -13.04 4.15 5.63
N ASP A 41 -12.30 4.09 4.55
CA ASP A 41 -12.90 3.86 3.24
C ASP A 41 -13.31 2.39 3.12
N ASP A 42 -13.31 1.89 1.90
CA ASP A 42 -13.68 0.52 1.64
C ASP A 42 -13.32 0.15 0.19
N VAL A 43 -13.79 0.99 -0.72
CA VAL A 43 -13.52 0.76 -2.13
C VAL A 43 -12.02 0.90 -2.40
N VAL A 44 -11.44 1.94 -1.80
CA VAL A 44 -10.02 2.18 -1.96
C VAL A 44 -9.23 1.11 -1.22
N ILE A 45 -9.72 0.78 -0.02
CA ILE A 45 -9.07 -0.23 0.80
C ILE A 45 -9.10 -1.57 0.07
N GLU A 46 -10.26 -1.89 -0.47
CA GLU A 46 -10.44 -3.14 -1.20
C GLU A 46 -9.53 -3.18 -2.42
N PHE A 47 -9.44 -2.03 -3.08
CA PHE A 47 -8.61 -1.91 -4.27
C PHE A 47 -7.16 -2.29 -3.97
N ILE A 48 -6.66 -1.76 -2.85
CA ILE A 48 -5.30 -2.03 -2.45
C ILE A 48 -5.19 -3.48 -1.97
N PHE A 49 -6.16 -3.87 -1.15
CA PHE A 49 -6.19 -5.22 -0.61
C PHE A 49 -6.34 -6.25 -1.74
N ASN A 50 -7.30 -5.99 -2.61
CA ASN A 50 -7.56 -6.89 -3.72
C ASN A 50 -6.33 -6.93 -4.63
N GLN A 51 -5.71 -5.77 -4.79
CA GLN A 51 -4.53 -5.67 -5.62
C GLN A 51 -3.33 -6.30 -4.92
N LEU A 52 -3.27 -6.09 -3.62
CA LEU A 52 -2.18 -6.63 -2.82
C LEU A 52 -2.45 -8.11 -2.53
N GLU A 53 -3.60 -8.57 -3.00
CA GLU A 53 -3.99 -9.96 -2.82
C GLU A 53 -3.36 -10.84 -3.89
N VAL A 54 -2.70 -10.19 -4.84
CA VAL A 54 -2.04 -10.89 -5.93
C VAL A 54 -0.55 -10.99 -5.65
N LYS A 55 0.16 -11.51 -6.63
CA LYS A 55 1.61 -11.67 -6.51
C LYS A 55 2.31 -10.54 -7.27
N ASN A 56 1.55 -9.93 -8.17
CA ASN A 56 2.08 -8.83 -8.97
C ASN A 56 1.03 -7.72 -9.08
N PRO A 57 1.02 -6.85 -8.04
CA PRO A 57 0.07 -5.75 -8.02
C PRO A 57 0.49 -4.65 -8.98
N ASP A 58 -0.51 -3.91 -9.47
CA ASP A 58 -0.27 -2.83 -10.40
C ASP A 58 -0.39 -1.49 -9.67
N SER A 59 0.75 -1.03 -9.16
CA SER A 59 0.78 0.23 -8.43
C SER A 59 0.03 1.31 -9.22
N LYS A 60 -0.06 1.08 -10.52
CA LYS A 60 -0.73 2.03 -11.40
C LYS A 60 -2.24 2.02 -11.10
N MET A 61 -2.78 0.81 -11.04
CA MET A 61 -4.20 0.65 -10.75
C MET A 61 -4.51 1.00 -9.30
N MET A 62 -3.53 0.76 -8.44
CA MET A 62 -3.68 1.05 -7.02
C MET A 62 -3.89 2.54 -6.78
N GLN A 63 -2.96 3.33 -7.32
CA GLN A 63 -3.03 4.77 -7.17
C GLN A 63 -4.17 5.34 -8.02
N ILE A 64 -4.42 4.68 -9.14
CA ILE A 64 -5.47 5.10 -10.04
C ILE A 64 -6.83 5.00 -9.32
N ASN A 65 -6.97 3.93 -8.57
CA ASN A 65 -8.20 3.70 -7.83
C ASN A 65 -8.26 4.66 -6.64
N LEU A 66 -7.09 4.93 -6.08
CA LEU A 66 -7.00 5.83 -4.93
C LEU A 66 -7.40 7.24 -5.37
N THR A 67 -6.90 7.62 -6.55
CA THR A 67 -7.19 8.94 -7.08
C THR A 67 -8.72 9.14 -7.20
N GLY A 68 -9.42 8.02 -7.29
CA GLY A 68 -10.86 8.06 -7.41
C GLY A 68 -11.52 8.50 -6.09
N PHE A 69 -10.72 8.44 -5.03
CA PHE A 69 -11.19 8.83 -3.72
C PHE A 69 -10.34 9.95 -3.13
N LEU A 70 -9.04 9.74 -3.19
CA LEU A 70 -8.10 10.73 -2.66
C LEU A 70 -8.25 12.03 -3.44
N ASN A 71 -7.26 12.91 -3.27
CA ASN A 71 -7.28 14.18 -3.95
C ASN A 71 -6.48 14.07 -5.26
N GLY A 72 -5.82 12.94 -5.41
CA GLY A 72 -5.03 12.69 -6.60
C GLY A 72 -3.53 12.74 -6.28
N LYS A 73 -3.14 13.77 -5.54
CA LYS A 73 -1.75 13.95 -5.17
C LYS A 73 -1.42 12.98 -4.04
N ASN A 74 -2.41 12.73 -3.20
CA ASN A 74 -2.23 11.83 -2.07
C ASN A 74 -2.10 10.39 -2.59
N ALA A 75 -2.79 10.13 -3.70
CA ALA A 75 -2.77 8.81 -4.30
C ALA A 75 -1.35 8.51 -4.79
N ARG A 76 -0.77 9.48 -5.46
CA ARG A 76 0.58 9.33 -5.99
C ARG A 76 1.59 9.24 -4.85
N GLU A 77 1.38 10.08 -3.85
CA GLU A 77 2.26 10.10 -2.70
C GLU A 77 2.04 8.86 -1.83
N PHE A 78 0.78 8.45 -1.77
CA PHE A 78 0.42 7.28 -0.98
C PHE A 78 1.17 6.03 -1.46
N MET A 79 1.19 5.88 -2.78
CA MET A 79 1.86 4.74 -3.39
C MET A 79 3.37 4.79 -3.11
N GLY A 80 3.89 6.00 -3.05
CA GLY A 80 5.31 6.21 -2.81
C GLY A 80 5.63 6.02 -1.32
N GLU A 81 4.69 5.43 -0.62
CA GLU A 81 4.87 5.18 0.81
C GLU A 81 4.61 3.72 1.13
N LEU A 82 3.67 3.13 0.40
CA LEU A 82 3.32 1.73 0.60
C LEU A 82 4.08 0.87 -0.42
N TRP A 83 4.26 1.44 -1.61
CA TRP A 83 4.96 0.74 -2.67
C TRP A 83 6.38 0.44 -2.19
N PRO A 84 6.99 1.46 -1.54
CA PRO A 84 8.34 1.33 -1.02
C PRO A 84 8.36 0.46 0.23
N LEU A 85 7.25 0.49 0.95
CA LEU A 85 7.13 -0.29 2.18
C LEU A 85 7.36 -1.77 1.86
N LEU A 86 6.79 -2.20 0.75
CA LEU A 86 6.93 -3.58 0.32
C LEU A 86 8.36 -3.83 -0.17
N LEU A 87 8.92 -2.79 -0.78
CA LEU A 87 10.28 -2.86 -1.30
C LEU A 87 11.22 -3.32 -0.19
N SER A 88 11.01 -2.76 0.99
CA SER A 88 11.83 -3.09 2.14
C SER A 88 11.39 -4.44 2.73
N ALA A 89 10.07 -4.63 2.76
CA ALA A 89 9.51 -5.86 3.29
C ALA A 89 10.01 -7.05 2.45
N GLN A 90 9.93 -6.87 1.14
CA GLN A 90 10.37 -7.91 0.23
C GLN A 90 11.85 -8.23 0.44
N GLU A 91 12.52 -7.30 1.11
CA GLU A 91 13.94 -7.46 1.38
C GLU A 91 14.14 -8.22 2.69
N ASN A 92 13.05 -8.38 3.43
CA ASN A 92 13.09 -9.08 4.70
C ASN A 92 12.89 -10.57 4.45
N ILE A 93 12.54 -11.27 5.53
CA ILE A 93 12.32 -12.71 5.44
C ILE A 93 10.83 -13.01 5.66
N ALA A 94 10.27 -12.34 6.65
CA ALA A 94 8.86 -12.53 6.97
C ALA A 94 8.02 -11.59 6.11
N GLY A 95 8.71 -10.85 5.25
CA GLY A 95 8.04 -9.91 4.37
C GLY A 95 7.49 -8.72 5.14
N ILE A 96 8.27 -8.30 6.14
CA ILE A 96 7.88 -7.17 6.97
C ILE A 96 8.90 -6.05 6.78
N PRO A 97 8.35 -4.81 6.56
CA PRO A 97 9.19 -3.65 6.38
C PRO A 97 9.81 -3.19 7.71
N SER A 98 11.00 -2.61 7.60
CA SER A 98 11.69 -2.12 8.79
C SER A 98 10.85 -1.05 9.48
N ALA A 99 9.86 -0.56 8.76
CA ALA A 99 8.98 0.46 9.30
C ALA A 99 8.34 -0.04 10.59
N PHE A 100 8.20 -1.36 10.67
CA PHE A 100 7.61 -1.98 11.83
C PHE A 100 8.67 -2.68 12.68
N LEU A 101 9.58 -3.35 12.00
CA LEU A 101 10.65 -4.05 12.68
C LEU A 101 11.22 -3.17 13.79
N GLU A 102 11.83 -2.07 13.38
CA GLU A 102 12.41 -1.14 14.31
C GLU A 102 11.32 -0.49 15.17
N LEU A 103 10.55 0.39 14.54
CA LEU A 103 9.48 1.07 15.23
C LEU A 103 8.46 0.05 15.73
N LYS A 104 8.42 -0.08 17.06
CA LYS A 104 7.50 -1.03 17.68
C LYS A 104 6.08 -0.77 17.15
N LYS A 105 5.55 -1.77 16.45
CA LYS A 105 4.21 -1.67 15.89
C LYS A 105 3.21 -1.54 17.03
N GLU A 106 2.05 -0.99 16.69
CA GLU A 106 0.99 -0.79 17.67
C GLU A 106 0.54 -2.15 18.22
N GLU A 107 -0.33 -2.09 19.21
CA GLU A 107 -0.85 -3.30 19.83
C GLU A 107 -2.33 -3.48 19.48
N ILE A 108 -2.55 -4.01 18.28
CA ILE A 108 -3.89 -4.25 17.80
C ILE A 108 -4.69 -2.94 17.84
N LYS A 109 -5.81 -2.95 17.14
CA LYS A 109 -6.67 -1.77 17.11
C LYS A 109 -5.88 -0.60 16.51
N GLN A 110 -6.62 0.31 15.87
CA GLN A 110 -6.01 1.47 15.25
C GLN A 110 -6.97 2.66 15.31
N ARG A 111 -6.39 3.84 15.47
CA ARG A 111 -7.17 5.06 15.55
C ARG A 111 -7.89 5.30 14.22
N SER A 1 -9.49 1.53 -13.46
CA SER A 1 -10.40 1.39 -14.59
C SER A 1 -11.73 2.09 -14.27
N HIS A 2 -11.63 3.21 -13.59
CA HIS A 2 -12.81 3.97 -13.21
C HIS A 2 -12.58 5.45 -13.49
N MET A 3 -11.39 5.92 -13.13
CA MET A 3 -11.02 7.30 -13.34
C MET A 3 -9.85 7.43 -14.30
N GLN A 4 -8.79 6.68 -14.00
CA GLN A 4 -7.60 6.70 -14.83
C GLN A 4 -6.91 8.06 -14.73
N LEU A 5 -5.60 8.02 -14.56
CA LEU A 5 -4.81 9.23 -14.45
C LEU A 5 -3.32 8.88 -14.47
N LYS A 6 -2.50 9.87 -14.18
CA LYS A 6 -1.06 9.68 -14.16
C LYS A 6 -0.63 9.24 -12.76
N PHE A 7 0.47 8.50 -12.72
CA PHE A 7 0.99 8.01 -11.45
C PHE A 7 2.44 8.47 -11.25
N ALA A 8 3.07 7.86 -10.25
CA ALA A 8 4.45 8.20 -9.95
C ALA A 8 5.39 7.33 -10.79
N GLU A 9 6.66 7.32 -10.40
CA GLU A 9 7.66 6.54 -11.11
C GLU A 9 8.12 5.37 -10.25
N CYS A 10 8.37 5.67 -8.98
CA CYS A 10 8.82 4.65 -8.04
C CYS A 10 7.84 3.48 -8.10
N LEU A 11 6.63 3.77 -8.56
CA LEU A 11 5.60 2.77 -8.67
C LEU A 11 6.06 1.67 -9.63
N GLU A 12 7.10 1.99 -10.40
CA GLU A 12 7.65 1.04 -11.35
C GLU A 12 8.74 0.20 -10.69
N LYS A 13 8.80 0.28 -9.37
CA LYS A 13 9.77 -0.48 -8.61
C LYS A 13 9.30 -1.93 -8.46
N LYS A 14 8.06 -2.15 -8.87
CA LYS A 14 7.48 -3.48 -8.79
C LYS A 14 7.61 -4.00 -7.35
N VAL A 15 6.99 -5.15 -7.11
CA VAL A 15 7.02 -5.75 -5.79
C VAL A 15 6.87 -7.27 -5.93
N ASP A 16 6.36 -7.88 -4.87
CA ASP A 16 6.15 -9.32 -4.87
C ASP A 16 5.54 -9.74 -3.52
N MET A 17 4.22 -9.81 -3.51
CA MET A 17 3.50 -10.20 -2.31
C MET A 17 3.91 -11.60 -1.86
N SER A 18 4.35 -12.39 -2.82
CA SER A 18 4.77 -13.76 -2.54
C SER A 18 6.09 -13.75 -1.76
N LYS A 19 6.65 -12.56 -1.62
CA LYS A 19 7.90 -12.40 -0.90
C LYS A 19 7.68 -11.48 0.30
N VAL A 20 6.86 -10.47 0.09
CA VAL A 20 6.55 -9.51 1.15
C VAL A 20 5.11 -9.72 1.62
N ASN A 21 4.89 -9.40 2.88
CA ASN A 21 3.56 -9.54 3.46
C ASN A 21 2.78 -8.24 3.26
N LEU A 22 1.54 -8.39 2.80
CA LEU A 22 0.69 -7.25 2.56
C LEU A 22 -0.22 -7.03 3.78
N GLU A 23 -0.40 -8.10 4.53
CA GLU A 23 -1.24 -8.05 5.72
C GLU A 23 -0.68 -7.04 6.72
N VAL A 24 0.64 -7.02 6.82
CA VAL A 24 1.31 -6.11 7.73
C VAL A 24 1.16 -4.67 7.21
N ILE A 25 0.60 -4.57 6.02
CA ILE A 25 0.39 -3.27 5.40
C ILE A 25 -1.10 -2.96 5.34
N LYS A 26 -1.89 -3.95 5.77
CA LYS A 26 -3.33 -3.80 5.77
C LYS A 26 -3.73 -2.64 6.68
N PRO A 27 -3.10 -2.62 7.89
CA PRO A 27 -3.38 -1.58 8.86
C PRO A 27 -2.71 -0.26 8.45
N TRP A 28 -1.61 -0.39 7.73
CA TRP A 28 -0.88 0.77 7.27
C TRP A 28 -1.66 1.41 6.13
N ILE A 29 -2.06 0.57 5.18
CA ILE A 29 -2.83 1.03 4.03
C ILE A 29 -4.19 1.52 4.50
N THR A 30 -4.88 0.65 5.24
CA THR A 30 -6.20 0.98 5.75
C THR A 30 -6.15 2.27 6.59
N LYS A 31 -5.07 2.39 7.35
CA LYS A 31 -4.89 3.56 8.20
C LYS A 31 -4.48 4.75 7.33
N ARG A 32 -3.64 4.46 6.36
CA ARG A 32 -3.16 5.50 5.45
C ARG A 32 -4.32 6.05 4.62
N VAL A 33 -5.07 5.14 4.01
CA VAL A 33 -6.20 5.53 3.19
C VAL A 33 -7.21 6.28 4.06
N THR A 34 -7.40 5.79 5.27
CA THR A 34 -8.33 6.41 6.20
C THR A 34 -7.81 7.78 6.64
N GLU A 35 -6.50 7.85 6.84
CA GLU A 35 -5.87 9.08 7.27
C GLU A 35 -5.81 10.07 6.11
N ILE A 36 -5.72 9.52 4.90
CA ILE A 36 -5.66 10.33 3.70
C ILE A 36 -6.87 11.26 3.66
N LEU A 37 -8.04 10.68 3.90
CA LEU A 37 -9.27 11.43 3.88
C LEU A 37 -9.67 11.77 5.32
N GLY A 38 -9.59 10.77 6.18
CA GLY A 38 -9.94 10.94 7.58
C GLY A 38 -10.98 9.90 8.01
N PHE A 39 -11.51 9.20 7.03
CA PHE A 39 -12.52 8.18 7.30
C PHE A 39 -12.14 6.85 6.64
N GLU A 40 -12.63 5.78 7.22
CA GLU A 40 -12.35 4.45 6.71
C GLU A 40 -13.13 4.21 5.41
N ASP A 41 -12.40 4.17 4.31
CA ASP A 41 -13.00 3.96 3.00
C ASP A 41 -13.36 2.48 2.86
N ASP A 42 -13.36 2.02 1.61
CA ASP A 42 -13.68 0.63 1.32
C ASP A 42 -13.33 0.33 -0.13
N VAL A 43 -13.75 1.22 -1.01
CA VAL A 43 -13.48 1.06 -2.43
C VAL A 43 -11.98 1.15 -2.68
N VAL A 44 -11.35 2.11 -2.02
CA VAL A 44 -9.91 2.30 -2.15
C VAL A 44 -9.18 1.17 -1.45
N ILE A 45 -9.68 0.82 -0.26
CA ILE A 45 -9.08 -0.25 0.52
C ILE A 45 -9.16 -1.55 -0.27
N GLU A 46 -10.36 -1.84 -0.77
CA GLU A 46 -10.57 -3.05 -1.54
C GLU A 46 -9.60 -3.12 -2.72
N PHE A 47 -9.42 -1.97 -3.37
CA PHE A 47 -8.53 -1.89 -4.51
C PHE A 47 -7.12 -2.32 -4.12
N ILE A 48 -6.65 -1.80 -3.00
CA ILE A 48 -5.32 -2.12 -2.52
C ILE A 48 -5.31 -3.56 -1.99
N PHE A 49 -6.35 -3.89 -1.25
CA PHE A 49 -6.47 -5.23 -0.70
C PHE A 49 -6.59 -6.28 -1.80
N ASN A 50 -7.48 -6.01 -2.74
CA ASN A 50 -7.69 -6.91 -3.86
C ASN A 50 -6.43 -6.98 -4.71
N GLN A 51 -5.78 -5.83 -4.85
CA GLN A 51 -4.56 -5.75 -5.63
C GLN A 51 -3.40 -6.39 -4.87
N LEU A 52 -3.40 -6.17 -3.56
CA LEU A 52 -2.36 -6.72 -2.71
C LEU A 52 -2.65 -8.20 -2.44
N GLU A 53 -3.76 -8.65 -2.97
CA GLU A 53 -4.18 -10.04 -2.79
C GLU A 53 -3.52 -10.93 -3.85
N VAL A 54 -2.79 -10.28 -4.74
CA VAL A 54 -2.11 -11.00 -5.81
C VAL A 54 -0.62 -11.10 -5.47
N LYS A 55 0.14 -11.61 -6.44
CA LYS A 55 1.57 -11.76 -6.26
C LYS A 55 2.30 -10.61 -6.94
N ASN A 56 1.60 -9.98 -7.87
CA ASN A 56 2.16 -8.85 -8.60
C ASN A 56 1.09 -7.78 -8.80
N PRO A 57 1.00 -6.87 -7.80
CA PRO A 57 0.02 -5.79 -7.85
C PRO A 57 0.44 -4.71 -8.86
N ASP A 58 -0.56 -4.08 -9.45
CA ASP A 58 -0.31 -3.03 -10.43
C ASP A 58 -0.40 -1.67 -9.73
N SER A 59 0.73 -1.25 -9.18
CA SER A 59 0.79 0.03 -8.50
C SER A 59 0.06 1.11 -9.31
N LYS A 60 0.02 0.88 -10.62
CA LYS A 60 -0.63 1.80 -11.53
C LYS A 60 -2.13 1.87 -11.18
N MET A 61 -2.70 0.70 -10.97
CA MET A 61 -4.12 0.61 -10.64
C MET A 61 -4.39 1.16 -9.25
N MET A 62 -3.45 0.91 -8.35
CA MET A 62 -3.57 1.39 -6.98
C MET A 62 -3.67 2.91 -6.93
N GLN A 63 -2.69 3.55 -7.55
CA GLN A 63 -2.64 5.01 -7.58
C GLN A 63 -3.81 5.55 -8.40
N ILE A 64 -4.15 4.80 -9.44
CA ILE A 64 -5.25 5.20 -10.31
C ILE A 64 -6.57 5.06 -9.56
N ASN A 65 -6.66 3.99 -8.79
CA ASN A 65 -7.87 3.74 -8.02
C ASN A 65 -7.93 4.69 -6.82
N LEU A 66 -6.77 4.88 -6.20
CA LEU A 66 -6.68 5.77 -5.06
C LEU A 66 -7.10 7.18 -5.48
N THR A 67 -6.58 7.61 -6.61
CA THR A 67 -6.90 8.93 -7.13
C THR A 67 -8.40 9.07 -7.34
N GLY A 68 -9.05 7.93 -7.56
CA GLY A 68 -10.49 7.93 -7.77
C GLY A 68 -11.23 8.39 -6.52
N PHE A 69 -10.56 8.24 -5.38
CA PHE A 69 -11.15 8.64 -4.12
C PHE A 69 -10.36 9.79 -3.48
N LEU A 70 -9.03 9.65 -3.54
CA LEU A 70 -8.16 10.65 -2.97
C LEU A 70 -8.25 11.93 -3.81
N ASN A 71 -7.28 12.82 -3.59
CA ASN A 71 -7.24 14.08 -4.33
C ASN A 71 -6.35 13.91 -5.55
N GLY A 72 -5.44 12.96 -5.47
CA GLY A 72 -4.52 12.70 -6.56
C GLY A 72 -3.07 12.80 -6.09
N LYS A 73 -2.78 13.88 -5.39
CA LYS A 73 -1.44 14.13 -4.88
C LYS A 73 -1.16 13.16 -3.72
N ASN A 74 -2.20 12.91 -2.93
CA ASN A 74 -2.08 12.02 -1.80
C ASN A 74 -1.86 10.59 -2.30
N ALA A 75 -2.47 10.29 -3.43
CA ALA A 75 -2.36 8.97 -4.03
C ALA A 75 -0.89 8.73 -4.42
N ARG A 76 -0.27 9.79 -4.91
CA ARG A 76 1.12 9.72 -5.34
C ARG A 76 2.04 9.53 -4.12
N GLU A 77 1.69 10.24 -3.05
CA GLU A 77 2.48 10.18 -1.84
C GLU A 77 2.22 8.84 -1.12
N PHE A 78 0.96 8.45 -1.10
CA PHE A 78 0.57 7.21 -0.46
C PHE A 78 1.29 6.01 -1.10
N MET A 79 1.23 5.97 -2.42
CA MET A 79 1.86 4.89 -3.16
C MET A 79 3.38 4.92 -2.97
N GLY A 80 3.91 6.13 -2.86
CA GLY A 80 5.34 6.30 -2.67
C GLY A 80 5.74 6.08 -1.21
N GLU A 81 4.82 5.47 -0.47
CA GLU A 81 5.06 5.20 0.94
C GLU A 81 4.80 3.73 1.25
N LEU A 82 3.86 3.16 0.51
CA LEU A 82 3.51 1.76 0.69
C LEU A 82 4.25 0.91 -0.34
N TRP A 83 4.41 1.49 -1.53
CA TRP A 83 5.11 0.79 -2.60
C TRP A 83 6.53 0.50 -2.13
N PRO A 84 7.14 1.53 -1.48
CA PRO A 84 8.50 1.39 -0.98
C PRO A 84 8.54 0.52 0.27
N LEU A 85 7.43 0.54 1.00
CA LEU A 85 7.32 -0.25 2.22
C LEU A 85 7.53 -1.73 1.90
N LEU A 86 6.90 -2.17 0.81
CA LEU A 86 7.00 -3.55 0.39
C LEU A 86 8.41 -3.79 -0.18
N LEU A 87 8.95 -2.75 -0.79
CA LEU A 87 10.28 -2.84 -1.38
C LEU A 87 11.26 -3.33 -0.33
N SER A 88 11.17 -2.75 0.86
CA SER A 88 12.04 -3.12 1.96
C SER A 88 11.55 -4.42 2.60
N ALA A 89 10.24 -4.59 2.59
CA ALA A 89 9.63 -5.78 3.15
C ALA A 89 10.08 -7.00 2.36
N GLN A 90 9.99 -6.88 1.05
CA GLN A 90 10.38 -7.96 0.16
C GLN A 90 11.85 -8.31 0.36
N GLU A 91 12.56 -7.40 1.01
CA GLU A 91 13.98 -7.60 1.28
C GLU A 91 14.18 -8.32 2.61
N ASN A 92 13.08 -8.44 3.35
CA ASN A 92 13.12 -9.10 4.64
C ASN A 92 12.90 -10.59 4.45
N ILE A 93 12.55 -11.26 5.54
CA ILE A 93 12.31 -12.69 5.51
C ILE A 93 10.83 -12.96 5.76
N ALA A 94 10.28 -12.25 6.72
CA ALA A 94 8.87 -12.40 7.07
C ALA A 94 8.04 -11.45 6.20
N GLY A 95 8.71 -10.79 5.27
CA GLY A 95 8.05 -9.87 4.37
C GLY A 95 7.49 -8.67 5.14
N ILE A 96 8.28 -8.19 6.10
CA ILE A 96 7.88 -7.05 6.90
C ILE A 96 8.85 -5.91 6.67
N PRO A 97 8.28 -4.68 6.55
CA PRO A 97 9.09 -3.49 6.34
C PRO A 97 9.79 -3.07 7.62
N SER A 98 11.02 -2.60 7.46
CA SER A 98 11.82 -2.16 8.60
C SER A 98 11.09 -1.03 9.34
N ALA A 99 10.12 -0.45 8.65
CA ALA A 99 9.35 0.63 9.23
C ALA A 99 8.63 0.13 10.49
N PHE A 100 8.35 -1.16 10.49
CA PHE A 100 7.67 -1.78 11.62
C PHE A 100 8.67 -2.52 12.52
N LEU A 101 9.63 -3.16 11.87
CA LEU A 101 10.65 -3.91 12.59
C LEU A 101 11.20 -3.04 13.72
N GLU A 102 11.89 -1.98 13.34
CA GLU A 102 12.48 -1.07 14.30
C GLU A 102 11.40 -0.56 15.26
N LEU A 103 10.48 0.22 14.70
CA LEU A 103 9.40 0.79 15.49
C LEU A 103 8.75 -0.32 16.33
N LYS A 104 7.81 0.09 17.16
CA LYS A 104 7.10 -0.85 18.01
C LYS A 104 5.94 -0.14 18.70
N LYS A 105 4.76 -0.32 18.14
CA LYS A 105 3.56 0.30 18.69
C LYS A 105 3.83 1.78 18.94
N GLU A 106 3.82 2.53 17.85
CA GLU A 106 4.07 3.97 17.93
C GLU A 106 3.00 4.63 18.81
N GLU A 107 1.77 4.59 18.32
CA GLU A 107 0.66 5.18 19.05
C GLU A 107 -0.67 4.81 18.39
N ILE A 108 -1.12 3.60 18.68
CA ILE A 108 -2.38 3.11 18.12
C ILE A 108 -3.54 3.58 19.00
N LYS A 109 -4.37 4.42 18.40
CA LYS A 109 -5.53 4.95 19.11
C LYS A 109 -6.50 3.81 19.41
N GLN A 110 -6.44 3.34 20.65
CA GLN A 110 -7.32 2.26 21.09
C GLN A 110 -8.72 2.44 20.50
N ARG A 111 -9.11 1.48 19.68
CA ARG A 111 -10.42 1.52 19.07
C ARG A 111 -10.76 2.95 18.63
N SER A 1 -11.38 1.57 -15.02
CA SER A 1 -12.00 2.85 -15.29
C SER A 1 -12.19 3.62 -13.98
N HIS A 2 -13.26 4.41 -13.94
CA HIS A 2 -13.57 5.20 -12.76
C HIS A 2 -12.72 6.47 -12.76
N MET A 3 -11.42 6.27 -12.93
CA MET A 3 -10.49 7.38 -12.95
C MET A 3 -9.14 6.97 -13.56
N GLN A 4 -8.49 7.94 -14.19
CA GLN A 4 -7.21 7.68 -14.81
C GLN A 4 -6.27 8.86 -14.58
N LEU A 5 -4.98 8.55 -14.51
CA LEU A 5 -3.97 9.57 -14.29
C LEU A 5 -2.59 8.98 -14.53
N LYS A 6 -1.57 9.76 -14.19
CA LYS A 6 -0.19 9.32 -14.36
C LYS A 6 0.32 8.73 -13.05
N PHE A 7 1.38 7.94 -13.17
CA PHE A 7 1.98 7.32 -12.01
C PHE A 7 3.31 7.98 -11.65
N ALA A 8 3.84 7.59 -10.50
CA ALA A 8 5.09 8.14 -10.03
C ALA A 8 6.25 7.45 -10.74
N GLU A 9 7.44 7.63 -10.20
CA GLU A 9 8.63 7.04 -10.78
C GLU A 9 9.12 5.88 -9.91
N CYS A 10 8.52 5.77 -8.74
CA CYS A 10 8.89 4.72 -7.81
C CYS A 10 7.95 3.53 -8.03
N LEU A 11 6.78 3.84 -8.58
CA LEU A 11 5.79 2.81 -8.85
C LEU A 11 6.36 1.80 -9.83
N GLU A 12 7.47 2.17 -10.44
CA GLU A 12 8.14 1.30 -11.40
C GLU A 12 9.21 0.46 -10.71
N LYS A 13 9.00 0.25 -9.42
CA LYS A 13 9.94 -0.53 -8.64
C LYS A 13 9.41 -1.97 -8.49
N LYS A 14 8.16 -2.13 -8.88
CA LYS A 14 7.52 -3.45 -8.80
C LYS A 14 7.63 -3.97 -7.37
N VAL A 15 6.97 -5.10 -7.14
CA VAL A 15 6.98 -5.71 -5.81
C VAL A 15 6.78 -7.22 -5.97
N ASP A 16 6.33 -7.83 -4.88
CA ASP A 16 6.10 -9.27 -4.88
C ASP A 16 5.51 -9.69 -3.52
N MET A 17 4.19 -9.79 -3.48
CA MET A 17 3.50 -10.18 -2.27
C MET A 17 3.91 -11.58 -1.83
N SER A 18 4.34 -12.37 -2.80
CA SER A 18 4.77 -13.73 -2.53
C SER A 18 6.08 -13.73 -1.77
N LYS A 19 6.66 -12.54 -1.64
CA LYS A 19 7.92 -12.39 -0.95
C LYS A 19 7.72 -11.48 0.28
N VAL A 20 6.90 -10.46 0.09
CA VAL A 20 6.62 -9.52 1.15
C VAL A 20 5.17 -9.71 1.62
N ASN A 21 4.95 -9.38 2.88
CA ASN A 21 3.61 -9.52 3.46
C ASN A 21 2.83 -8.22 3.21
N LEU A 22 1.57 -8.40 2.83
CA LEU A 22 0.70 -7.28 2.55
C LEU A 22 -0.20 -7.02 3.75
N GLU A 23 -0.44 -8.08 4.52
CA GLU A 23 -1.28 -7.99 5.69
C GLU A 23 -0.71 -6.96 6.67
N VAL A 24 0.61 -6.95 6.77
CA VAL A 24 1.29 -6.03 7.66
C VAL A 24 1.14 -4.61 7.12
N ILE A 25 0.58 -4.51 5.92
CA ILE A 25 0.39 -3.22 5.28
C ILE A 25 -1.11 -2.92 5.22
N LYS A 26 -1.90 -3.91 5.60
CA LYS A 26 -3.35 -3.76 5.59
C LYS A 26 -3.74 -2.58 6.49
N PRO A 27 -3.17 -2.57 7.71
CA PRO A 27 -3.45 -1.51 8.67
C PRO A 27 -2.71 -0.22 8.28
N TRP A 28 -1.59 -0.39 7.59
CA TRP A 28 -0.79 0.74 7.15
C TRP A 28 -1.53 1.42 6.00
N ILE A 29 -2.07 0.59 5.12
CA ILE A 29 -2.81 1.09 3.97
C ILE A 29 -4.17 1.64 4.42
N THR A 30 -4.88 0.78 5.15
CA THR A 30 -6.19 1.16 5.66
C THR A 30 -6.10 2.43 6.50
N LYS A 31 -5.03 2.50 7.30
CA LYS A 31 -4.81 3.65 8.16
C LYS A 31 -4.40 4.85 7.30
N ARG A 32 -3.60 4.57 6.29
CA ARG A 32 -3.14 5.62 5.40
C ARG A 32 -4.31 6.22 4.62
N VAL A 33 -5.12 5.33 4.05
CA VAL A 33 -6.28 5.76 3.28
C VAL A 33 -7.27 6.47 4.21
N THR A 34 -7.43 5.90 5.39
CA THR A 34 -8.34 6.47 6.38
C THR A 34 -7.86 7.86 6.81
N GLU A 35 -6.55 7.96 7.00
CA GLU A 35 -5.96 9.23 7.41
C GLU A 35 -5.94 10.21 6.24
N ILE A 36 -5.87 9.66 5.04
CA ILE A 36 -5.85 10.46 3.83
C ILE A 36 -7.10 11.35 3.80
N LEU A 37 -8.23 10.73 4.07
CA LEU A 37 -9.50 11.45 4.08
C LEU A 37 -9.89 11.77 5.53
N GLY A 38 -9.77 10.76 6.37
CA GLY A 38 -10.10 10.93 7.77
C GLY A 38 -11.11 9.86 8.23
N PHE A 39 -11.63 9.13 7.25
CA PHE A 39 -12.60 8.08 7.53
C PHE A 39 -12.20 6.77 6.85
N GLU A 40 -12.65 5.67 7.43
CA GLU A 40 -12.35 4.36 6.90
C GLU A 40 -13.11 4.14 5.60
N ASP A 41 -12.36 4.11 4.50
CA ASP A 41 -12.97 3.90 3.19
C ASP A 41 -13.37 2.42 3.05
N ASP A 42 -13.34 1.96 1.81
CA ASP A 42 -13.69 0.58 1.53
C ASP A 42 -13.35 0.25 0.07
N VAL A 43 -13.81 1.11 -0.83
CA VAL A 43 -13.56 0.93 -2.24
C VAL A 43 -12.05 1.05 -2.50
N VAL A 44 -11.45 2.02 -1.84
CA VAL A 44 -10.02 2.25 -1.99
C VAL A 44 -9.25 1.11 -1.30
N ILE A 45 -9.72 0.75 -0.12
CA ILE A 45 -9.09 -0.31 0.64
C ILE A 45 -9.18 -1.62 -0.14
N GLU A 46 -10.38 -1.91 -0.61
CA GLU A 46 -10.62 -3.12 -1.38
C GLU A 46 -9.67 -3.18 -2.58
N PHE A 47 -9.51 -2.04 -3.22
CA PHE A 47 -8.63 -1.94 -4.38
C PHE A 47 -7.21 -2.37 -4.03
N ILE A 48 -6.72 -1.85 -2.90
CA ILE A 48 -5.38 -2.16 -2.45
C ILE A 48 -5.35 -3.60 -1.93
N PHE A 49 -6.40 -3.97 -1.20
CA PHE A 49 -6.50 -5.30 -0.65
C PHE A 49 -6.63 -6.34 -1.77
N ASN A 50 -7.55 -6.07 -2.68
CA ASN A 50 -7.77 -6.98 -3.80
C ASN A 50 -6.52 -7.04 -4.67
N GLN A 51 -5.88 -5.88 -4.80
CA GLN A 51 -4.67 -5.80 -5.61
C GLN A 51 -3.49 -6.43 -4.86
N LEU A 52 -3.46 -6.21 -3.55
CA LEU A 52 -2.40 -6.75 -2.72
C LEU A 52 -2.70 -8.22 -2.43
N GLU A 53 -3.82 -8.68 -2.96
CA GLU A 53 -4.23 -10.07 -2.76
C GLU A 53 -3.57 -10.97 -3.81
N VAL A 54 -2.84 -10.33 -4.72
CA VAL A 54 -2.16 -11.07 -5.78
C VAL A 54 -0.66 -11.15 -5.45
N LYS A 55 0.09 -11.64 -6.42
CA LYS A 55 1.53 -11.77 -6.25
C LYS A 55 2.24 -10.60 -6.95
N ASN A 56 1.50 -9.96 -7.84
CA ASN A 56 2.04 -8.83 -8.58
C ASN A 56 0.94 -7.78 -8.78
N PRO A 57 0.84 -6.84 -7.80
CA PRO A 57 -0.16 -5.80 -7.86
C PRO A 57 0.23 -4.73 -8.89
N ASP A 58 -0.79 -4.06 -9.40
CA ASP A 58 -0.57 -3.01 -10.39
C ASP A 58 -0.60 -1.65 -9.70
N SER A 59 0.55 -1.25 -9.20
CA SER A 59 0.65 0.03 -8.51
C SER A 59 -0.02 1.12 -9.33
N LYS A 60 -0.12 0.87 -10.63
CA LYS A 60 -0.74 1.82 -11.53
C LYS A 60 -2.24 1.93 -11.21
N MET A 61 -2.86 0.76 -11.12
CA MET A 61 -4.28 0.70 -10.81
C MET A 61 -4.55 1.07 -9.35
N MET A 62 -3.61 0.69 -8.51
CA MET A 62 -3.73 0.96 -7.08
C MET A 62 -3.79 2.47 -6.82
N GLN A 63 -2.81 3.18 -7.36
CA GLN A 63 -2.73 4.61 -7.20
C GLN A 63 -3.84 5.30 -7.99
N ILE A 64 -4.15 4.71 -9.14
CA ILE A 64 -5.19 5.25 -10.00
C ILE A 64 -6.54 5.13 -9.30
N ASN A 65 -6.75 3.99 -8.67
CA ASN A 65 -7.99 3.73 -7.96
C ASN A 65 -8.09 4.69 -6.76
N LEU A 66 -6.95 4.89 -6.12
CA LEU A 66 -6.90 5.76 -4.96
C LEU A 66 -7.35 7.18 -5.37
N THR A 67 -6.91 7.57 -6.57
CA THR A 67 -7.26 8.88 -7.08
C THR A 67 -8.78 9.05 -7.15
N GLY A 68 -9.46 7.94 -7.39
CA GLY A 68 -10.90 7.94 -7.48
C GLY A 68 -11.53 8.38 -6.15
N PHE A 69 -10.70 8.37 -5.12
CA PHE A 69 -11.17 8.76 -3.79
C PHE A 69 -10.30 9.88 -3.22
N LEU A 70 -9.00 9.63 -3.20
CA LEU A 70 -8.05 10.61 -2.68
C LEU A 70 -8.24 11.93 -3.43
N ASN A 71 -7.27 12.81 -3.24
CA ASN A 71 -7.31 14.12 -3.88
C ASN A 71 -6.54 14.05 -5.20
N GLY A 72 -5.68 13.05 -5.30
CA GLY A 72 -4.88 12.86 -6.50
C GLY A 72 -3.40 12.71 -6.16
N LYS A 73 -2.85 13.76 -5.55
CA LYS A 73 -1.46 13.75 -5.17
C LYS A 73 -1.25 12.77 -4.02
N ASN A 74 -2.31 12.59 -3.23
CA ASN A 74 -2.26 11.69 -2.10
C ASN A 74 -2.11 10.25 -2.60
N ALA A 75 -2.69 10.00 -3.76
CA ALA A 75 -2.63 8.67 -4.36
C ALA A 75 -1.18 8.37 -4.75
N ARG A 76 -0.54 9.35 -5.37
CA ARG A 76 0.83 9.20 -5.80
C ARG A 76 1.76 9.13 -4.58
N GLU A 77 1.50 10.02 -3.64
CA GLU A 77 2.30 10.07 -2.42
C GLU A 77 2.04 8.83 -1.56
N PHE A 78 0.79 8.41 -1.56
CA PHE A 78 0.39 7.24 -0.78
C PHE A 78 1.15 5.99 -1.26
N MET A 79 1.20 5.84 -2.57
CA MET A 79 1.88 4.70 -3.15
C MET A 79 3.40 4.80 -2.96
N GLY A 80 3.88 6.04 -2.97
CA GLY A 80 5.30 6.28 -2.79
C GLY A 80 5.73 6.07 -1.34
N GLU A 81 4.81 5.50 -0.57
CA GLU A 81 5.07 5.23 0.83
C GLU A 81 4.78 3.76 1.16
N LEU A 82 3.84 3.19 0.42
CA LEU A 82 3.47 1.80 0.60
C LEU A 82 4.20 0.94 -0.42
N TRP A 83 4.37 1.50 -1.61
CA TRP A 83 5.04 0.80 -2.69
C TRP A 83 6.46 0.48 -2.22
N PRO A 84 7.10 1.50 -1.59
CA PRO A 84 8.46 1.35 -1.09
C PRO A 84 8.49 0.49 0.17
N LEU A 85 7.38 0.53 0.90
CA LEU A 85 7.27 -0.24 2.13
C LEU A 85 7.48 -1.73 1.82
N LEU A 86 6.86 -2.16 0.74
CA LEU A 86 6.96 -3.55 0.32
C LEU A 86 8.37 -3.81 -0.22
N LEU A 87 8.93 -2.77 -0.84
CA LEU A 87 10.27 -2.88 -1.41
C LEU A 87 11.24 -3.34 -0.33
N SER A 88 11.11 -2.74 0.84
CA SER A 88 11.97 -3.09 1.97
C SER A 88 11.50 -4.40 2.60
N ALA A 89 10.19 -4.60 2.56
CA ALA A 89 9.60 -5.81 3.12
C ALA A 89 10.08 -7.01 2.32
N GLN A 90 10.02 -6.88 1.01
CA GLN A 90 10.43 -7.96 0.13
C GLN A 90 11.92 -8.26 0.32
N GLU A 91 12.60 -7.34 0.99
CA GLU A 91 14.02 -7.49 1.25
C GLU A 91 14.24 -8.22 2.58
N ASN A 92 13.15 -8.36 3.32
CA ASN A 92 13.21 -9.03 4.61
C ASN A 92 12.95 -10.53 4.41
N ILE A 93 12.69 -11.19 5.53
CA ILE A 93 12.43 -12.62 5.50
C ILE A 93 10.95 -12.87 5.80
N ALA A 94 10.44 -12.12 6.77
CA ALA A 94 9.05 -12.25 7.17
C ALA A 94 8.20 -11.34 6.29
N GLY A 95 8.83 -10.77 5.28
CA GLY A 95 8.14 -9.88 4.36
C GLY A 95 7.54 -8.68 5.10
N ILE A 96 8.32 -8.17 6.04
CA ILE A 96 7.88 -7.03 6.83
C ILE A 96 8.86 -5.86 6.62
N PRO A 97 8.28 -4.64 6.49
CA PRO A 97 9.09 -3.46 6.28
C PRO A 97 9.78 -3.03 7.59
N SER A 98 10.95 -2.44 7.44
CA SER A 98 11.72 -1.98 8.58
C SER A 98 10.91 -0.95 9.38
N ALA A 99 9.89 -0.41 8.71
CA ALA A 99 9.03 0.58 9.33
C ALA A 99 8.38 -0.02 10.58
N PHE A 100 8.20 -1.32 10.54
CA PHE A 100 7.59 -2.03 11.66
C PHE A 100 8.66 -2.71 12.52
N LEU A 101 9.65 -3.28 11.85
CA LEU A 101 10.73 -3.95 12.54
C LEU A 101 11.26 -3.06 13.67
N GLU A 102 11.85 -1.95 13.27
CA GLU A 102 12.39 -1.00 14.22
C GLU A 102 11.28 -0.48 15.14
N LEU A 103 10.49 0.43 14.59
CA LEU A 103 9.40 1.02 15.35
C LEU A 103 8.51 -0.10 15.90
N LYS A 104 8.49 -0.20 17.22
CA LYS A 104 7.69 -1.22 17.88
C LYS A 104 6.72 -0.54 18.85
N LYS A 105 5.65 0.01 18.28
CA LYS A 105 4.65 0.69 19.08
C LYS A 105 3.37 0.86 18.25
N GLU A 106 2.27 1.09 18.95
CA GLU A 106 0.99 1.27 18.29
C GLU A 106 0.91 0.40 17.03
N GLU A 107 0.43 -0.81 17.22
CA GLU A 107 0.30 -1.75 16.11
C GLU A 107 -0.67 -2.87 16.47
N ILE A 108 -1.54 -3.20 15.52
CA ILE A 108 -2.52 -4.24 15.72
C ILE A 108 -1.83 -5.47 16.34
N LYS A 109 -2.20 -5.75 17.58
CA LYS A 109 -1.64 -6.88 18.30
C LYS A 109 -2.10 -8.18 17.64
N GLN A 110 -3.28 -8.62 18.05
CA GLN A 110 -3.85 -9.85 17.52
C GLN A 110 -3.59 -9.94 16.02
N ARG A 111 -3.08 -11.09 15.61
CA ARG A 111 -2.77 -11.32 14.21
C ARG A 111 -2.59 -12.82 13.94
N SER A 1 -8.80 1.30 -14.28
CA SER A 1 -10.06 1.79 -14.81
C SER A 1 -10.74 2.71 -13.79
N HIS A 2 -11.97 3.09 -14.10
CA HIS A 2 -12.73 3.94 -13.22
C HIS A 2 -12.30 5.40 -13.41
N MET A 3 -11.00 5.62 -13.37
CA MET A 3 -10.45 6.95 -13.55
C MET A 3 -8.94 6.89 -13.77
N GLN A 4 -8.55 7.21 -15.00
CA GLN A 4 -7.13 7.20 -15.36
C GLN A 4 -6.47 8.52 -14.94
N LEU A 5 -5.20 8.42 -14.59
CA LEU A 5 -4.45 9.59 -14.18
C LEU A 5 -2.96 9.28 -14.26
N LYS A 6 -2.16 10.19 -13.72
CA LYS A 6 -0.72 10.04 -13.73
C LYS A 6 -0.29 9.36 -12.42
N PHE A 7 0.79 8.59 -12.51
CA PHE A 7 1.31 7.89 -11.36
C PHE A 7 2.60 8.54 -10.86
N ALA A 8 3.41 7.73 -10.19
CA ALA A 8 4.68 8.22 -9.66
C ALA A 8 5.83 7.63 -10.48
N GLU A 9 7.04 7.77 -9.95
CA GLU A 9 8.21 7.26 -10.61
C GLU A 9 8.85 6.13 -9.78
N CYS A 10 8.36 5.99 -8.56
CA CYS A 10 8.86 4.96 -7.67
C CYS A 10 8.02 3.70 -7.87
N LEU A 11 6.89 3.88 -8.54
CA LEU A 11 6.00 2.76 -8.81
C LEU A 11 6.64 1.83 -9.83
N GLU A 12 7.79 2.26 -10.34
CA GLU A 12 8.51 1.47 -11.33
C GLU A 12 9.28 0.34 -10.63
N LYS A 13 9.11 0.26 -9.32
CA LYS A 13 9.77 -0.76 -8.54
C LYS A 13 8.78 -1.87 -8.22
N LYS A 14 8.70 -2.84 -9.13
CA LYS A 14 7.80 -3.96 -8.96
C LYS A 14 7.90 -4.48 -7.52
N VAL A 15 6.99 -5.38 -7.18
CA VAL A 15 6.97 -5.96 -5.85
C VAL A 15 6.77 -7.47 -5.96
N ASP A 16 6.30 -8.06 -4.86
CA ASP A 16 6.07 -9.49 -4.82
C ASP A 16 5.49 -9.87 -3.46
N MET A 17 4.17 -9.95 -3.42
CA MET A 17 3.48 -10.31 -2.19
C MET A 17 3.87 -11.70 -1.72
N SER A 18 4.30 -12.51 -2.68
CA SER A 18 4.71 -13.88 -2.38
C SER A 18 6.03 -13.86 -1.60
N LYS A 19 6.61 -12.68 -1.49
CA LYS A 19 7.86 -12.52 -0.78
C LYS A 19 7.65 -11.59 0.41
N VAL A 20 6.84 -10.57 0.20
CA VAL A 20 6.54 -9.61 1.25
C VAL A 20 5.09 -9.80 1.72
N ASN A 21 4.87 -9.47 2.98
CA ASN A 21 3.55 -9.59 3.56
C ASN A 21 2.76 -8.30 3.32
N LEU A 22 1.52 -8.46 2.91
CA LEU A 22 0.65 -7.32 2.65
C LEU A 22 -0.24 -7.07 3.86
N GLU A 23 -0.45 -8.12 4.63
CA GLU A 23 -1.29 -8.03 5.81
C GLU A 23 -0.72 -6.99 6.78
N VAL A 24 0.60 -6.97 6.87
CA VAL A 24 1.28 -6.04 7.75
C VAL A 24 1.14 -4.62 7.19
N ILE A 25 0.56 -4.55 5.99
CA ILE A 25 0.36 -3.26 5.35
C ILE A 25 -1.13 -2.92 5.34
N LYS A 26 -1.93 -3.91 5.72
CA LYS A 26 -3.37 -3.73 5.77
C LYS A 26 -3.70 -2.53 6.66
N PRO A 27 -3.06 -2.51 7.86
CA PRO A 27 -3.27 -1.44 8.81
C PRO A 27 -2.56 -0.16 8.36
N TRP A 28 -1.48 -0.35 7.62
CA TRP A 28 -0.71 0.78 7.12
C TRP A 28 -1.49 1.43 5.97
N ILE A 29 -2.04 0.57 5.12
CA ILE A 29 -2.81 1.04 3.98
C ILE A 29 -4.17 1.56 4.48
N THR A 30 -4.85 0.72 5.25
CA THR A 30 -6.14 1.09 5.79
C THR A 30 -6.05 2.38 6.59
N LYS A 31 -4.94 2.50 7.33
CA LYS A 31 -4.72 3.68 8.14
C LYS A 31 -4.35 4.86 7.24
N ARG A 32 -3.56 4.56 6.22
CA ARG A 32 -3.13 5.58 5.28
C ARG A 32 -4.32 6.11 4.49
N VAL A 33 -5.09 5.18 3.94
CA VAL A 33 -6.27 5.55 3.16
C VAL A 33 -7.28 6.25 4.07
N THR A 34 -7.41 5.72 5.28
CA THR A 34 -8.34 6.30 6.24
C THR A 34 -7.87 7.70 6.65
N GLU A 35 -6.57 7.82 6.87
CA GLU A 35 -5.99 9.10 7.26
C GLU A 35 -5.97 10.07 6.08
N ILE A 36 -5.89 9.50 4.89
CA ILE A 36 -5.87 10.29 3.68
C ILE A 36 -7.12 11.18 3.64
N LEU A 37 -8.25 10.55 3.91
CA LEU A 37 -9.52 11.27 3.90
C LEU A 37 -9.90 11.62 5.34
N GLY A 38 -9.77 10.65 6.22
CA GLY A 38 -10.10 10.86 7.62
C GLY A 38 -11.09 9.80 8.11
N PHE A 39 -11.61 9.04 7.16
CA PHE A 39 -12.57 8.00 7.48
C PHE A 39 -12.18 6.67 6.82
N GLU A 40 -12.65 5.59 7.43
CA GLU A 40 -12.37 4.26 6.91
C GLU A 40 -13.03 4.05 5.56
N ASP A 41 -12.21 4.09 4.52
CA ASP A 41 -12.71 3.90 3.16
C ASP A 41 -13.20 2.46 3.00
N ASP A 42 -13.15 2.00 1.76
CA ASP A 42 -13.57 0.64 1.45
C ASP A 42 -13.24 0.32 -0.01
N VAL A 43 -13.65 1.23 -0.89
CA VAL A 43 -13.40 1.06 -2.31
C VAL A 43 -11.89 1.10 -2.57
N VAL A 44 -11.24 2.07 -1.93
CA VAL A 44 -9.81 2.23 -2.09
C VAL A 44 -9.09 1.08 -1.36
N ILE A 45 -9.61 0.76 -0.18
CA ILE A 45 -9.03 -0.30 0.62
C ILE A 45 -9.12 -1.62 -0.16
N GLU A 46 -10.32 -1.90 -0.65
CA GLU A 46 -10.54 -3.13 -1.41
C GLU A 46 -9.59 -3.20 -2.59
N PHE A 47 -9.42 -2.06 -3.26
CA PHE A 47 -8.54 -1.99 -4.41
C PHE A 47 -7.12 -2.42 -4.03
N ILE A 48 -6.64 -1.87 -2.92
CA ILE A 48 -5.31 -2.19 -2.44
C ILE A 48 -5.28 -3.63 -1.93
N PHE A 49 -6.31 -3.98 -1.16
CA PHE A 49 -6.40 -5.31 -0.61
C PHE A 49 -6.55 -6.36 -1.71
N ASN A 50 -7.46 -6.08 -2.63
CA ASN A 50 -7.70 -6.99 -3.75
C ASN A 50 -6.45 -7.06 -4.60
N GLN A 51 -5.81 -5.92 -4.78
CA GLN A 51 -4.59 -5.85 -5.58
C GLN A 51 -3.43 -6.50 -4.83
N LEU A 52 -3.40 -6.26 -3.53
CA LEU A 52 -2.34 -6.82 -2.69
C LEU A 52 -2.64 -8.29 -2.40
N GLU A 53 -3.81 -8.72 -2.85
CA GLU A 53 -4.24 -10.09 -2.65
C GLU A 53 -3.60 -11.01 -3.69
N VAL A 54 -2.88 -10.38 -4.62
CA VAL A 54 -2.21 -11.12 -5.67
C VAL A 54 -0.71 -11.21 -5.36
N LYS A 55 0.02 -11.81 -6.30
CA LYS A 55 1.45 -11.98 -6.13
C LYS A 55 2.17 -10.81 -6.82
N ASN A 56 1.45 -10.16 -7.73
CA ASN A 56 2.02 -9.05 -8.46
C ASN A 56 0.94 -7.97 -8.63
N PRO A 57 0.90 -7.04 -7.63
CA PRO A 57 -0.08 -5.96 -7.66
C PRO A 57 0.32 -4.89 -8.67
N ASP A 58 -0.67 -4.12 -9.10
CA ASP A 58 -0.43 -3.06 -10.05
C ASP A 58 -0.53 -1.71 -9.35
N SER A 59 0.63 -1.07 -9.20
CA SER A 59 0.69 0.23 -8.55
C SER A 59 -0.09 1.26 -9.37
N LYS A 60 -0.03 1.10 -10.68
CA LYS A 60 -0.72 2.01 -11.58
C LYS A 60 -2.21 2.00 -11.26
N MET A 61 -2.75 0.79 -11.14
CA MET A 61 -4.17 0.63 -10.83
C MET A 61 -4.47 1.09 -9.40
N MET A 62 -3.53 0.83 -8.52
CA MET A 62 -3.68 1.20 -7.12
C MET A 62 -3.83 2.72 -6.98
N GLN A 63 -2.87 3.43 -7.55
CA GLN A 63 -2.88 4.89 -7.49
C GLN A 63 -4.05 5.45 -8.31
N ILE A 64 -4.35 4.75 -9.40
CA ILE A 64 -5.44 5.15 -10.27
C ILE A 64 -6.76 5.08 -9.49
N ASN A 65 -6.90 4.02 -8.72
CA ASN A 65 -8.10 3.81 -7.93
C ASN A 65 -8.10 4.79 -6.75
N LEU A 66 -6.91 4.99 -6.20
CA LEU A 66 -6.77 5.90 -5.07
C LEU A 66 -7.19 7.31 -5.49
N THR A 67 -6.73 7.70 -6.66
CA THR A 67 -7.06 9.02 -7.19
C THR A 67 -8.57 9.19 -7.30
N GLY A 68 -9.25 8.05 -7.37
CA GLY A 68 -10.71 8.06 -7.49
C GLY A 68 -11.36 8.53 -6.18
N PHE A 69 -10.61 8.36 -5.09
CA PHE A 69 -11.11 8.77 -3.79
C PHE A 69 -10.24 9.88 -3.19
N LEU A 70 -8.93 9.68 -3.29
CA LEU A 70 -7.99 10.66 -2.77
C LEU A 70 -8.13 11.97 -3.55
N ASN A 71 -7.18 12.86 -3.32
CA ASN A 71 -7.18 14.14 -3.99
C ASN A 71 -6.34 14.06 -5.27
N GLY A 72 -5.66 12.93 -5.41
CA GLY A 72 -4.82 12.70 -6.58
C GLY A 72 -3.34 12.79 -6.21
N LYS A 73 -3.01 13.84 -5.48
CA LYS A 73 -1.63 14.06 -5.05
C LYS A 73 -1.30 13.08 -3.92
N ASN A 74 -2.30 12.81 -3.10
CA ASN A 74 -2.13 11.89 -1.98
C ASN A 74 -1.90 10.48 -2.52
N ALA A 75 -2.51 10.21 -3.66
CA ALA A 75 -2.39 8.90 -4.28
C ALA A 75 -0.93 8.67 -4.68
N ARG A 76 -0.31 9.73 -5.18
CA ARG A 76 1.08 9.65 -5.61
C ARG A 76 1.99 9.48 -4.39
N GLU A 77 1.66 10.20 -3.33
CA GLU A 77 2.44 10.14 -2.10
C GLU A 77 2.18 8.81 -1.38
N PHE A 78 0.93 8.38 -1.45
CA PHE A 78 0.53 7.13 -0.80
C PHE A 78 1.31 5.94 -1.38
N MET A 79 1.31 5.88 -2.70
CA MET A 79 2.01 4.80 -3.39
C MET A 79 3.53 4.97 -3.28
N GLY A 80 3.93 6.17 -2.88
CA GLY A 80 5.34 6.49 -2.75
C GLY A 80 5.85 6.10 -1.35
N GLU A 81 4.95 5.53 -0.56
CA GLU A 81 5.29 5.11 0.78
C GLU A 81 4.85 3.66 1.02
N LEU A 82 4.00 3.18 0.12
CA LEU A 82 3.50 1.82 0.22
C LEU A 82 4.28 0.92 -0.74
N TRP A 83 4.48 1.44 -1.95
CA TRP A 83 5.20 0.69 -2.97
C TRP A 83 6.61 0.40 -2.43
N PRO A 84 7.20 1.44 -1.77
CA PRO A 84 8.52 1.29 -1.21
C PRO A 84 8.50 0.46 0.07
N LEU A 85 7.36 0.50 0.74
CA LEU A 85 7.20 -0.25 1.98
C LEU A 85 7.40 -1.74 1.70
N LEU A 86 6.81 -2.19 0.60
CA LEU A 86 6.93 -3.58 0.21
C LEU A 86 8.34 -3.85 -0.32
N LEU A 87 8.90 -2.83 -0.95
CA LEU A 87 10.23 -2.94 -1.50
C LEU A 87 11.20 -3.42 -0.41
N SER A 88 11.08 -2.81 0.76
CA SER A 88 11.93 -3.17 1.88
C SER A 88 11.43 -4.47 2.51
N ALA A 89 10.11 -4.64 2.47
CA ALA A 89 9.50 -5.83 3.04
C ALA A 89 9.98 -7.06 2.27
N GLN A 90 9.94 -6.95 0.95
CA GLN A 90 10.36 -8.04 0.09
C GLN A 90 11.85 -8.34 0.31
N GLU A 91 12.53 -7.39 0.93
CA GLU A 91 13.94 -7.54 1.21
C GLU A 91 14.16 -8.24 2.55
N ASN A 92 13.07 -8.34 3.30
CA ASN A 92 13.12 -8.98 4.61
C ASN A 92 12.95 -10.49 4.43
N ILE A 93 12.67 -11.15 5.55
CA ILE A 93 12.48 -12.59 5.53
C ILE A 93 11.02 -12.92 5.84
N ALA A 94 10.47 -12.16 6.78
CA ALA A 94 9.09 -12.36 7.18
C ALA A 94 8.18 -11.49 6.31
N GLY A 95 8.80 -10.84 5.34
CA GLY A 95 8.06 -9.97 4.43
C GLY A 95 7.47 -8.77 5.17
N ILE A 96 8.27 -8.23 6.07
CA ILE A 96 7.84 -7.09 6.87
C ILE A 96 8.81 -5.92 6.63
N PRO A 97 8.21 -4.71 6.46
CA PRO A 97 9.00 -3.52 6.22
C PRO A 97 9.68 -3.04 7.51
N SER A 98 10.78 -2.33 7.33
CA SER A 98 11.53 -1.81 8.46
C SER A 98 10.67 -0.83 9.25
N ALA A 99 9.61 -0.37 8.61
CA ALA A 99 8.71 0.58 9.22
C ALA A 99 8.13 -0.03 10.50
N PHE A 100 8.00 -1.35 10.48
CA PHE A 100 7.46 -2.08 11.62
C PHE A 100 8.58 -2.68 12.46
N LEU A 101 9.60 -3.18 11.76
CA LEU A 101 10.73 -3.79 12.44
C LEU A 101 11.26 -2.83 13.50
N GLU A 102 11.82 -1.72 13.04
CA GLU A 102 12.37 -0.73 13.95
C GLU A 102 11.30 -0.28 14.94
N LEU A 103 10.43 0.60 14.47
CA LEU A 103 9.36 1.13 15.31
C LEU A 103 8.49 -0.04 15.78
N LYS A 104 7.40 0.32 16.46
CA LYS A 104 6.48 -0.68 16.96
C LYS A 104 5.31 -0.83 15.99
N LYS A 105 4.33 -1.62 16.41
CA LYS A 105 3.16 -1.86 15.59
C LYS A 105 2.05 -2.48 16.45
N GLU A 106 0.91 -1.79 16.47
CA GLU A 106 -0.22 -2.25 17.24
C GLU A 106 -0.80 -3.54 16.63
N GLU A 107 -1.43 -4.33 17.48
CA GLU A 107 -2.03 -5.57 17.04
C GLU A 107 -3.55 -5.44 16.95
N ILE A 108 -4.00 -4.82 15.86
CA ILE A 108 -5.42 -4.62 15.64
C ILE A 108 -6.10 -5.97 15.46
N LYS A 109 -7.07 -6.24 16.31
CA LYS A 109 -7.80 -7.49 16.25
C LYS A 109 -9.14 -7.26 15.56
N GLN A 110 -9.13 -7.44 14.24
CA GLN A 110 -10.33 -7.25 13.45
C GLN A 110 -11.26 -8.46 13.60
N ARG A 111 -12.55 -8.17 13.72
CA ARG A 111 -13.54 -9.23 13.86
C ARG A 111 -13.20 -10.40 12.94
N SER A 1 -10.63 0.66 -15.99
CA SER A 1 -9.98 0.96 -14.73
C SER A 1 -10.98 1.58 -13.75
N HIS A 2 -11.03 2.90 -13.76
CA HIS A 2 -11.95 3.62 -12.88
C HIS A 2 -11.65 5.12 -12.94
N MET A 3 -10.37 5.44 -12.95
CA MET A 3 -9.94 6.82 -13.01
C MET A 3 -8.99 7.06 -14.18
N GLN A 4 -7.84 6.40 -14.11
CA GLN A 4 -6.85 6.52 -15.15
C GLN A 4 -6.13 7.86 -15.06
N LEU A 5 -4.83 7.79 -14.83
CA LEU A 5 -4.01 9.00 -14.71
C LEU A 5 -2.54 8.62 -14.75
N LYS A 6 -1.70 9.61 -14.51
CA LYS A 6 -0.26 9.40 -14.51
C LYS A 6 0.16 8.82 -13.17
N PHE A 7 1.21 8.01 -13.21
CA PHE A 7 1.74 7.38 -12.01
C PHE A 7 2.91 8.20 -11.44
N ALA A 8 3.69 7.52 -10.60
CA ALA A 8 4.84 8.17 -9.98
C ALA A 8 6.12 7.64 -10.64
N GLU A 9 7.23 7.79 -9.92
CA GLU A 9 8.50 7.35 -10.42
C GLU A 9 9.01 6.16 -9.60
N CYS A 10 8.42 6.00 -8.42
CA CYS A 10 8.80 4.91 -7.53
C CYS A 10 7.89 3.71 -7.84
N LEU A 11 6.77 4.00 -8.49
CA LEU A 11 5.82 2.96 -8.84
C LEU A 11 6.47 2.00 -9.83
N GLU A 12 7.62 2.42 -10.35
CA GLU A 12 8.35 1.60 -11.30
C GLU A 12 9.13 0.51 -10.58
N LYS A 13 8.92 0.45 -9.28
CA LYS A 13 9.60 -0.55 -8.47
C LYS A 13 8.64 -1.70 -8.17
N LYS A 14 8.65 -2.68 -9.06
CA LYS A 14 7.79 -3.84 -8.91
C LYS A 14 7.89 -4.36 -7.48
N VAL A 15 7.06 -5.35 -7.19
CA VAL A 15 7.04 -5.95 -5.86
C VAL A 15 6.82 -7.46 -5.98
N ASP A 16 6.36 -8.05 -4.89
CA ASP A 16 6.11 -9.48 -4.87
C ASP A 16 5.48 -9.86 -3.53
N MET A 17 4.16 -9.93 -3.52
CA MET A 17 3.42 -10.28 -2.32
C MET A 17 3.81 -11.68 -1.83
N SER A 18 4.29 -12.49 -2.76
CA SER A 18 4.70 -13.84 -2.43
C SER A 18 6.02 -13.81 -1.65
N LYS A 19 6.59 -12.62 -1.56
CA LYS A 19 7.85 -12.45 -0.85
C LYS A 19 7.62 -11.52 0.34
N VAL A 20 6.78 -10.51 0.12
CA VAL A 20 6.48 -9.55 1.16
C VAL A 20 5.04 -9.76 1.64
N ASN A 21 4.82 -9.41 2.90
CA ASN A 21 3.50 -9.56 3.49
C ASN A 21 2.71 -8.27 3.31
N LEU A 22 1.55 -8.40 2.69
CA LEU A 22 0.69 -7.25 2.46
C LEU A 22 -0.24 -7.05 3.65
N GLU A 23 -0.46 -8.14 4.38
CA GLU A 23 -1.32 -8.09 5.55
C GLU A 23 -0.78 -7.08 6.56
N VAL A 24 0.53 -7.06 6.69
CA VAL A 24 1.18 -6.15 7.62
C VAL A 24 1.04 -4.71 7.10
N ILE A 25 0.51 -4.61 5.90
CA ILE A 25 0.32 -3.30 5.28
C ILE A 25 -1.18 -3.00 5.19
N LYS A 26 -1.97 -3.90 5.77
CA LYS A 26 -3.41 -3.75 5.76
C LYS A 26 -3.80 -2.57 6.66
N PRO A 27 -3.20 -2.56 7.87
CA PRO A 27 -3.48 -1.50 8.83
C PRO A 27 -2.79 -0.20 8.44
N TRP A 28 -1.67 -0.34 7.74
CA TRP A 28 -0.91 0.81 7.29
C TRP A 28 -1.70 1.49 6.18
N ILE A 29 -2.16 0.68 5.23
CA ILE A 29 -2.93 1.19 4.11
C ILE A 29 -4.24 1.80 4.63
N THR A 30 -4.94 1.02 5.44
CA THR A 30 -6.20 1.47 6.00
C THR A 30 -5.99 2.73 6.84
N LYS A 31 -4.88 2.75 7.55
CA LYS A 31 -4.55 3.89 8.39
C LYS A 31 -4.15 5.07 7.51
N ARG A 32 -3.46 4.75 6.42
CA ARG A 32 -3.02 5.77 5.49
C ARG A 32 -4.21 6.32 4.71
N VAL A 33 -4.99 5.41 4.15
CA VAL A 33 -6.16 5.80 3.38
C VAL A 33 -7.15 6.53 4.28
N THR A 34 -7.32 5.99 5.48
CA THR A 34 -8.22 6.58 6.44
C THR A 34 -7.73 7.96 6.88
N GLU A 35 -6.42 8.05 7.07
CA GLU A 35 -5.80 9.31 7.47
C GLU A 35 -5.77 10.29 6.31
N ILE A 36 -5.70 9.72 5.11
CA ILE A 36 -5.67 10.55 3.90
C ILE A 36 -6.91 11.44 3.86
N LEU A 37 -8.06 10.81 4.11
CA LEU A 37 -9.32 11.54 4.11
C LEU A 37 -9.73 11.84 5.55
N GLY A 38 -9.64 10.81 6.39
CA GLY A 38 -10.01 10.96 7.78
C GLY A 38 -11.02 9.88 8.20
N PHE A 39 -11.53 9.19 7.21
CA PHE A 39 -12.50 8.13 7.45
C PHE A 39 -12.08 6.82 6.77
N GLU A 40 -12.55 5.72 7.34
CA GLU A 40 -12.23 4.41 6.80
C GLU A 40 -13.00 4.17 5.51
N ASP A 41 -12.27 4.13 4.41
CA ASP A 41 -12.88 3.90 3.11
C ASP A 41 -13.28 2.43 2.99
N ASP A 42 -13.28 1.94 1.77
CA ASP A 42 -13.63 0.56 1.50
C ASP A 42 -13.24 0.19 0.07
N VAL A 43 -13.71 1.00 -0.86
CA VAL A 43 -13.42 0.77 -2.27
C VAL A 43 -11.91 0.91 -2.50
N VAL A 44 -11.34 1.93 -1.87
CA VAL A 44 -9.92 2.19 -1.99
C VAL A 44 -9.14 1.10 -1.24
N ILE A 45 -9.63 0.77 -0.06
CA ILE A 45 -8.99 -0.25 0.76
C ILE A 45 -9.03 -1.59 0.02
N GLU A 46 -10.21 -1.89 -0.52
CA GLU A 46 -10.39 -3.14 -1.25
C GLU A 46 -9.47 -3.17 -2.47
N PHE A 47 -9.37 -2.03 -3.14
CA PHE A 47 -8.54 -1.92 -4.32
C PHE A 47 -7.08 -2.30 -4.00
N ILE A 48 -6.61 -1.78 -2.88
CA ILE A 48 -5.24 -2.06 -2.46
C ILE A 48 -5.14 -3.52 -1.99
N PHE A 49 -6.11 -3.91 -1.17
CA PHE A 49 -6.14 -5.27 -0.66
C PHE A 49 -6.30 -6.28 -1.80
N ASN A 50 -7.28 -6.02 -2.65
CA ASN A 50 -7.54 -6.90 -3.78
C ASN A 50 -6.31 -6.95 -4.67
N GLN A 51 -5.68 -5.80 -4.85
CA GLN A 51 -4.50 -5.70 -5.68
C GLN A 51 -3.30 -6.35 -4.97
N LEU A 52 -3.26 -6.13 -3.67
CA LEU A 52 -2.17 -6.69 -2.86
C LEU A 52 -2.45 -8.16 -2.58
N GLU A 53 -3.60 -8.61 -3.06
CA GLU A 53 -3.99 -10.00 -2.86
C GLU A 53 -3.39 -10.89 -3.96
N VAL A 54 -2.76 -10.23 -4.93
CA VAL A 54 -2.14 -10.94 -6.03
C VAL A 54 -0.63 -11.08 -5.76
N LYS A 55 0.07 -11.56 -6.76
CA LYS A 55 1.51 -11.76 -6.64
C LYS A 55 2.23 -10.62 -7.37
N ASN A 56 1.49 -9.97 -8.26
CA ASN A 56 2.04 -8.87 -9.04
C ASN A 56 1.01 -7.76 -9.13
N PRO A 57 1.00 -6.89 -8.09
CA PRO A 57 0.07 -5.77 -8.05
C PRO A 57 0.50 -4.66 -9.01
N ASP A 58 -0.50 -3.98 -9.55
CA ASP A 58 -0.23 -2.89 -10.47
C ASP A 58 -0.35 -1.55 -9.74
N SER A 59 0.76 -1.16 -9.13
CA SER A 59 0.80 0.10 -8.38
C SER A 59 0.02 1.18 -9.13
N LYS A 60 0.06 1.07 -10.45
CA LYS A 60 -0.64 2.03 -11.29
C LYS A 60 -2.13 2.01 -10.96
N MET A 61 -2.69 0.81 -10.95
CA MET A 61 -4.10 0.64 -10.64
C MET A 61 -4.38 0.99 -9.19
N MET A 62 -3.40 0.75 -8.35
CA MET A 62 -3.53 1.04 -6.93
C MET A 62 -3.75 2.54 -6.68
N GLN A 63 -2.82 3.32 -7.23
CA GLN A 63 -2.90 4.77 -7.08
C GLN A 63 -4.05 5.33 -7.92
N ILE A 64 -4.27 4.68 -9.05
CA ILE A 64 -5.33 5.11 -9.96
C ILE A 64 -6.68 4.97 -9.24
N ASN A 65 -6.81 3.89 -8.49
CA ASN A 65 -8.04 3.64 -7.75
C ASN A 65 -8.15 4.62 -6.59
N LEU A 66 -7.01 4.90 -5.98
CA LEU A 66 -6.96 5.82 -4.85
C LEU A 66 -7.37 7.22 -5.33
N THR A 67 -6.88 7.58 -6.50
CA THR A 67 -7.18 8.88 -7.08
C THR A 67 -8.70 9.04 -7.25
N GLY A 68 -9.38 7.91 -7.30
CA GLY A 68 -10.82 7.92 -7.46
C GLY A 68 -11.52 8.31 -6.16
N PHE A 69 -10.74 8.31 -5.09
CA PHE A 69 -11.27 8.68 -3.78
C PHE A 69 -10.46 9.82 -3.16
N LEU A 70 -9.15 9.65 -3.16
CA LEU A 70 -8.26 10.65 -2.61
C LEU A 70 -8.38 11.94 -3.43
N ASN A 71 -7.39 12.80 -3.26
CA ASN A 71 -7.36 14.07 -3.98
C ASN A 71 -6.55 13.91 -5.26
N GLY A 72 -5.90 12.76 -5.38
CA GLY A 72 -5.09 12.48 -6.55
C GLY A 72 -3.60 12.57 -6.22
N LYS A 73 -3.23 13.69 -5.63
CA LYS A 73 -1.84 13.93 -5.26
C LYS A 73 -1.46 12.99 -4.11
N ASN A 74 -2.45 12.75 -3.26
CA ASN A 74 -2.24 11.88 -2.10
C ASN A 74 -2.08 10.43 -2.59
N ALA A 75 -2.77 10.14 -3.69
CA ALA A 75 -2.72 8.80 -4.26
C ALA A 75 -1.31 8.51 -4.76
N ARG A 76 -0.73 9.51 -5.42
CA ARG A 76 0.62 9.37 -5.95
C ARG A 76 1.64 9.31 -4.81
N GLU A 77 1.41 10.16 -3.82
CA GLU A 77 2.30 10.22 -2.67
C GLU A 77 2.09 9.00 -1.78
N PHE A 78 0.83 8.58 -1.69
CA PHE A 78 0.49 7.42 -0.87
C PHE A 78 1.24 6.17 -1.34
N MET A 79 1.20 5.96 -2.65
CA MET A 79 1.87 4.82 -3.24
C MET A 79 3.38 4.88 -3.03
N GLY A 80 3.87 6.11 -2.91
CA GLY A 80 5.29 6.33 -2.71
C GLY A 80 5.67 6.11 -1.24
N GLU A 81 4.75 5.50 -0.50
CA GLU A 81 4.98 5.23 0.90
C GLU A 81 4.70 3.76 1.21
N LEU A 82 3.73 3.20 0.48
CA LEU A 82 3.37 1.81 0.66
C LEU A 82 4.09 0.95 -0.38
N TRP A 83 4.26 1.52 -1.55
CA TRP A 83 4.92 0.81 -2.64
C TRP A 83 6.36 0.52 -2.19
N PRO A 84 6.98 1.53 -1.55
CA PRO A 84 8.34 1.38 -1.06
C PRO A 84 8.38 0.51 0.20
N LEU A 85 7.28 0.51 0.93
CA LEU A 85 7.19 -0.27 2.14
C LEU A 85 7.42 -1.75 1.81
N LEU A 86 6.79 -2.18 0.73
CA LEU A 86 6.91 -3.56 0.29
C LEU A 86 8.32 -3.80 -0.27
N LEU A 87 8.86 -2.74 -0.88
CA LEU A 87 10.19 -2.82 -1.45
C LEU A 87 11.17 -3.32 -0.40
N SER A 88 11.07 -2.74 0.79
CA SER A 88 11.94 -3.12 1.89
C SER A 88 11.45 -4.41 2.52
N ALA A 89 10.12 -4.57 2.52
CA ALA A 89 9.51 -5.76 3.09
C ALA A 89 9.96 -6.99 2.31
N GLN A 90 9.88 -6.86 0.99
CA GLN A 90 10.27 -7.96 0.11
C GLN A 90 11.74 -8.31 0.32
N GLU A 91 12.45 -7.39 0.96
CA GLU A 91 13.86 -7.59 1.24
C GLU A 91 14.05 -8.32 2.57
N ASN A 92 12.97 -8.40 3.32
CA ASN A 92 13.00 -9.07 4.61
C ASN A 92 12.78 -10.57 4.41
N ILE A 93 12.49 -11.24 5.51
CA ILE A 93 12.26 -12.67 5.47
C ILE A 93 10.77 -12.96 5.73
N ALA A 94 10.23 -12.24 6.72
CA ALA A 94 8.83 -12.40 7.07
C ALA A 94 7.98 -11.50 6.17
N GLY A 95 8.65 -10.82 5.26
CA GLY A 95 7.96 -9.92 4.34
C GLY A 95 7.38 -8.72 5.08
N ILE A 96 8.15 -8.22 6.04
CA ILE A 96 7.74 -7.07 6.81
C ILE A 96 8.70 -5.92 6.58
N PRO A 97 8.13 -4.69 6.47
CA PRO A 97 8.93 -3.49 6.24
C PRO A 97 9.66 -3.08 7.52
N SER A 98 10.80 -2.43 7.33
CA SER A 98 11.59 -1.98 8.46
C SER A 98 10.81 -0.95 9.27
N ALA A 99 9.77 -0.42 8.64
CA ALA A 99 8.93 0.58 9.29
C ALA A 99 8.31 -0.02 10.55
N PHE A 100 8.13 -1.34 10.51
CA PHE A 100 7.54 -2.05 11.64
C PHE A 100 8.63 -2.71 12.49
N LEU A 101 9.65 -3.22 11.80
CA LEU A 101 10.75 -3.88 12.48
C LEU A 101 11.32 -2.95 13.55
N GLU A 102 11.95 -1.88 13.07
CA GLU A 102 12.55 -0.89 13.96
C GLU A 102 11.53 -0.47 15.03
N LEU A 103 10.46 0.16 14.56
CA LEU A 103 9.42 0.62 15.47
C LEU A 103 8.80 -0.58 16.18
N LYS A 104 7.73 -0.31 16.91
CA LYS A 104 7.04 -1.36 17.65
C LYS A 104 5.97 -1.98 16.76
N LYS A 105 5.99 -3.29 16.69
CA LYS A 105 5.03 -4.02 15.89
C LYS A 105 3.62 -3.76 16.41
N GLU A 106 2.71 -3.48 15.48
CA GLU A 106 1.33 -3.21 15.84
C GLU A 106 0.63 -4.50 16.27
N GLU A 107 -0.18 -4.38 17.31
CA GLU A 107 -0.91 -5.51 17.83
C GLU A 107 -1.81 -6.10 16.75
N ILE A 108 -1.81 -7.43 16.68
CA ILE A 108 -2.62 -8.14 15.69
C ILE A 108 -4.10 -7.85 15.96
N LYS A 109 -4.82 -7.52 14.90
CA LYS A 109 -6.23 -7.23 15.00
C LYS A 109 -7.02 -8.53 14.91
N GLN A 110 -8.29 -8.45 15.29
CA GLN A 110 -9.16 -9.61 15.26
C GLN A 110 -9.09 -10.28 13.89
N ARG A 111 -9.68 -11.46 13.81
CA ARG A 111 -9.70 -12.21 12.57
C ARG A 111 -11.13 -12.40 12.08
N SER A 1 -12.18 0.51 -11.13
CA SER A 1 -11.85 0.98 -12.46
C SER A 1 -12.82 2.08 -12.88
N HIS A 2 -13.07 2.99 -11.95
CA HIS A 2 -13.97 4.10 -12.22
C HIS A 2 -13.18 5.41 -12.23
N MET A 3 -12.00 5.34 -12.82
CA MET A 3 -11.13 6.52 -12.91
C MET A 3 -9.79 6.16 -13.54
N GLN A 4 -9.16 7.18 -14.11
CA GLN A 4 -7.87 6.99 -14.76
C GLN A 4 -7.06 8.28 -14.72
N LEU A 5 -5.76 8.12 -14.59
CA LEU A 5 -4.86 9.27 -14.52
C LEU A 5 -3.40 8.78 -14.59
N LYS A 6 -2.50 9.71 -14.38
CA LYS A 6 -1.08 9.39 -14.41
C LYS A 6 -0.62 8.98 -13.01
N PHE A 7 0.44 8.18 -12.98
CA PHE A 7 0.97 7.71 -11.72
C PHE A 7 2.40 8.21 -11.50
N ALA A 8 3.04 7.69 -10.47
CA ALA A 8 4.39 8.09 -10.14
C ALA A 8 5.38 7.21 -10.91
N GLU A 9 6.64 7.31 -10.53
CA GLU A 9 7.69 6.53 -11.18
C GLU A 9 8.14 5.38 -10.26
N CYS A 10 8.33 5.72 -8.99
CA CYS A 10 8.75 4.74 -8.01
C CYS A 10 7.80 3.54 -8.09
N LEU A 11 6.61 3.80 -8.62
CA LEU A 11 5.61 2.77 -8.76
C LEU A 11 6.12 1.70 -9.74
N GLU A 12 7.20 2.04 -10.43
CA GLU A 12 7.78 1.13 -11.40
C GLU A 12 8.90 0.30 -10.75
N LYS A 13 8.81 0.20 -9.43
CA LYS A 13 9.80 -0.55 -8.67
C LYS A 13 9.32 -2.00 -8.51
N LYS A 14 8.06 -2.22 -8.91
CA LYS A 14 7.47 -3.54 -8.82
C LYS A 14 7.58 -4.04 -7.37
N VAL A 15 6.93 -5.16 -7.12
CA VAL A 15 6.95 -5.75 -5.80
C VAL A 15 6.75 -7.27 -5.92
N ASP A 16 6.30 -7.87 -4.82
CA ASP A 16 6.07 -9.30 -4.78
C ASP A 16 5.48 -9.68 -3.42
N MET A 17 4.15 -9.78 -3.40
CA MET A 17 3.45 -10.14 -2.17
C MET A 17 3.85 -11.55 -1.71
N SER A 18 4.28 -12.35 -2.66
CA SER A 18 4.68 -13.71 -2.37
C SER A 18 6.01 -13.71 -1.61
N LYS A 19 6.58 -12.52 -1.48
CA LYS A 19 7.85 -12.37 -0.78
C LYS A 19 7.65 -11.46 0.42
N VAL A 20 6.83 -10.43 0.22
CA VAL A 20 6.55 -9.48 1.29
C VAL A 20 5.10 -9.68 1.76
N ASN A 21 4.89 -9.36 3.03
CA ASN A 21 3.57 -9.49 3.63
C ASN A 21 2.78 -8.19 3.41
N LEU A 22 1.59 -8.34 2.85
CA LEU A 22 0.73 -7.21 2.59
C LEU A 22 -0.19 -6.98 3.78
N GLU A 23 -0.46 -8.07 4.50
CA GLU A 23 -1.32 -7.99 5.66
C GLU A 23 -0.75 -7.00 6.69
N VAL A 24 0.57 -7.03 6.83
CA VAL A 24 1.24 -6.15 7.76
C VAL A 24 1.07 -4.70 7.30
N ILE A 25 0.55 -4.56 6.10
CA ILE A 25 0.33 -3.23 5.53
C ILE A 25 -1.17 -2.93 5.52
N LYS A 26 -1.94 -3.89 6.01
CA LYS A 26 -3.39 -3.75 6.06
C LYS A 26 -3.73 -2.52 6.91
N PRO A 27 -3.09 -2.45 8.11
CA PRO A 27 -3.33 -1.33 9.01
C PRO A 27 -2.63 -0.07 8.52
N TRP A 28 -1.53 -0.28 7.80
CA TRP A 28 -0.77 0.84 7.27
C TRP A 28 -1.57 1.46 6.13
N ILE A 29 -2.07 0.60 5.25
CA ILE A 29 -2.85 1.06 4.12
C ILE A 29 -4.19 1.60 4.62
N THR A 30 -4.86 0.79 5.42
CA THR A 30 -6.15 1.18 5.96
C THR A 30 -6.02 2.48 6.75
N LYS A 31 -4.93 2.59 7.49
CA LYS A 31 -4.68 3.78 8.30
C LYS A 31 -4.30 4.93 7.37
N ARG A 32 -3.52 4.61 6.35
CA ARG A 32 -3.08 5.61 5.39
C ARG A 32 -4.27 6.12 4.57
N VAL A 33 -5.01 5.17 4.02
CA VAL A 33 -6.17 5.51 3.22
C VAL A 33 -7.20 6.24 4.09
N THR A 34 -7.34 5.77 5.31
CA THR A 34 -8.27 6.38 6.25
C THR A 34 -7.78 7.75 6.67
N GLU A 35 -6.48 7.85 6.89
CA GLU A 35 -5.87 9.11 7.30
C GLU A 35 -5.83 10.08 6.12
N ILE A 36 -5.74 9.51 4.92
CA ILE A 36 -5.68 10.31 3.71
C ILE A 36 -6.91 11.21 3.65
N LEU A 37 -8.07 10.63 3.90
CA LEU A 37 -9.32 11.35 3.88
C LEU A 37 -9.73 11.69 5.32
N GLY A 38 -9.66 10.69 6.17
CA GLY A 38 -10.03 10.85 7.56
C GLY A 38 -11.06 9.80 7.99
N PHE A 39 -11.58 9.09 7.01
CA PHE A 39 -12.57 8.07 7.27
C PHE A 39 -12.15 6.74 6.64
N GLU A 40 -12.66 5.65 7.22
CA GLU A 40 -12.36 4.32 6.73
C GLU A 40 -13.03 4.08 5.38
N ASP A 41 -12.22 4.00 4.34
CA ASP A 41 -12.72 3.77 3.00
C ASP A 41 -13.08 2.29 2.83
N ASP A 42 -13.37 1.92 1.59
CA ASP A 42 -13.73 0.55 1.29
C ASP A 42 -13.33 0.23 -0.15
N VAL A 43 -13.80 1.08 -1.05
CA VAL A 43 -13.50 0.89 -2.46
C VAL A 43 -12.00 1.05 -2.69
N VAL A 44 -11.41 2.01 -1.99
CA VAL A 44 -9.99 2.27 -2.10
C VAL A 44 -9.22 1.13 -1.43
N ILE A 45 -9.69 0.76 -0.25
CA ILE A 45 -9.05 -0.31 0.50
C ILE A 45 -9.14 -1.62 -0.30
N GLU A 46 -10.32 -1.87 -0.84
CA GLU A 46 -10.55 -3.07 -1.62
C GLU A 46 -9.57 -3.12 -2.79
N PHE A 47 -9.39 -1.98 -3.42
CA PHE A 47 -8.49 -1.88 -4.57
C PHE A 47 -7.08 -2.31 -4.18
N ILE A 48 -6.61 -1.79 -3.06
CA ILE A 48 -5.29 -2.11 -2.58
C ILE A 48 -5.28 -3.55 -2.04
N PHE A 49 -6.34 -3.88 -1.34
CA PHE A 49 -6.48 -5.21 -0.76
C PHE A 49 -6.56 -6.28 -1.87
N ASN A 50 -7.43 -6.02 -2.82
CA ASN A 50 -7.61 -6.94 -3.94
C ASN A 50 -6.33 -6.99 -4.77
N GLN A 51 -5.72 -5.82 -4.92
CA GLN A 51 -4.49 -5.73 -5.69
C GLN A 51 -3.32 -6.34 -4.91
N LEU A 52 -3.34 -6.10 -3.62
CA LEU A 52 -2.29 -6.62 -2.74
C LEU A 52 -2.57 -8.10 -2.44
N GLU A 53 -3.70 -8.57 -2.95
CA GLU A 53 -4.10 -9.94 -2.74
C GLU A 53 -3.41 -10.86 -3.76
N VAL A 54 -2.77 -10.22 -4.73
CA VAL A 54 -2.07 -10.96 -5.77
C VAL A 54 -0.59 -11.05 -5.41
N LYS A 55 0.20 -11.50 -6.38
CA LYS A 55 1.63 -11.63 -6.19
C LYS A 55 2.34 -10.50 -6.91
N ASN A 56 1.63 -9.89 -7.84
CA ASN A 56 2.19 -8.78 -8.61
C ASN A 56 1.10 -7.72 -8.84
N PRO A 57 1.00 -6.78 -7.87
CA PRO A 57 0.02 -5.71 -7.94
C PRO A 57 0.43 -4.67 -8.97
N ASP A 58 -0.56 -4.01 -9.54
CA ASP A 58 -0.33 -2.98 -10.54
C ASP A 58 -0.37 -1.61 -9.86
N SER A 59 0.76 -1.20 -9.33
CA SER A 59 0.86 0.09 -8.67
C SER A 59 0.19 1.16 -9.50
N LYS A 60 0.12 0.90 -10.80
CA LYS A 60 -0.49 1.85 -11.72
C LYS A 60 -1.97 1.99 -11.38
N MET A 61 -2.64 0.86 -11.26
CA MET A 61 -4.05 0.85 -10.94
C MET A 61 -4.28 1.27 -9.49
N MET A 62 -3.29 0.99 -8.66
CA MET A 62 -3.38 1.33 -7.25
C MET A 62 -3.57 2.84 -7.06
N GLN A 63 -2.67 3.60 -7.68
CA GLN A 63 -2.73 5.05 -7.59
C GLN A 63 -3.91 5.58 -8.38
N ILE A 64 -4.21 4.90 -9.48
CA ILE A 64 -5.32 5.29 -10.33
C ILE A 64 -6.63 5.15 -9.57
N ASN A 65 -6.72 4.06 -8.81
CA ASN A 65 -7.91 3.79 -8.02
C ASN A 65 -7.94 4.73 -6.82
N LEU A 66 -6.78 4.92 -6.22
CA LEU A 66 -6.67 5.79 -5.06
C LEU A 66 -7.04 7.22 -5.47
N THR A 67 -6.48 7.64 -6.60
CA THR A 67 -6.74 8.98 -7.11
C THR A 67 -8.24 9.18 -7.35
N GLY A 68 -8.93 8.06 -7.52
CA GLY A 68 -10.37 8.09 -7.75
C GLY A 68 -11.11 8.54 -6.49
N PHE A 69 -10.52 8.25 -5.35
CA PHE A 69 -11.11 8.60 -4.08
C PHE A 69 -10.31 9.71 -3.39
N LEU A 70 -8.99 9.57 -3.46
CA LEU A 70 -8.10 10.55 -2.86
C LEU A 70 -8.19 11.87 -3.62
N ASN A 71 -7.24 12.74 -3.34
CA ASN A 71 -7.19 14.04 -3.99
C ASN A 71 -6.27 13.95 -5.22
N GLY A 72 -5.50 12.88 -5.26
CA GLY A 72 -4.58 12.67 -6.37
C GLY A 72 -3.13 12.77 -5.89
N LYS A 73 -2.83 13.86 -5.19
CA LYS A 73 -1.50 14.09 -4.68
C LYS A 73 -1.19 13.08 -3.57
N ASN A 74 -2.22 12.80 -2.78
CA ASN A 74 -2.09 11.85 -1.68
C ASN A 74 -1.87 10.45 -2.24
N ALA A 75 -2.46 10.21 -3.41
CA ALA A 75 -2.34 8.93 -4.06
C ALA A 75 -0.88 8.69 -4.46
N ARG A 76 -0.25 9.77 -4.91
CA ARG A 76 1.15 9.70 -5.32
C ARG A 76 2.05 9.50 -4.10
N GLU A 77 1.72 10.20 -3.03
CA GLU A 77 2.49 10.10 -1.81
C GLU A 77 2.22 8.76 -1.11
N PHE A 78 0.97 8.33 -1.19
CA PHE A 78 0.58 7.08 -0.58
C PHE A 78 1.31 5.89 -1.22
N MET A 79 1.29 5.87 -2.54
CA MET A 79 1.95 4.80 -3.29
C MET A 79 3.46 4.87 -3.10
N GLY A 80 3.96 6.09 -2.99
CA GLY A 80 5.39 6.31 -2.82
C GLY A 80 5.80 6.06 -1.36
N GLU A 81 4.88 5.48 -0.61
CA GLU A 81 5.14 5.18 0.80
C GLU A 81 4.79 3.73 1.10
N LEU A 82 3.83 3.20 0.35
CA LEU A 82 3.40 1.83 0.54
C LEU A 82 4.12 0.94 -0.48
N TRP A 83 4.31 1.49 -1.67
CA TRP A 83 4.98 0.75 -2.74
C TRP A 83 6.40 0.43 -2.26
N PRO A 84 7.04 1.45 -1.63
CA PRO A 84 8.39 1.30 -1.13
C PRO A 84 8.41 0.44 0.14
N LEU A 85 7.30 0.49 0.86
CA LEU A 85 7.18 -0.26 2.10
C LEU A 85 7.39 -1.74 1.80
N LEU A 86 6.81 -2.18 0.69
CA LEU A 86 6.93 -3.57 0.28
C LEU A 86 8.34 -3.84 -0.24
N LEU A 87 8.91 -2.80 -0.86
CA LEU A 87 10.25 -2.91 -1.40
C LEU A 87 11.20 -3.38 -0.31
N SER A 88 11.05 -2.78 0.86
CA SER A 88 11.90 -3.12 1.99
C SER A 88 11.42 -4.43 2.62
N ALA A 89 10.12 -4.62 2.61
CA ALA A 89 9.51 -5.81 3.17
C ALA A 89 9.98 -7.04 2.36
N GLN A 90 9.93 -6.89 1.05
CA GLN A 90 10.34 -7.97 0.17
C GLN A 90 11.83 -8.28 0.37
N GLU A 91 12.51 -7.34 1.00
CA GLU A 91 13.93 -7.51 1.27
C GLU A 91 14.15 -8.21 2.61
N ASN A 92 13.06 -8.33 3.36
CA ASN A 92 13.12 -8.97 4.66
C ASN A 92 12.89 -10.48 4.49
N ILE A 93 12.62 -11.13 5.61
CA ILE A 93 12.39 -12.57 5.59
C ILE A 93 10.91 -12.84 5.88
N ALA A 94 10.39 -12.11 6.87
CA ALA A 94 9.00 -12.27 7.25
C ALA A 94 8.13 -11.36 6.38
N GLY A 95 8.78 -10.76 5.38
CA GLY A 95 8.07 -9.87 4.47
C GLY A 95 7.49 -8.67 5.21
N ILE A 96 8.28 -8.16 6.15
CA ILE A 96 7.86 -7.02 6.95
C ILE A 96 8.83 -5.85 6.70
N PRO A 97 8.23 -4.64 6.55
CA PRO A 97 9.03 -3.45 6.31
C PRO A 97 9.73 -2.99 7.60
N SER A 98 10.90 -2.40 7.41
CA SER A 98 11.68 -1.92 8.54
C SER A 98 10.87 -0.89 9.33
N ALA A 99 9.83 -0.38 8.69
CA ALA A 99 8.97 0.60 9.32
C ALA A 99 8.36 0.00 10.59
N PHE A 100 8.21 -1.31 10.57
CA PHE A 100 7.64 -2.02 11.71
C PHE A 100 8.73 -2.67 12.56
N LEU A 101 9.72 -3.23 11.86
CA LEU A 101 10.83 -3.89 12.53
C LEU A 101 11.36 -2.97 13.64
N GLU A 102 11.94 -1.85 13.21
CA GLU A 102 12.49 -0.88 14.14
C GLU A 102 11.54 -0.70 15.33
N LEU A 103 10.31 -0.34 15.02
CA LEU A 103 9.31 -0.13 16.05
C LEU A 103 9.36 -1.28 17.05
N LYS A 104 9.64 -2.46 16.53
CA LYS A 104 9.71 -3.66 17.36
C LYS A 104 8.34 -3.95 17.96
N LYS A 105 7.33 -3.87 17.10
CA LYS A 105 5.97 -4.12 17.54
C LYS A 105 5.21 -4.86 16.43
N GLU A 106 5.55 -6.14 16.30
CA GLU A 106 4.91 -6.98 15.30
C GLU A 106 3.49 -7.33 15.72
N GLU A 107 3.39 -8.21 16.69
CA GLU A 107 2.09 -8.63 17.19
C GLU A 107 1.20 -9.10 16.04
N ILE A 108 1.48 -10.32 15.57
CA ILE A 108 0.73 -10.89 14.48
C ILE A 108 0.34 -12.33 14.83
N LYS A 109 -0.97 -12.57 14.85
CA LYS A 109 -1.48 -13.89 15.16
C LYS A 109 -0.60 -14.95 14.50
N GLN A 110 -0.73 -15.04 13.18
CA GLN A 110 0.04 -15.99 12.41
C GLN A 110 -0.54 -17.40 12.59
N ARG A 111 -0.76 -18.06 11.46
CA ARG A 111 -1.31 -19.41 11.47
C ARG A 111 -0.20 -20.43 11.73
N SER A 1 -13.89 3.27 -16.84
CA SER A 1 -13.32 2.44 -15.80
C SER A 1 -13.66 3.03 -14.42
N HIS A 2 -13.22 4.26 -14.21
CA HIS A 2 -13.48 4.94 -12.95
C HIS A 2 -12.76 6.29 -12.95
N MET A 3 -11.61 6.32 -13.59
CA MET A 3 -10.82 7.54 -13.67
C MET A 3 -9.68 7.39 -14.68
N GLN A 4 -8.54 6.94 -14.16
CA GLN A 4 -7.37 6.75 -14.99
C GLN A 4 -6.57 8.05 -15.11
N LEU A 5 -5.29 7.95 -14.81
CA LEU A 5 -4.42 9.11 -14.87
C LEU A 5 -2.96 8.65 -14.82
N LYS A 6 -2.07 9.62 -14.70
CA LYS A 6 -0.65 9.33 -14.64
C LYS A 6 -0.26 9.00 -13.20
N PHE A 7 0.74 8.14 -13.07
CA PHE A 7 1.22 7.73 -11.76
C PHE A 7 2.66 8.19 -11.53
N ALA A 8 3.19 7.83 -10.37
CA ALA A 8 4.55 8.18 -10.02
C ALA A 8 5.52 7.30 -10.79
N GLU A 9 6.79 7.40 -10.42
CA GLU A 9 7.82 6.61 -11.07
C GLU A 9 8.24 5.44 -10.19
N CYS A 10 8.41 5.74 -8.90
CA CYS A 10 8.80 4.72 -7.94
C CYS A 10 7.86 3.54 -8.08
N LEU A 11 6.67 3.83 -8.60
CA LEU A 11 5.66 2.79 -8.79
C LEU A 11 6.19 1.74 -9.76
N GLU A 12 7.28 2.09 -10.44
CA GLU A 12 7.91 1.19 -11.39
C GLU A 12 9.00 0.37 -10.71
N LYS A 13 8.83 0.20 -9.41
CA LYS A 13 9.80 -0.56 -8.63
C LYS A 13 9.29 -2.00 -8.45
N LYS A 14 8.05 -2.21 -8.88
CA LYS A 14 7.44 -3.52 -8.78
C LYS A 14 7.55 -4.02 -7.34
N VAL A 15 6.92 -5.16 -7.10
CA VAL A 15 6.94 -5.76 -5.78
C VAL A 15 6.77 -7.28 -5.90
N ASP A 16 6.36 -7.89 -4.80
CA ASP A 16 6.15 -9.33 -4.77
C ASP A 16 5.54 -9.72 -3.43
N MET A 17 4.22 -9.81 -3.42
CA MET A 17 3.50 -10.18 -2.22
C MET A 17 3.89 -11.58 -1.75
N SER A 18 4.33 -12.38 -2.71
CA SER A 18 4.74 -13.75 -2.41
C SER A 18 6.06 -13.75 -1.65
N LYS A 19 6.64 -12.56 -1.54
CA LYS A 19 7.90 -12.41 -0.83
C LYS A 19 7.70 -11.51 0.39
N VAL A 20 6.88 -10.49 0.20
CA VAL A 20 6.59 -9.54 1.27
C VAL A 20 5.14 -9.74 1.74
N ASN A 21 4.94 -9.43 3.00
CA ASN A 21 3.61 -9.57 3.59
C ASN A 21 2.81 -8.28 3.34
N LEU A 22 1.61 -8.46 2.81
CA LEU A 22 0.74 -7.34 2.51
C LEU A 22 -0.17 -7.08 3.71
N GLU A 23 -0.44 -8.14 4.46
CA GLU A 23 -1.29 -8.04 5.63
C GLU A 23 -0.72 -7.01 6.61
N VAL A 24 0.60 -7.01 6.70
CA VAL A 24 1.28 -6.08 7.60
C VAL A 24 1.12 -4.65 7.06
N ILE A 25 0.55 -4.56 5.88
CA ILE A 25 0.34 -3.27 5.26
C ILE A 25 -1.16 -2.95 5.23
N LYS A 26 -1.95 -3.96 5.60
CA LYS A 26 -3.40 -3.81 5.62
C LYS A 26 -3.76 -2.63 6.53
N PRO A 27 -3.15 -2.64 7.75
CA PRO A 27 -3.40 -1.58 8.72
C PRO A 27 -2.69 -0.29 8.31
N TRP A 28 -1.58 -0.45 7.60
CA TRP A 28 -0.81 0.69 7.16
C TRP A 28 -1.56 1.36 6.01
N ILE A 29 -2.09 0.52 5.13
CA ILE A 29 -2.84 1.02 3.98
C ILE A 29 -4.19 1.52 4.45
N THR A 30 -4.89 0.66 5.19
CA THR A 30 -6.20 1.01 5.71
C THR A 30 -6.12 2.28 6.55
N LYS A 31 -5.04 2.40 7.29
CA LYS A 31 -4.83 3.56 8.15
C LYS A 31 -4.45 4.77 7.28
N ARG A 32 -3.60 4.50 6.31
CA ARG A 32 -3.15 5.56 5.40
C ARG A 32 -4.33 6.11 4.61
N VAL A 33 -5.08 5.19 4.01
CA VAL A 33 -6.24 5.58 3.22
C VAL A 33 -7.25 6.29 4.11
N THR A 34 -7.41 5.76 5.31
CA THR A 34 -8.34 6.35 6.27
C THR A 34 -7.84 7.72 6.73
N GLU A 35 -6.55 7.79 6.98
CA GLU A 35 -5.93 9.02 7.42
C GLU A 35 -5.86 10.03 6.26
N ILE A 36 -5.77 9.49 5.06
CA ILE A 36 -5.69 10.31 3.87
C ILE A 36 -6.91 11.24 3.83
N LEU A 37 -8.08 10.65 4.05
CA LEU A 37 -9.32 11.40 4.03
C LEU A 37 -9.74 11.71 5.47
N GLY A 38 -9.68 10.69 6.31
CA GLY A 38 -10.05 10.83 7.70
C GLY A 38 -11.07 9.76 8.11
N PHE A 39 -11.60 9.08 7.10
CA PHE A 39 -12.58 8.04 7.35
C PHE A 39 -12.18 6.74 6.66
N GLU A 40 -12.66 5.64 7.22
CA GLU A 40 -12.36 4.32 6.66
C GLU A 40 -13.12 4.11 5.35
N ASP A 41 -12.38 4.13 4.26
CA ASP A 41 -12.95 3.95 2.94
C ASP A 41 -13.39 2.49 2.79
N ASP A 42 -13.37 2.03 1.54
CA ASP A 42 -13.76 0.66 1.24
C ASP A 42 -13.36 0.32 -0.20
N VAL A 43 -13.78 1.19 -1.10
CA VAL A 43 -13.48 1.00 -2.51
C VAL A 43 -11.97 1.11 -2.73
N VAL A 44 -11.37 2.08 -2.06
CA VAL A 44 -9.94 2.29 -2.16
C VAL A 44 -9.20 1.17 -1.44
N ILE A 45 -9.72 0.82 -0.26
CA ILE A 45 -9.12 -0.23 0.54
C ILE A 45 -9.19 -1.55 -0.24
N GLU A 46 -10.37 -1.84 -0.75
CA GLU A 46 -10.57 -3.06 -1.51
C GLU A 46 -9.60 -3.12 -2.69
N PHE A 47 -9.44 -1.98 -3.33
CA PHE A 47 -8.54 -1.88 -4.48
C PHE A 47 -7.12 -2.31 -4.10
N ILE A 48 -6.66 -1.79 -2.97
CA ILE A 48 -5.33 -2.11 -2.49
C ILE A 48 -5.31 -3.55 -1.98
N PHE A 49 -6.32 -3.89 -1.21
CA PHE A 49 -6.43 -5.22 -0.65
C PHE A 49 -6.54 -6.28 -1.76
N ASN A 50 -7.44 -6.00 -2.69
CA ASN A 50 -7.65 -6.91 -3.82
C ASN A 50 -6.39 -6.96 -4.66
N GLN A 51 -5.74 -5.81 -4.78
CA GLN A 51 -4.52 -5.72 -5.56
C GLN A 51 -3.36 -6.39 -4.82
N LEU A 52 -3.35 -6.19 -3.51
CA LEU A 52 -2.30 -6.77 -2.67
C LEU A 52 -2.60 -8.25 -2.44
N GLU A 53 -3.76 -8.67 -2.92
CA GLU A 53 -4.18 -10.05 -2.77
C GLU A 53 -3.53 -10.93 -3.83
N VAL A 54 -2.79 -10.28 -4.72
CA VAL A 54 -2.10 -10.99 -5.79
C VAL A 54 -0.60 -11.06 -5.47
N LYS A 55 0.15 -11.56 -6.43
CA LYS A 55 1.59 -11.69 -6.26
C LYS A 55 2.29 -10.54 -6.99
N ASN A 56 1.55 -9.91 -7.89
CA ASN A 56 2.09 -8.80 -8.65
C ASN A 56 0.99 -7.73 -8.83
N PRO A 57 0.93 -6.80 -7.84
CA PRO A 57 -0.06 -5.74 -7.89
C PRO A 57 0.33 -4.67 -8.91
N ASP A 58 -0.68 -4.02 -9.45
CA ASP A 58 -0.46 -2.98 -10.44
C ASP A 58 -0.53 -1.62 -9.76
N SER A 59 0.58 -1.23 -9.16
CA SER A 59 0.66 0.06 -8.46
C SER A 59 -0.03 1.13 -9.29
N LYS A 60 -0.06 0.91 -10.60
CA LYS A 60 -0.68 1.86 -11.51
C LYS A 60 -2.17 1.98 -11.16
N MET A 61 -2.83 0.84 -11.10
CA MET A 61 -4.24 0.81 -10.78
C MET A 61 -4.49 1.27 -9.34
N MET A 62 -3.56 0.91 -8.47
CA MET A 62 -3.66 1.28 -7.06
C MET A 62 -3.70 2.80 -6.90
N GLN A 63 -2.72 3.45 -7.50
CA GLN A 63 -2.63 4.91 -7.42
C GLN A 63 -3.81 5.55 -8.16
N ILE A 64 -4.21 4.89 -9.24
CA ILE A 64 -5.32 5.39 -10.04
C ILE A 64 -6.62 5.25 -9.25
N ASN A 65 -6.73 4.13 -8.55
CA ASN A 65 -7.92 3.87 -7.76
C ASN A 65 -8.01 4.89 -6.62
N LEU A 66 -6.86 5.13 -6.00
CA LEU A 66 -6.79 6.09 -4.91
C LEU A 66 -7.25 7.46 -5.39
N THR A 67 -6.77 7.81 -6.58
CA THR A 67 -7.12 9.10 -7.17
C THR A 67 -8.64 9.22 -7.31
N GLY A 68 -9.30 8.07 -7.32
CA GLY A 68 -10.75 8.03 -7.44
C GLY A 68 -11.42 8.47 -6.14
N PHE A 69 -10.62 8.48 -5.08
CA PHE A 69 -11.14 8.87 -3.77
C PHE A 69 -10.30 10.00 -3.18
N LEU A 70 -8.99 9.78 -3.17
CA LEU A 70 -8.06 10.77 -2.64
C LEU A 70 -8.19 12.06 -3.44
N ASN A 71 -7.20 12.93 -3.28
CA ASN A 71 -7.18 14.19 -3.98
C ASN A 71 -6.38 14.05 -5.28
N GLY A 72 -5.63 12.95 -5.34
CA GLY A 72 -4.82 12.69 -6.52
C GLY A 72 -3.32 12.75 -6.17
N LYS A 73 -2.97 13.79 -5.45
CA LYS A 73 -1.58 13.99 -5.04
C LYS A 73 -1.24 13.01 -3.91
N ASN A 74 -2.20 12.83 -3.02
CA ASN A 74 -2.02 11.93 -1.89
C ASN A 74 -1.81 10.51 -2.41
N ALA A 75 -2.43 10.22 -3.55
CA ALA A 75 -2.31 8.91 -4.16
C ALA A 75 -0.86 8.64 -4.52
N ARG A 76 -0.21 9.68 -5.05
CA ARG A 76 1.18 9.57 -5.44
C ARG A 76 2.07 9.43 -4.20
N GLU A 77 1.72 10.18 -3.17
CA GLU A 77 2.47 10.14 -1.93
C GLU A 77 2.21 8.83 -1.18
N PHE A 78 0.97 8.38 -1.26
CA PHE A 78 0.56 7.15 -0.60
C PHE A 78 1.32 5.95 -1.18
N MET A 79 1.31 5.88 -2.50
CA MET A 79 1.97 4.79 -3.19
C MET A 79 3.50 4.87 -3.00
N GLY A 80 3.98 6.09 -2.91
CA GLY A 80 5.41 6.32 -2.73
C GLY A 80 5.82 6.07 -1.27
N GLU A 81 4.90 5.49 -0.53
CA GLU A 81 5.16 5.19 0.88
C GLU A 81 4.82 3.73 1.17
N LEU A 82 3.88 3.20 0.41
CA LEU A 82 3.47 1.82 0.57
C LEU A 82 4.20 0.94 -0.44
N TRP A 83 4.36 1.49 -1.64
CA TRP A 83 5.05 0.76 -2.70
C TRP A 83 6.46 0.46 -2.23
N PRO A 84 7.10 1.47 -1.59
CA PRO A 84 8.45 1.32 -1.09
C PRO A 84 8.47 0.46 0.18
N LEU A 85 7.35 0.51 0.90
CA LEU A 85 7.24 -0.26 2.13
C LEU A 85 7.44 -1.74 1.83
N LEU A 86 6.83 -2.18 0.73
CA LEU A 86 6.94 -3.57 0.32
C LEU A 86 8.35 -3.84 -0.20
N LEU A 87 8.91 -2.81 -0.83
CA LEU A 87 10.25 -2.92 -1.38
C LEU A 87 11.22 -3.38 -0.29
N SER A 88 11.02 -2.83 0.89
CA SER A 88 11.86 -3.17 2.03
C SER A 88 11.43 -4.52 2.61
N ALA A 89 10.12 -4.69 2.72
CA ALA A 89 9.57 -5.93 3.25
C ALA A 89 10.06 -7.10 2.42
N GLN A 90 9.97 -6.94 1.10
CA GLN A 90 10.40 -7.97 0.18
C GLN A 90 11.88 -8.27 0.37
N GLU A 91 12.57 -7.34 1.02
CA GLU A 91 13.99 -7.49 1.27
C GLU A 91 14.21 -8.19 2.61
N ASN A 92 13.14 -8.31 3.37
CA ASN A 92 13.20 -8.95 4.67
C ASN A 92 13.03 -10.46 4.50
N ILE A 93 12.72 -11.12 5.60
CA ILE A 93 12.52 -12.56 5.59
C ILE A 93 11.05 -12.87 5.86
N ALA A 94 10.49 -12.15 6.82
CA ALA A 94 9.10 -12.34 7.19
C ALA A 94 8.22 -11.49 6.28
N GLY A 95 8.87 -10.79 5.37
CA GLY A 95 8.16 -9.93 4.43
C GLY A 95 7.55 -8.72 5.15
N ILE A 96 8.33 -8.19 6.09
CA ILE A 96 7.88 -7.03 6.85
C ILE A 96 8.87 -5.89 6.65
N PRO A 97 8.30 -4.66 6.51
CA PRO A 97 9.12 -3.48 6.31
C PRO A 97 9.80 -3.06 7.62
N SER A 98 10.95 -2.41 7.47
CA SER A 98 11.71 -1.96 8.62
C SER A 98 10.88 -0.94 9.42
N ALA A 99 9.86 -0.41 8.76
CA ALA A 99 8.98 0.56 9.40
C ALA A 99 8.33 -0.07 10.64
N PHE A 100 8.17 -1.37 10.57
CA PHE A 100 7.57 -2.11 11.68
C PHE A 100 8.64 -2.77 12.56
N LEU A 101 9.70 -3.22 11.90
CA LEU A 101 10.79 -3.86 12.60
C LEU A 101 11.34 -2.91 13.67
N GLU A 102 11.96 -1.83 13.20
CA GLU A 102 12.53 -0.85 14.09
C GLU A 102 11.49 -0.40 15.12
N LEU A 103 10.45 0.23 14.62
CA LEU A 103 9.37 0.71 15.48
C LEU A 103 9.08 -0.34 16.56
N LYS A 104 8.62 0.14 17.70
CA LYS A 104 8.30 -0.74 18.81
C LYS A 104 6.83 -0.57 19.17
N LYS A 105 6.33 -1.53 19.95
CA LYS A 105 4.93 -1.51 20.37
C LYS A 105 4.79 -2.35 21.63
N GLU A 106 3.98 -1.84 22.55
CA GLU A 106 3.73 -2.52 23.81
C GLU A 106 3.12 -3.91 23.54
N GLU A 107 3.92 -4.93 23.84
CA GLU A 107 3.48 -6.30 23.64
C GLU A 107 4.42 -7.27 24.36
N ILE A 108 4.28 -7.33 25.67
CA ILE A 108 5.10 -8.21 26.48
C ILE A 108 4.21 -9.20 27.22
N LYS A 109 3.97 -10.33 26.57
CA LYS A 109 3.13 -11.36 27.16
C LYS A 109 1.71 -10.81 27.38
N GLN A 110 0.87 -11.06 26.38
CA GLN A 110 -0.51 -10.59 26.45
C GLN A 110 -1.22 -11.21 27.66
N ARG A 111 -2.06 -10.40 28.28
CA ARG A 111 -2.80 -10.85 29.46
C ARG A 111 -4.22 -10.29 29.43
N SER A 1 -12.25 -0.55 -11.47
CA SER A 1 -11.59 -0.20 -12.71
C SER A 1 -11.96 1.24 -13.11
N HIS A 2 -12.01 2.10 -12.11
CA HIS A 2 -12.35 3.49 -12.34
C HIS A 2 -11.07 4.34 -12.37
N MET A 3 -11.23 5.59 -12.78
CA MET A 3 -10.10 6.49 -12.86
C MET A 3 -9.05 5.97 -13.86
N GLN A 4 -8.17 6.88 -14.26
CA GLN A 4 -7.11 6.53 -15.19
C GLN A 4 -6.15 7.70 -15.36
N LEU A 5 -5.78 8.29 -14.24
CA LEU A 5 -4.86 9.42 -14.25
C LEU A 5 -3.42 8.90 -14.31
N LYS A 6 -2.49 9.82 -14.14
CA LYS A 6 -1.08 9.47 -14.19
C LYS A 6 -0.62 9.08 -12.78
N PHE A 7 0.44 8.28 -12.75
CA PHE A 7 1.00 7.83 -11.48
C PHE A 7 2.43 8.34 -11.29
N ALA A 8 3.11 7.76 -10.31
CA ALA A 8 4.47 8.15 -10.02
C ALA A 8 5.43 7.26 -10.81
N GLU A 9 6.70 7.31 -10.43
CA GLU A 9 7.71 6.51 -11.09
C GLU A 9 8.19 5.39 -10.18
N CYS A 10 8.30 5.72 -8.90
CA CYS A 10 8.75 4.74 -7.91
C CYS A 10 7.84 3.52 -8.00
N LEU A 11 6.67 3.73 -8.58
CA LEU A 11 5.70 2.67 -8.73
C LEU A 11 6.22 1.63 -9.74
N GLU A 12 7.33 1.99 -10.38
CA GLU A 12 7.94 1.12 -11.36
C GLU A 12 9.04 0.29 -10.71
N LYS A 13 8.87 0.04 -9.42
CA LYS A 13 9.85 -0.74 -8.66
C LYS A 13 9.33 -2.17 -8.49
N LYS A 14 8.09 -2.37 -8.92
CA LYS A 14 7.47 -3.68 -8.82
C LYS A 14 7.51 -4.16 -7.37
N VAL A 15 6.90 -5.30 -7.13
CA VAL A 15 6.86 -5.87 -5.80
C VAL A 15 6.66 -7.39 -5.90
N ASP A 16 6.34 -7.99 -4.77
CA ASP A 16 6.13 -9.42 -4.72
C ASP A 16 5.53 -9.79 -3.36
N MET A 17 4.21 -9.90 -3.33
CA MET A 17 3.50 -10.25 -2.12
C MET A 17 3.88 -11.66 -1.65
N SER A 18 4.34 -12.45 -2.60
CA SER A 18 4.74 -13.82 -2.30
C SER A 18 6.05 -13.82 -1.52
N LYS A 19 6.64 -12.64 -1.41
CA LYS A 19 7.90 -12.48 -0.69
C LYS A 19 7.68 -11.57 0.51
N VAL A 20 6.89 -10.53 0.30
CA VAL A 20 6.60 -9.58 1.36
C VAL A 20 5.16 -9.78 1.85
N ASN A 21 4.94 -9.42 3.10
CA ASN A 21 3.63 -9.56 3.70
C ASN A 21 2.83 -8.27 3.46
N LEU A 22 1.66 -8.45 2.86
CA LEU A 22 0.79 -7.32 2.57
C LEU A 22 -0.12 -7.06 3.76
N GLU A 23 -0.37 -8.12 4.52
CA GLU A 23 -1.22 -8.03 5.69
C GLU A 23 -0.67 -6.97 6.66
N VAL A 24 0.65 -6.94 6.76
CA VAL A 24 1.31 -6.00 7.65
C VAL A 24 1.14 -4.59 7.09
N ILE A 25 0.59 -4.51 5.89
CA ILE A 25 0.37 -3.23 5.23
C ILE A 25 -1.13 -2.94 5.20
N LYS A 26 -1.91 -3.93 5.58
CA LYS A 26 -3.35 -3.79 5.60
C LYS A 26 -3.73 -2.61 6.50
N PRO A 27 -3.13 -2.60 7.72
CA PRO A 27 -3.40 -1.54 8.68
C PRO A 27 -2.68 -0.25 8.27
N TRP A 28 -1.56 -0.42 7.58
CA TRP A 28 -0.78 0.71 7.13
C TRP A 28 -1.52 1.39 5.98
N ILE A 29 -2.04 0.56 5.08
CA ILE A 29 -2.78 1.07 3.94
C ILE A 29 -4.15 1.57 4.41
N THR A 30 -4.84 0.70 5.14
CA THR A 30 -6.15 1.05 5.66
C THR A 30 -6.09 2.32 6.49
N LYS A 31 -5.02 2.42 7.27
CA LYS A 31 -4.82 3.58 8.13
C LYS A 31 -4.43 4.79 7.27
N ARG A 32 -3.62 4.51 6.25
CA ARG A 32 -3.18 5.55 5.34
C ARG A 32 -4.35 6.09 4.53
N VAL A 33 -5.09 5.17 3.94
CA VAL A 33 -6.24 5.55 3.13
C VAL A 33 -7.28 6.24 4.02
N THR A 34 -7.44 5.71 5.22
CA THR A 34 -8.39 6.26 6.17
C THR A 34 -7.94 7.65 6.63
N GLU A 35 -6.65 7.75 6.90
CA GLU A 35 -6.07 9.01 7.34
C GLU A 35 -6.01 10.01 6.19
N ILE A 36 -5.89 9.46 4.98
CA ILE A 36 -5.82 10.28 3.79
C ILE A 36 -7.06 11.19 3.73
N LEU A 37 -8.21 10.57 3.93
CA LEU A 37 -9.46 11.31 3.89
C LEU A 37 -9.91 11.62 5.32
N GLY A 38 -9.85 10.60 6.16
CA GLY A 38 -10.24 10.75 7.55
C GLY A 38 -11.26 9.69 7.95
N PHE A 39 -11.76 8.97 6.95
CA PHE A 39 -12.75 7.93 7.18
C PHE A 39 -12.31 6.62 6.54
N GLU A 40 -12.78 5.53 7.14
CA GLU A 40 -12.43 4.20 6.63
C GLU A 40 -13.09 3.97 5.27
N ASP A 41 -12.25 3.91 4.24
CA ASP A 41 -12.74 3.70 2.89
C ASP A 41 -13.11 2.23 2.71
N ASP A 42 -13.36 1.86 1.47
CA ASP A 42 -13.72 0.49 1.15
C ASP A 42 -13.32 0.18 -0.29
N VAL A 43 -13.77 1.04 -1.19
CA VAL A 43 -13.46 0.87 -2.61
C VAL A 43 -11.95 1.00 -2.81
N VAL A 44 -11.38 1.98 -2.13
CA VAL A 44 -9.95 2.23 -2.23
C VAL A 44 -9.19 1.10 -1.51
N ILE A 45 -9.69 0.74 -0.34
CA ILE A 45 -9.06 -0.30 0.44
C ILE A 45 -9.13 -1.62 -0.34
N GLU A 46 -10.32 -1.91 -0.86
CA GLU A 46 -10.52 -3.13 -1.61
C GLU A 46 -9.54 -3.20 -2.78
N PHE A 47 -9.36 -2.06 -3.43
CA PHE A 47 -8.45 -1.97 -4.56
C PHE A 47 -7.03 -2.41 -4.15
N ILE A 48 -6.59 -1.88 -3.03
CA ILE A 48 -5.26 -2.20 -2.53
C ILE A 48 -5.25 -3.64 -2.00
N PHE A 49 -6.30 -3.96 -1.25
CA PHE A 49 -6.44 -5.28 -0.67
C PHE A 49 -6.54 -6.34 -1.77
N ASN A 50 -7.42 -6.08 -2.72
CA ASN A 50 -7.63 -7.00 -3.83
C ASN A 50 -6.35 -7.09 -4.65
N GLN A 51 -5.73 -5.93 -4.86
CA GLN A 51 -4.50 -5.87 -5.63
C GLN A 51 -3.34 -6.50 -4.84
N LEU A 52 -3.36 -6.26 -3.54
CA LEU A 52 -2.33 -6.78 -2.67
C LEU A 52 -2.61 -8.26 -2.38
N GLU A 53 -3.76 -8.71 -2.87
CA GLU A 53 -4.16 -10.09 -2.68
C GLU A 53 -3.53 -10.99 -3.75
N VAL A 54 -2.82 -10.35 -4.67
CA VAL A 54 -2.17 -11.07 -5.75
C VAL A 54 -0.67 -11.16 -5.46
N LYS A 55 0.07 -11.64 -6.46
CA LYS A 55 1.51 -11.78 -6.32
C LYS A 55 2.20 -10.58 -6.98
N ASN A 56 1.46 -9.93 -7.87
CA ASN A 56 1.99 -8.78 -8.58
C ASN A 56 0.88 -7.75 -8.78
N PRO A 57 0.80 -6.80 -7.80
CA PRO A 57 -0.21 -5.75 -7.86
C PRO A 57 0.14 -4.70 -8.91
N ASP A 58 -0.89 -3.99 -9.34
CA ASP A 58 -0.70 -2.95 -10.35
C ASP A 58 -0.72 -1.58 -9.67
N SER A 59 0.47 -1.12 -9.31
CA SER A 59 0.61 0.17 -8.66
C SER A 59 -0.04 1.27 -9.51
N LYS A 60 -0.23 0.94 -10.79
CA LYS A 60 -0.84 1.88 -11.71
C LYS A 60 -2.32 2.06 -11.35
N MET A 61 -3.00 0.94 -11.21
CA MET A 61 -4.42 0.95 -10.86
C MET A 61 -4.63 1.41 -9.42
N MET A 62 -3.63 1.11 -8.59
CA MET A 62 -3.70 1.49 -7.19
C MET A 62 -3.78 3.00 -7.02
N GLN A 63 -2.83 3.69 -7.65
CA GLN A 63 -2.80 5.14 -7.57
C GLN A 63 -3.95 5.75 -8.38
N ILE A 64 -4.27 5.08 -9.48
CA ILE A 64 -5.34 5.54 -10.35
C ILE A 64 -6.67 5.46 -9.59
N ASN A 65 -6.82 4.37 -8.85
CA ASN A 65 -8.04 4.14 -8.07
C ASN A 65 -8.02 5.07 -6.85
N LEU A 66 -6.85 5.14 -6.22
CA LEU A 66 -6.69 5.97 -5.04
C LEU A 66 -7.03 7.41 -5.39
N THR A 67 -6.49 7.87 -6.50
CA THR A 67 -6.74 9.23 -6.96
C THR A 67 -8.23 9.47 -7.15
N GLY A 68 -8.95 8.37 -7.32
CA GLY A 68 -10.39 8.44 -7.52
C GLY A 68 -11.11 8.84 -6.22
N PHE A 69 -10.43 8.58 -5.12
CA PHE A 69 -10.98 8.90 -3.81
C PHE A 69 -10.14 9.96 -3.10
N LEU A 70 -8.82 9.76 -3.16
CA LEU A 70 -7.90 10.70 -2.55
C LEU A 70 -7.98 12.04 -3.26
N ASN A 71 -7.00 12.89 -2.97
CA ASN A 71 -6.95 14.21 -3.57
C ASN A 71 -6.07 14.16 -4.81
N GLY A 72 -5.45 13.00 -5.03
CA GLY A 72 -4.59 12.81 -6.17
C GLY A 72 -3.11 12.85 -5.76
N LYS A 73 -2.73 13.96 -5.16
CA LYS A 73 -1.35 14.12 -4.71
C LYS A 73 -1.05 13.11 -3.60
N ASN A 74 -2.07 12.86 -2.80
CA ASN A 74 -1.94 11.91 -1.69
C ASN A 74 -1.75 10.50 -2.25
N ALA A 75 -2.36 10.28 -3.42
CA ALA A 75 -2.26 8.98 -4.06
C ALA A 75 -0.81 8.70 -4.45
N ARG A 76 -0.15 9.75 -4.93
CA ARG A 76 1.24 9.65 -5.33
C ARG A 76 2.13 9.43 -4.10
N GLU A 77 1.80 10.15 -3.04
CA GLU A 77 2.56 10.05 -1.81
C GLU A 77 2.26 8.73 -1.10
N PHE A 78 1.01 8.32 -1.19
CA PHE A 78 0.58 7.08 -0.56
C PHE A 78 1.29 5.87 -1.18
N MET A 79 1.26 5.82 -2.50
CA MET A 79 1.90 4.74 -3.22
C MET A 79 3.42 4.80 -3.07
N GLY A 80 3.92 6.02 -2.98
CA GLY A 80 5.35 6.23 -2.83
C GLY A 80 5.80 5.98 -1.38
N GLU A 81 4.89 5.40 -0.61
CA GLU A 81 5.17 5.10 0.78
C GLU A 81 4.83 3.64 1.10
N LEU A 82 3.87 3.11 0.34
CA LEU A 82 3.45 1.74 0.51
C LEU A 82 4.17 0.85 -0.50
N TRP A 83 4.34 1.39 -1.70
CA TRP A 83 5.02 0.66 -2.76
C TRP A 83 6.44 0.36 -2.30
N PRO A 84 7.08 1.39 -1.68
CA PRO A 84 8.44 1.25 -1.19
C PRO A 84 8.47 0.41 0.09
N LEU A 85 7.36 0.46 0.82
CA LEU A 85 7.25 -0.28 2.06
C LEU A 85 7.46 -1.77 1.79
N LEU A 86 6.84 -2.24 0.70
CA LEU A 86 6.95 -3.63 0.32
C LEU A 86 8.35 -3.89 -0.22
N LEU A 87 8.91 -2.87 -0.86
CA LEU A 87 10.25 -2.98 -1.43
C LEU A 87 11.22 -3.44 -0.34
N SER A 88 11.09 -2.82 0.82
CA SER A 88 11.95 -3.16 1.94
C SER A 88 11.48 -4.45 2.60
N ALA A 89 10.17 -4.65 2.56
CA ALA A 89 9.58 -5.84 3.16
C ALA A 89 10.05 -7.07 2.39
N GLN A 90 9.98 -6.97 1.06
CA GLN A 90 10.39 -8.07 0.21
C GLN A 90 11.87 -8.37 0.41
N GLU A 91 12.55 -7.43 1.05
CA GLU A 91 13.98 -7.59 1.32
C GLU A 91 14.19 -8.27 2.68
N ASN A 92 13.10 -8.37 3.43
CA ASN A 92 13.15 -9.00 4.74
C ASN A 92 12.96 -10.51 4.59
N ILE A 93 12.64 -11.14 5.71
CA ILE A 93 12.42 -12.58 5.72
C ILE A 93 10.94 -12.86 5.99
N ALA A 94 10.41 -12.14 6.95
CA ALA A 94 9.00 -12.30 7.32
C ALA A 94 8.14 -11.42 6.41
N GLY A 95 8.80 -10.75 5.48
CA GLY A 95 8.12 -9.87 4.56
C GLY A 95 7.55 -8.65 5.27
N ILE A 96 8.33 -8.14 6.21
CA ILE A 96 7.93 -6.96 6.97
C ILE A 96 8.91 -5.83 6.72
N PRO A 97 8.35 -4.60 6.55
CA PRO A 97 9.17 -3.43 6.30
C PRO A 97 9.86 -2.97 7.59
N SER A 98 11.02 -2.33 7.40
CA SER A 98 11.79 -1.84 8.53
C SER A 98 10.98 -0.79 9.29
N ALA A 99 9.96 -0.28 8.63
CA ALA A 99 9.10 0.74 9.23
C ALA A 99 8.46 0.16 10.49
N PHE A 100 8.25 -1.15 10.48
CA PHE A 100 7.65 -1.84 11.61
C PHE A 100 8.72 -2.48 12.49
N LEU A 101 9.73 -3.02 11.84
CA LEU A 101 10.82 -3.67 12.55
C LEU A 101 11.38 -2.72 13.62
N GLU A 102 12.00 -1.65 13.14
CA GLU A 102 12.58 -0.66 14.03
C GLU A 102 11.56 -0.23 15.07
N LEU A 103 10.58 0.54 14.61
CA LEU A 103 9.53 1.04 15.49
C LEU A 103 8.79 -0.15 16.10
N LYS A 104 9.04 -0.36 17.39
CA LYS A 104 8.41 -1.46 18.10
C LYS A 104 6.92 -1.13 18.32
N LYS A 105 6.22 -0.99 17.22
CA LYS A 105 4.80 -0.67 17.27
C LYS A 105 4.05 -1.81 17.98
N GLU A 106 2.75 -1.62 18.12
CA GLU A 106 1.91 -2.62 18.78
C GLU A 106 1.91 -3.92 17.97
N GLU A 107 2.69 -4.88 18.44
CA GLU A 107 2.77 -6.16 17.77
C GLU A 107 1.48 -6.96 17.97
N ILE A 108 0.76 -7.14 16.86
CA ILE A 108 -0.50 -7.87 16.90
C ILE A 108 -0.40 -9.08 15.97
N LYS A 109 0.46 -10.02 16.36
CA LYS A 109 0.65 -11.23 15.56
C LYS A 109 -0.49 -12.20 15.85
N GLN A 110 -0.75 -13.06 14.88
CA GLN A 110 -1.81 -14.06 15.02
C GLN A 110 -1.74 -15.07 13.86
N ARG A 111 -2.15 -16.29 14.17
CA ARG A 111 -2.14 -17.35 13.17
C ARG A 111 -0.87 -17.27 12.33
N SER A 1 -13.65 3.33 -16.52
CA SER A 1 -12.45 2.90 -15.83
C SER A 1 -12.40 3.53 -14.43
N HIS A 2 -13.55 4.03 -14.00
CA HIS A 2 -13.65 4.64 -12.68
C HIS A 2 -12.94 5.99 -12.70
N MET A 3 -11.66 5.94 -13.05
CA MET A 3 -10.85 7.14 -13.11
C MET A 3 -9.47 6.86 -13.71
N GLN A 4 -9.00 7.81 -14.50
CA GLN A 4 -7.70 7.67 -15.15
C GLN A 4 -6.84 8.90 -14.88
N LEU A 5 -5.57 8.64 -14.63
CA LEU A 5 -4.64 9.72 -14.35
C LEU A 5 -3.20 9.18 -14.39
N LYS A 6 -2.27 10.00 -13.95
CA LYS A 6 -0.87 9.62 -13.93
C LYS A 6 -0.46 9.25 -12.50
N PHE A 7 0.58 8.44 -12.41
CA PHE A 7 1.08 8.01 -11.11
C PHE A 7 2.53 8.44 -10.91
N ALA A 8 3.13 7.92 -9.85
CA ALA A 8 4.51 8.25 -9.53
C ALA A 8 5.43 7.42 -10.42
N GLU A 9 6.71 7.46 -10.08
CA GLU A 9 7.71 6.72 -10.85
C GLU A 9 8.16 5.48 -10.07
N CYS A 10 8.45 5.70 -8.80
CA CYS A 10 8.90 4.62 -7.93
C CYS A 10 7.94 3.43 -8.11
N LEU A 11 6.73 3.76 -8.54
CA LEU A 11 5.72 2.74 -8.76
C LEU A 11 6.26 1.68 -9.73
N GLU A 12 7.30 2.06 -10.44
CA GLU A 12 7.92 1.15 -11.40
C GLU A 12 9.05 0.36 -10.72
N LYS A 13 8.82 0.04 -9.46
CA LYS A 13 9.81 -0.72 -8.70
C LYS A 13 9.31 -2.15 -8.52
N LYS A 14 8.09 -2.39 -8.98
CA LYS A 14 7.49 -3.70 -8.89
C LYS A 14 7.55 -4.17 -7.42
N VAL A 15 6.90 -5.31 -7.18
CA VAL A 15 6.87 -5.87 -5.85
C VAL A 15 6.67 -7.38 -5.94
N ASP A 16 6.22 -7.96 -4.83
CA ASP A 16 5.99 -9.40 -4.78
C ASP A 16 5.42 -9.76 -3.40
N MET A 17 4.09 -9.88 -3.37
CA MET A 17 3.42 -10.23 -2.13
C MET A 17 3.81 -11.63 -1.66
N SER A 18 4.27 -12.43 -2.61
CA SER A 18 4.68 -13.79 -2.32
C SER A 18 6.01 -13.78 -1.58
N LYS A 19 6.59 -12.60 -1.48
CA LYS A 19 7.86 -12.44 -0.79
C LYS A 19 7.67 -11.53 0.43
N VAL A 20 6.83 -10.52 0.26
CA VAL A 20 6.56 -9.59 1.32
C VAL A 20 5.13 -9.79 1.83
N ASN A 21 4.92 -9.43 3.08
CA ASN A 21 3.61 -9.58 3.69
C ASN A 21 2.82 -8.28 3.50
N LEU A 22 1.64 -8.42 2.91
CA LEU A 22 0.78 -7.27 2.67
C LEU A 22 -0.13 -7.06 3.88
N GLU A 23 -0.35 -8.14 4.61
CA GLU A 23 -1.19 -8.09 5.80
C GLU A 23 -0.65 -7.06 6.79
N VAL A 24 0.67 -7.03 6.91
CA VAL A 24 1.33 -6.11 7.81
C VAL A 24 1.16 -4.69 7.29
N ILE A 25 0.64 -4.59 6.08
CA ILE A 25 0.41 -3.29 5.45
C ILE A 25 -1.08 -2.98 5.44
N LYS A 26 -1.86 -3.99 5.80
CA LYS A 26 -3.31 -3.83 5.83
C LYS A 26 -3.67 -2.64 6.71
N PRO A 27 -3.04 -2.61 7.92
CA PRO A 27 -3.28 -1.53 8.87
C PRO A 27 -2.60 -0.25 8.42
N TRP A 28 -1.51 -0.41 7.69
CA TRP A 28 -0.74 0.73 7.21
C TRP A 28 -1.53 1.35 6.05
N ILE A 29 -2.05 0.49 5.19
CA ILE A 29 -2.82 0.94 4.04
C ILE A 29 -4.19 1.42 4.51
N THR A 30 -4.86 0.57 5.28
CA THR A 30 -6.18 0.90 5.79
C THR A 30 -6.12 2.20 6.60
N LYS A 31 -5.02 2.36 7.32
CA LYS A 31 -4.83 3.55 8.15
C LYS A 31 -4.48 4.73 7.24
N ARG A 32 -3.64 4.46 6.26
CA ARG A 32 -3.21 5.48 5.32
C ARG A 32 -4.40 5.99 4.51
N VAL A 33 -5.13 5.04 3.93
CA VAL A 33 -6.30 5.38 3.13
C VAL A 33 -7.32 6.11 4.00
N THR A 34 -7.46 5.64 5.24
CA THR A 34 -8.38 6.25 6.17
C THR A 34 -7.89 7.63 6.59
N GLU A 35 -6.59 7.72 6.82
CA GLU A 35 -5.99 8.98 7.22
C GLU A 35 -5.92 9.94 6.04
N ILE A 36 -5.83 9.37 4.85
CA ILE A 36 -5.76 10.16 3.64
C ILE A 36 -6.98 11.09 3.56
N LEU A 37 -8.14 10.49 3.81
CA LEU A 37 -9.39 11.25 3.79
C LEU A 37 -9.80 11.60 5.21
N GLY A 38 -9.74 10.60 6.08
CA GLY A 38 -10.10 10.79 7.47
C GLY A 38 -11.12 9.75 7.92
N PHE A 39 -11.66 9.03 6.94
CA PHE A 39 -12.65 8.00 7.22
C PHE A 39 -12.24 6.67 6.58
N GLU A 40 -12.72 5.59 7.19
CA GLU A 40 -12.42 4.26 6.70
C GLU A 40 -13.08 4.03 5.34
N ASP A 41 -12.24 3.97 4.32
CA ASP A 41 -12.72 3.75 2.96
C ASP A 41 -13.10 2.28 2.78
N ASP A 42 -13.36 1.92 1.53
CA ASP A 42 -13.72 0.55 1.21
C ASP A 42 -13.31 0.24 -0.22
N VAL A 43 -13.76 1.10 -1.13
CA VAL A 43 -13.45 0.93 -2.54
C VAL A 43 -11.94 1.06 -2.75
N VAL A 44 -11.37 2.03 -2.04
CA VAL A 44 -9.94 2.28 -2.13
C VAL A 44 -9.18 1.15 -1.44
N ILE A 45 -9.67 0.78 -0.26
CA ILE A 45 -9.05 -0.28 0.51
C ILE A 45 -9.12 -1.59 -0.29
N GLU A 46 -10.30 -1.87 -0.80
CA GLU A 46 -10.52 -3.08 -1.59
C GLU A 46 -9.52 -3.13 -2.75
N PHE A 47 -9.35 -1.99 -3.40
CA PHE A 47 -8.43 -1.90 -4.51
C PHE A 47 -7.03 -2.33 -4.12
N ILE A 48 -6.58 -1.81 -2.99
CA ILE A 48 -5.25 -2.13 -2.49
C ILE A 48 -5.25 -3.56 -1.95
N PHE A 49 -6.29 -3.88 -1.19
CA PHE A 49 -6.42 -5.20 -0.61
C PHE A 49 -6.50 -6.27 -1.70
N ASN A 50 -7.38 -6.02 -2.67
CA ASN A 50 -7.57 -6.94 -3.77
C ASN A 50 -6.28 -7.02 -4.59
N GLN A 51 -5.71 -5.86 -4.84
CA GLN A 51 -4.47 -5.79 -5.62
C GLN A 51 -3.32 -6.43 -4.83
N LEU A 52 -3.33 -6.17 -3.53
CA LEU A 52 -2.30 -6.71 -2.67
C LEU A 52 -2.61 -8.17 -2.35
N GLU A 53 -3.80 -8.59 -2.76
CA GLU A 53 -4.23 -9.96 -2.53
C GLU A 53 -3.62 -10.90 -3.57
N VAL A 54 -2.93 -10.29 -4.52
CA VAL A 54 -2.28 -11.05 -5.58
C VAL A 54 -0.79 -11.16 -5.30
N LYS A 55 -0.07 -11.71 -6.27
CA LYS A 55 1.37 -11.88 -6.13
C LYS A 55 2.08 -10.72 -6.82
N ASN A 56 1.37 -10.10 -7.75
CA ASN A 56 1.92 -8.98 -8.49
C ASN A 56 0.84 -7.91 -8.68
N PRO A 57 0.82 -6.93 -7.73
CA PRO A 57 -0.15 -5.85 -7.77
C PRO A 57 0.21 -4.84 -8.87
N ASP A 58 -0.81 -4.11 -9.30
CA ASP A 58 -0.61 -3.10 -10.34
C ASP A 58 -0.62 -1.71 -9.70
N SER A 59 0.56 -1.31 -9.22
CA SER A 59 0.71 -0.01 -8.59
C SER A 59 0.10 1.07 -9.48
N LYS A 60 0.01 0.76 -10.76
CA LYS A 60 -0.54 1.69 -11.73
C LYS A 60 -2.01 1.94 -11.41
N MET A 61 -2.75 0.85 -11.27
CA MET A 61 -4.17 0.93 -10.97
C MET A 61 -4.40 1.41 -9.52
N MET A 62 -3.43 1.08 -8.67
CA MET A 62 -3.51 1.45 -7.28
C MET A 62 -3.60 2.98 -7.12
N GLN A 63 -2.65 3.66 -7.75
CA GLN A 63 -2.61 5.11 -7.70
C GLN A 63 -3.77 5.70 -8.51
N ILE A 64 -4.10 5.01 -9.58
CA ILE A 64 -5.19 5.46 -10.45
C ILE A 64 -6.52 5.30 -9.71
N ASN A 65 -6.65 4.19 -9.00
CA ASN A 65 -7.86 3.91 -8.26
C ASN A 65 -7.91 4.81 -7.02
N LEU A 66 -6.76 4.94 -6.38
CA LEU A 66 -6.65 5.77 -5.19
C LEU A 66 -7.08 7.20 -5.53
N THR A 67 -6.57 7.68 -6.65
CA THR A 67 -6.90 9.03 -7.09
C THR A 67 -8.41 9.20 -7.23
N GLY A 68 -9.07 8.10 -7.53
CA GLY A 68 -10.52 8.11 -7.69
C GLY A 68 -11.21 8.49 -6.38
N PHE A 69 -10.45 8.40 -5.30
CA PHE A 69 -10.98 8.73 -3.99
C PHE A 69 -10.15 9.82 -3.32
N LEU A 70 -8.83 9.65 -3.40
CA LEU A 70 -7.92 10.61 -2.81
C LEU A 70 -8.03 11.95 -3.55
N ASN A 71 -7.10 12.84 -3.27
CA ASN A 71 -7.09 14.15 -3.89
C ASN A 71 -6.19 14.11 -5.13
N GLY A 72 -5.47 13.00 -5.26
CA GLY A 72 -4.56 12.83 -6.39
C GLY A 72 -3.11 12.88 -5.94
N LYS A 73 -2.81 13.87 -5.10
CA LYS A 73 -1.46 14.03 -4.59
C LYS A 73 -1.20 12.99 -3.51
N ASN A 74 -2.24 12.74 -2.71
CA ASN A 74 -2.13 11.77 -1.64
C ASN A 74 -1.89 10.38 -2.22
N ALA A 75 -2.50 10.14 -3.37
CA ALA A 75 -2.36 8.86 -4.04
C ALA A 75 -0.90 8.65 -4.43
N ARG A 76 -0.28 9.70 -4.90
CA ARG A 76 1.11 9.64 -5.31
C ARG A 76 2.01 9.45 -4.08
N GLU A 77 1.64 10.14 -3.01
CA GLU A 77 2.41 10.05 -1.78
C GLU A 77 2.15 8.71 -1.09
N PHE A 78 0.91 8.25 -1.19
CA PHE A 78 0.52 6.98 -0.59
C PHE A 78 1.30 5.82 -1.21
N MET A 79 1.31 5.80 -2.54
CA MET A 79 2.00 4.75 -3.27
C MET A 79 3.52 4.93 -3.15
N GLY A 80 3.92 6.13 -2.76
CA GLY A 80 5.33 6.45 -2.62
C GLY A 80 5.83 6.06 -1.22
N GLU A 81 4.94 5.47 -0.45
CA GLU A 81 5.28 5.05 0.91
C GLU A 81 4.85 3.60 1.14
N LEU A 82 4.00 3.12 0.24
CA LEU A 82 3.51 1.76 0.34
C LEU A 82 4.28 0.87 -0.64
N TRP A 83 4.45 1.39 -1.85
CA TRP A 83 5.17 0.66 -2.88
C TRP A 83 6.57 0.37 -2.36
N PRO A 84 7.17 1.40 -1.71
CA PRO A 84 8.51 1.28 -1.16
C PRO A 84 8.50 0.42 0.11
N LEU A 85 7.37 0.46 0.81
CA LEU A 85 7.22 -0.29 2.03
C LEU A 85 7.42 -1.78 1.74
N LEU A 86 6.81 -2.22 0.66
CA LEU A 86 6.91 -3.62 0.26
C LEU A 86 8.31 -3.89 -0.29
N LEU A 87 8.87 -2.88 -0.93
CA LEU A 87 10.20 -2.99 -1.50
C LEU A 87 11.18 -3.44 -0.42
N SER A 88 11.06 -2.81 0.75
CA SER A 88 11.92 -3.14 1.88
C SER A 88 11.44 -4.43 2.54
N ALA A 89 10.13 -4.62 2.52
CA ALA A 89 9.53 -5.80 3.11
C ALA A 89 9.99 -7.04 2.34
N GLN A 90 9.92 -6.94 1.02
CA GLN A 90 10.32 -8.04 0.16
C GLN A 90 11.80 -8.36 0.36
N GLU A 91 12.50 -7.42 1.00
CA GLU A 91 13.91 -7.59 1.25
C GLU A 91 14.13 -8.27 2.61
N ASN A 92 13.05 -8.36 3.37
CA ASN A 92 13.11 -8.98 4.68
C ASN A 92 12.91 -10.49 4.53
N ILE A 93 12.64 -11.13 5.65
CA ILE A 93 12.43 -12.57 5.66
C ILE A 93 10.96 -12.87 5.93
N ALA A 94 10.40 -12.16 6.90
CA ALA A 94 9.01 -12.34 7.26
C ALA A 94 8.14 -11.46 6.37
N GLY A 95 8.80 -10.78 5.44
CA GLY A 95 8.10 -9.89 4.51
C GLY A 95 7.52 -8.69 5.25
N ILE A 96 8.31 -8.16 6.18
CA ILE A 96 7.89 -7.01 6.95
C ILE A 96 8.83 -5.85 6.68
N PRO A 97 8.23 -4.63 6.52
CA PRO A 97 9.01 -3.44 6.25
C PRO A 97 9.72 -2.95 7.52
N SER A 98 10.84 -2.27 7.30
CA SER A 98 11.61 -1.75 8.41
C SER A 98 10.79 -0.74 9.21
N ALA A 99 9.72 -0.27 8.57
CA ALA A 99 8.84 0.70 9.19
C ALA A 99 8.27 0.11 10.49
N PHE A 100 8.14 -1.22 10.49
CA PHE A 100 7.60 -1.90 11.64
C PHE A 100 8.73 -2.51 12.48
N LEU A 101 9.77 -2.97 11.79
CA LEU A 101 10.90 -3.57 12.45
C LEU A 101 11.48 -2.59 13.47
N GLU A 102 12.05 -1.51 12.94
CA GLU A 102 12.64 -0.49 13.79
C GLU A 102 11.63 -0.04 14.84
N LEU A 103 10.59 0.64 14.38
CA LEU A 103 9.55 1.13 15.26
C LEU A 103 8.99 -0.04 16.09
N LYS A 104 7.98 0.28 16.88
CA LYS A 104 7.35 -0.73 17.72
C LYS A 104 6.29 -1.48 16.89
N LYS A 105 5.61 -2.39 17.57
CA LYS A 105 4.57 -3.18 16.92
C LYS A 105 3.71 -3.86 17.98
N GLU A 106 2.66 -4.52 17.51
CA GLU A 106 1.75 -5.21 18.41
C GLU A 106 2.53 -5.89 19.53
N GLU A 107 1.93 -5.88 20.71
CA GLU A 107 2.55 -6.49 21.88
C GLU A 107 2.52 -8.01 21.76
N ILE A 108 3.41 -8.52 20.92
CA ILE A 108 3.51 -9.96 20.70
C ILE A 108 4.78 -10.49 21.36
N LYS A 109 4.74 -10.58 22.68
CA LYS A 109 5.88 -11.06 23.44
C LYS A 109 7.03 -10.07 23.31
N GLN A 110 7.07 -9.14 24.26
CA GLN A 110 8.11 -8.13 24.26
C GLN A 110 9.45 -8.74 23.84
N ARG A 111 10.09 -8.08 22.89
CA ARG A 111 11.38 -8.54 22.39
C ARG A 111 12.42 -8.54 23.52
N SER A 1 -9.34 3.24 -12.50
CA SER A 1 -10.17 2.72 -13.57
C SER A 1 -11.45 3.56 -13.69
N HIS A 2 -12.04 3.85 -12.54
CA HIS A 2 -13.26 4.62 -12.50
C HIS A 2 -12.93 6.11 -12.73
N MET A 3 -11.64 6.37 -12.88
CA MET A 3 -11.18 7.73 -13.11
C MET A 3 -10.12 7.77 -14.22
N GLN A 4 -8.96 7.23 -13.89
CA GLN A 4 -7.86 7.20 -14.85
C GLN A 4 -7.04 8.48 -14.74
N LEU A 5 -5.74 8.29 -14.54
CA LEU A 5 -4.83 9.41 -14.42
C LEU A 5 -3.38 8.91 -14.47
N LYS A 6 -2.46 9.82 -14.21
CA LYS A 6 -1.05 9.48 -14.23
C LYS A 6 -0.59 9.13 -12.80
N PHE A 7 0.49 8.37 -12.73
CA PHE A 7 1.03 7.98 -11.44
C PHE A 7 2.50 8.40 -11.31
N ALA A 8 3.14 7.89 -10.27
CA ALA A 8 4.53 8.22 -10.02
C ALA A 8 5.42 7.28 -10.83
N GLU A 9 6.70 7.28 -10.48
CA GLU A 9 7.66 6.43 -11.18
C GLU A 9 8.08 5.26 -10.29
N CYS A 10 8.31 5.58 -9.02
CA CYS A 10 8.71 4.56 -8.05
C CYS A 10 7.75 3.37 -8.17
N LEU A 11 6.55 3.67 -8.67
CA LEU A 11 5.54 2.65 -8.83
C LEU A 11 6.06 1.58 -9.79
N GLU A 12 7.13 1.92 -10.49
CA GLU A 12 7.73 1.00 -11.44
C GLU A 12 8.79 0.14 -10.75
N LYS A 13 8.73 0.13 -9.43
CA LYS A 13 9.68 -0.65 -8.64
C LYS A 13 9.16 -2.07 -8.48
N LYS A 14 7.90 -2.26 -8.85
CA LYS A 14 7.27 -3.56 -8.75
C LYS A 14 7.35 -4.06 -7.30
N VAL A 15 6.62 -5.13 -7.04
CA VAL A 15 6.60 -5.71 -5.71
C VAL A 15 6.24 -7.19 -5.80
N ASP A 16 6.71 -7.94 -4.82
CA ASP A 16 6.46 -9.38 -4.78
C ASP A 16 5.81 -9.74 -3.45
N MET A 17 4.48 -9.82 -3.47
CA MET A 17 3.73 -10.15 -2.27
C MET A 17 4.04 -11.58 -1.82
N SER A 18 4.54 -12.37 -2.75
CA SER A 18 4.88 -13.75 -2.46
C SER A 18 6.14 -13.82 -1.60
N LYS A 19 6.76 -12.65 -1.42
CA LYS A 19 7.97 -12.56 -0.63
C LYS A 19 7.72 -11.65 0.58
N VAL A 20 6.93 -10.61 0.34
CA VAL A 20 6.60 -9.68 1.40
C VAL A 20 5.13 -9.88 1.82
N ASN A 21 4.87 -9.58 3.08
CA ASN A 21 3.53 -9.72 3.62
C ASN A 21 2.76 -8.41 3.41
N LEU A 22 1.64 -8.53 2.72
CA LEU A 22 0.81 -7.37 2.44
C LEU A 22 -0.15 -7.15 3.61
N GLU A 23 -0.34 -8.21 4.39
CA GLU A 23 -1.23 -8.14 5.53
C GLU A 23 -0.72 -7.11 6.54
N VAL A 24 0.60 -7.08 6.69
CA VAL A 24 1.22 -6.15 7.61
C VAL A 24 1.16 -4.74 7.03
N ILE A 25 0.65 -4.66 5.81
CA ILE A 25 0.53 -3.37 5.14
C ILE A 25 -0.96 -3.03 4.98
N LYS A 26 -1.80 -3.91 5.48
CA LYS A 26 -3.24 -3.71 5.39
C LYS A 26 -3.64 -2.57 6.33
N PRO A 27 -3.03 -2.59 7.56
CA PRO A 27 -3.32 -1.57 8.55
C PRO A 27 -2.64 -0.25 8.19
N TRP A 28 -1.52 -0.37 7.49
CA TRP A 28 -0.76 0.80 7.08
C TRP A 28 -1.51 1.48 5.93
N ILE A 29 -2.02 0.64 5.03
CA ILE A 29 -2.76 1.15 3.89
C ILE A 29 -4.13 1.63 4.34
N THR A 30 -4.82 0.76 5.07
CA THR A 30 -6.15 1.10 5.58
C THR A 30 -6.08 2.36 6.46
N LYS A 31 -5.01 2.45 7.23
CA LYS A 31 -4.82 3.58 8.11
C LYS A 31 -4.42 4.81 7.28
N ARG A 32 -3.62 4.54 6.26
CA ARG A 32 -3.16 5.62 5.39
C ARG A 32 -4.33 6.18 4.58
N VAL A 33 -5.07 5.28 3.96
CA VAL A 33 -6.21 5.67 3.15
C VAL A 33 -7.23 6.39 4.05
N THR A 34 -7.44 5.82 5.23
CA THR A 34 -8.38 6.39 6.18
C THR A 34 -7.92 7.77 6.63
N GLU A 35 -6.62 7.87 6.89
CA GLU A 35 -6.04 9.13 7.32
C GLU A 35 -5.98 10.12 6.15
N ILE A 36 -5.87 9.57 4.96
CA ILE A 36 -5.80 10.38 3.75
C ILE A 36 -7.04 11.28 3.69
N LEU A 37 -8.20 10.67 3.91
CA LEU A 37 -9.45 11.40 3.87
C LEU A 37 -9.87 11.74 5.31
N GLY A 38 -9.79 10.74 6.17
CA GLY A 38 -10.17 10.92 7.56
C GLY A 38 -11.18 9.88 8.00
N PHE A 39 -11.69 9.13 7.02
CA PHE A 39 -12.66 8.10 7.29
C PHE A 39 -12.23 6.76 6.69
N GLU A 40 -12.69 5.68 7.31
CA GLU A 40 -12.36 4.35 6.85
C GLU A 40 -13.00 4.08 5.49
N ASP A 41 -12.16 4.01 4.47
CA ASP A 41 -12.64 3.76 3.12
C ASP A 41 -12.99 2.28 2.97
N ASP A 42 -13.24 1.89 1.72
CA ASP A 42 -13.58 0.51 1.44
C ASP A 42 -13.24 0.20 -0.02
N VAL A 43 -13.68 1.07 -0.90
CA VAL A 43 -13.43 0.90 -2.33
C VAL A 43 -11.93 1.00 -2.59
N VAL A 44 -11.31 1.98 -1.93
CA VAL A 44 -9.88 2.19 -2.08
C VAL A 44 -9.12 1.06 -1.38
N ILE A 45 -9.60 0.72 -0.20
CA ILE A 45 -8.98 -0.33 0.59
C ILE A 45 -9.05 -1.64 -0.19
N GLU A 46 -10.23 -1.93 -0.70
CA GLU A 46 -10.45 -3.15 -1.47
C GLU A 46 -9.48 -3.20 -2.66
N PHE A 47 -9.33 -2.06 -3.31
CA PHE A 47 -8.46 -1.96 -4.46
C PHE A 47 -7.03 -2.39 -4.09
N ILE A 48 -6.56 -1.88 -2.96
CA ILE A 48 -5.23 -2.19 -2.49
C ILE A 48 -5.19 -3.65 -2.01
N PHE A 49 -6.18 -4.00 -1.20
CA PHE A 49 -6.26 -5.35 -0.67
C PHE A 49 -6.39 -6.36 -1.80
N ASN A 50 -7.32 -6.09 -2.71
CA ASN A 50 -7.55 -6.98 -3.84
C ASN A 50 -6.28 -7.03 -4.70
N GLN A 51 -5.65 -5.88 -4.85
CA GLN A 51 -4.44 -5.78 -5.65
C GLN A 51 -3.28 -6.44 -4.91
N LEU A 52 -3.25 -6.23 -3.60
CA LEU A 52 -2.19 -6.80 -2.77
C LEU A 52 -2.49 -8.28 -2.51
N GLU A 53 -3.65 -8.70 -2.98
CA GLU A 53 -4.07 -10.09 -2.81
C GLU A 53 -3.41 -10.97 -3.86
N VAL A 54 -2.62 -10.33 -4.72
CA VAL A 54 -1.92 -11.04 -5.78
C VAL A 54 -0.43 -11.08 -5.46
N LYS A 55 0.34 -11.56 -6.43
CA LYS A 55 1.78 -11.66 -6.27
C LYS A 55 2.44 -10.45 -6.95
N ASN A 56 1.70 -9.84 -7.86
CA ASN A 56 2.19 -8.69 -8.58
C ASN A 56 1.07 -7.67 -8.76
N PRO A 57 0.98 -6.75 -7.77
CA PRO A 57 -0.04 -5.72 -7.80
C PRO A 57 0.29 -4.64 -8.83
N ASP A 58 -0.76 -4.02 -9.36
CA ASP A 58 -0.58 -2.98 -10.35
C ASP A 58 -0.61 -1.62 -9.66
N SER A 59 0.56 -1.15 -9.28
CA SER A 59 0.69 0.13 -8.60
C SER A 59 -0.06 1.20 -9.40
N LYS A 60 -0.03 1.05 -10.71
CA LYS A 60 -0.70 2.01 -11.58
C LYS A 60 -2.18 2.07 -11.23
N MET A 61 -2.78 0.89 -11.12
CA MET A 61 -4.20 0.80 -10.78
C MET A 61 -4.45 1.32 -9.36
N MET A 62 -3.47 1.09 -8.50
CA MET A 62 -3.57 1.52 -7.12
C MET A 62 -3.69 3.05 -7.02
N GLN A 63 -2.74 3.72 -7.66
CA GLN A 63 -2.73 5.17 -7.66
C GLN A 63 -3.91 5.72 -8.46
N ILE A 64 -4.26 4.99 -9.50
CA ILE A 64 -5.37 5.38 -10.36
C ILE A 64 -6.68 5.26 -9.57
N ASN A 65 -6.79 4.19 -8.81
CA ASN A 65 -7.98 3.95 -8.01
C ASN A 65 -7.97 4.90 -6.80
N LEU A 66 -6.81 5.00 -6.18
CA LEU A 66 -6.65 5.86 -5.03
C LEU A 66 -7.04 7.29 -5.41
N THR A 67 -6.54 7.73 -6.55
CA THR A 67 -6.82 9.07 -7.04
C THR A 67 -8.33 9.27 -7.21
N GLY A 68 -9.03 8.15 -7.36
CA GLY A 68 -10.47 8.19 -7.52
C GLY A 68 -11.16 8.63 -6.24
N PHE A 69 -10.49 8.37 -5.12
CA PHE A 69 -11.04 8.75 -3.83
C PHE A 69 -10.20 9.84 -3.17
N LEU A 70 -8.88 9.68 -3.28
CA LEU A 70 -7.96 10.65 -2.71
C LEU A 70 -8.07 11.96 -3.48
N ASN A 71 -7.10 12.83 -3.22
CA ASN A 71 -7.08 14.13 -3.88
C ASN A 71 -6.21 14.04 -5.14
N GLY A 72 -5.50 12.94 -5.26
CA GLY A 72 -4.63 12.71 -6.39
C GLY A 72 -3.16 12.79 -6.00
N LYS A 73 -2.81 13.90 -5.38
CA LYS A 73 -1.43 14.12 -4.94
C LYS A 73 -1.11 13.14 -3.81
N ASN A 74 -2.10 12.91 -2.97
CA ASN A 74 -1.94 12.00 -1.85
C ASN A 74 -1.76 10.57 -2.37
N ALA A 75 -2.39 10.31 -3.51
CA ALA A 75 -2.31 9.00 -4.13
C ALA A 75 -0.87 8.72 -4.55
N ARG A 76 -0.21 9.77 -5.04
CA ARG A 76 1.17 9.66 -5.48
C ARG A 76 2.09 9.48 -4.27
N GLU A 77 1.79 10.21 -3.21
CA GLU A 77 2.58 10.14 -1.99
C GLU A 77 2.29 8.84 -1.25
N PHE A 78 1.03 8.44 -1.30
CA PHE A 78 0.61 7.22 -0.62
C PHE A 78 1.34 6.00 -1.19
N MET A 79 1.32 5.90 -2.51
CA MET A 79 1.97 4.79 -3.19
C MET A 79 3.50 4.85 -3.00
N GLY A 80 4.00 6.08 -2.95
CA GLY A 80 5.42 6.30 -2.78
C GLY A 80 5.83 6.08 -1.32
N GLU A 81 4.91 5.51 -0.56
CA GLU A 81 5.16 5.25 0.85
C GLU A 81 4.87 3.78 1.18
N LEU A 82 3.90 3.24 0.45
CA LEU A 82 3.51 1.86 0.66
C LEU A 82 4.23 0.97 -0.38
N TRP A 83 4.37 1.52 -1.57
CA TRP A 83 5.03 0.80 -2.64
C TRP A 83 6.46 0.47 -2.20
N PRO A 84 7.11 1.49 -1.56
CA PRO A 84 8.46 1.31 -1.08
C PRO A 84 8.50 0.45 0.19
N LEU A 85 7.40 0.49 0.93
CA LEU A 85 7.28 -0.27 2.15
C LEU A 85 7.47 -1.76 1.84
N LEU A 86 6.85 -2.17 0.74
CA LEU A 86 6.93 -3.57 0.32
C LEU A 86 8.34 -3.85 -0.21
N LEU A 87 8.91 -2.83 -0.84
CA LEU A 87 10.24 -2.95 -1.40
C LEU A 87 11.21 -3.43 -0.31
N SER A 88 11.05 -2.85 0.87
CA SER A 88 11.90 -3.22 1.99
C SER A 88 11.41 -4.52 2.62
N ALA A 89 10.10 -4.71 2.57
CA ALA A 89 9.49 -5.92 3.12
C ALA A 89 10.01 -7.14 2.36
N GLN A 90 10.00 -7.02 1.04
CA GLN A 90 10.46 -8.10 0.19
C GLN A 90 11.94 -8.39 0.45
N GLU A 91 12.57 -7.47 1.17
CA GLU A 91 13.98 -7.60 1.49
C GLU A 91 14.15 -8.30 2.84
N ASN A 92 13.04 -8.44 3.54
CA ASN A 92 13.04 -9.08 4.85
C ASN A 92 12.89 -10.58 4.67
N ILE A 93 12.57 -11.25 5.77
CA ILE A 93 12.39 -12.70 5.74
C ILE A 93 10.92 -13.03 5.99
N ALA A 94 10.35 -12.33 6.97
CA ALA A 94 8.96 -12.54 7.32
C ALA A 94 8.07 -11.66 6.44
N GLY A 95 8.72 -10.95 5.53
CA GLY A 95 8.01 -10.08 4.62
C GLY A 95 7.44 -8.86 5.36
N ILE A 96 8.22 -8.36 6.30
CA ILE A 96 7.80 -7.21 7.09
C ILE A 96 8.74 -6.03 6.81
N PRO A 97 8.13 -4.84 6.61
CA PRO A 97 8.91 -3.64 6.33
C PRO A 97 9.58 -3.12 7.60
N SER A 98 10.75 -2.54 7.41
CA SER A 98 11.51 -2.00 8.53
C SER A 98 10.69 -0.92 9.25
N ALA A 99 9.65 -0.46 8.56
CA ALA A 99 8.79 0.56 9.12
C ALA A 99 8.17 0.04 10.42
N PHE A 100 8.03 -1.27 10.49
CA PHE A 100 7.45 -1.90 11.67
C PHE A 100 8.54 -2.50 12.55
N LEU A 101 9.54 -3.08 11.89
CA LEU A 101 10.64 -3.70 12.61
C LEU A 101 11.22 -2.70 13.62
N GLU A 102 11.84 -1.65 13.08
CA GLU A 102 12.42 -0.62 13.91
C GLU A 102 11.43 -0.16 14.98
N LEU A 103 10.36 0.48 14.51
CA LEU A 103 9.33 0.98 15.39
C LEU A 103 8.92 -0.13 16.37
N LYS A 104 8.11 0.25 17.35
CA LYS A 104 7.66 -0.70 18.35
C LYS A 104 6.54 -1.55 17.76
N LYS A 105 5.44 -0.88 17.41
CA LYS A 105 4.30 -1.56 16.85
C LYS A 105 4.01 -2.84 17.64
N GLU A 106 3.29 -2.67 18.74
CA GLU A 106 2.95 -3.79 19.58
C GLU A 106 2.15 -4.84 18.79
N GLU A 107 2.78 -5.98 18.59
CA GLU A 107 2.15 -7.06 17.86
C GLU A 107 3.06 -8.29 17.82
N ILE A 108 3.02 -9.05 18.91
CA ILE A 108 3.83 -10.25 19.02
C ILE A 108 2.92 -11.47 19.11
N LYS A 109 2.68 -12.09 17.96
CA LYS A 109 1.84 -13.27 17.91
C LYS A 109 2.63 -14.49 18.35
N GLN A 110 2.84 -14.59 19.66
CA GLN A 110 3.59 -15.69 20.23
C GLN A 110 3.61 -15.58 21.75
N ARG A 111 3.40 -16.73 22.40
CA ARG A 111 3.41 -16.78 23.85
C ARG A 111 4.69 -16.17 24.40
N SER A 1 -12.40 0.78 -12.28
CA SER A 1 -12.41 1.50 -13.55
C SER A 1 -13.24 2.78 -13.42
N HIS A 2 -13.02 3.48 -12.33
CA HIS A 2 -13.74 4.72 -12.08
C HIS A 2 -12.75 5.84 -11.78
N MET A 3 -11.69 5.87 -12.58
CA MET A 3 -10.66 6.88 -12.42
C MET A 3 -9.95 7.16 -13.74
N GLN A 4 -8.71 6.71 -13.82
CA GLN A 4 -7.91 6.91 -15.02
C GLN A 4 -7.14 8.23 -14.95
N LEU A 5 -5.85 8.10 -14.72
CA LEU A 5 -4.98 9.26 -14.61
C LEU A 5 -3.52 8.82 -14.67
N LYS A 6 -2.64 9.77 -14.40
CA LYS A 6 -1.21 9.49 -14.41
C LYS A 6 -0.78 9.03 -13.02
N PHE A 7 0.28 8.23 -13.01
CA PHE A 7 0.81 7.71 -11.76
C PHE A 7 2.21 8.25 -11.48
N ALA A 8 2.86 7.65 -10.50
CA ALA A 8 4.20 8.06 -10.13
C ALA A 8 5.22 7.22 -10.92
N GLU A 9 6.46 7.27 -10.46
CA GLU A 9 7.53 6.53 -11.10
C GLU A 9 7.96 5.35 -10.24
N CYS A 10 8.19 5.64 -8.97
CA CYS A 10 8.60 4.62 -8.02
C CYS A 10 7.64 3.43 -8.15
N LEU A 11 6.44 3.73 -8.64
CA LEU A 11 5.43 2.70 -8.81
C LEU A 11 5.96 1.63 -9.77
N GLU A 12 7.02 1.98 -10.47
CA GLU A 12 7.63 1.06 -11.41
C GLU A 12 8.74 0.25 -10.74
N LYS A 13 8.71 0.28 -9.41
CA LYS A 13 9.71 -0.44 -8.64
C LYS A 13 9.27 -1.90 -8.48
N LYS A 14 8.04 -2.16 -8.89
CA LYS A 14 7.50 -3.51 -8.81
C LYS A 14 7.62 -4.03 -7.38
N VAL A 15 6.99 -5.16 -7.13
CA VAL A 15 7.04 -5.77 -5.81
C VAL A 15 6.87 -7.28 -5.94
N ASP A 16 6.46 -7.90 -4.84
CA ASP A 16 6.26 -9.34 -4.82
C ASP A 16 5.61 -9.74 -3.49
N MET A 17 4.28 -9.79 -3.52
CA MET A 17 3.52 -10.15 -2.33
C MET A 17 3.89 -11.56 -1.87
N SER A 18 4.37 -12.36 -2.80
CA SER A 18 4.76 -13.73 -2.50
C SER A 18 6.08 -13.74 -1.73
N LYS A 19 6.67 -12.56 -1.62
CA LYS A 19 7.94 -12.41 -0.91
C LYS A 19 7.73 -11.50 0.31
N VAL A 20 6.90 -10.49 0.11
CA VAL A 20 6.61 -9.55 1.18
C VAL A 20 5.18 -9.75 1.66
N ASN A 21 4.96 -9.43 2.93
CA ASN A 21 3.64 -9.58 3.51
C ASN A 21 2.86 -8.26 3.35
N LEU A 22 1.68 -8.38 2.76
CA LEU A 22 0.84 -7.22 2.53
C LEU A 22 -0.09 -7.03 3.74
N GLU A 23 -0.21 -8.08 4.52
CA GLU A 23 -1.04 -8.03 5.71
C GLU A 23 -0.52 -7.00 6.70
N VAL A 24 0.80 -6.93 6.80
CA VAL A 24 1.44 -5.99 7.70
C VAL A 24 1.26 -4.57 7.15
N ILE A 25 0.66 -4.49 5.97
CA ILE A 25 0.43 -3.20 5.33
C ILE A 25 -1.09 -2.98 5.21
N LYS A 26 -1.84 -3.92 5.75
CA LYS A 26 -3.30 -3.84 5.71
C LYS A 26 -3.76 -2.68 6.58
N PRO A 27 -3.19 -2.64 7.82
CA PRO A 27 -3.54 -1.59 8.77
C PRO A 27 -2.89 -0.26 8.39
N TRP A 28 -1.75 -0.37 7.73
CA TRP A 28 -1.03 0.82 7.29
C TRP A 28 -1.81 1.46 6.14
N ILE A 29 -2.20 0.61 5.19
CA ILE A 29 -2.94 1.08 4.04
C ILE A 29 -4.28 1.67 4.50
N THR A 30 -4.98 0.90 5.32
CA THR A 30 -6.26 1.34 5.84
C THR A 30 -6.10 2.61 6.68
N LYS A 31 -4.99 2.64 7.42
CA LYS A 31 -4.70 3.79 8.27
C LYS A 31 -4.30 4.98 7.39
N ARG A 32 -3.61 4.66 6.31
CA ARG A 32 -3.16 5.70 5.39
C ARG A 32 -4.35 6.25 4.59
N VAL A 33 -5.12 5.34 4.03
CA VAL A 33 -6.28 5.72 3.25
C VAL A 33 -7.28 6.47 4.14
N THR A 34 -7.44 5.94 5.34
CA THR A 34 -8.35 6.53 6.31
C THR A 34 -7.86 7.92 6.72
N GLU A 35 -6.55 8.01 6.94
CA GLU A 35 -5.95 9.26 7.35
C GLU A 35 -5.89 10.22 6.16
N ILE A 36 -5.80 9.64 4.98
CA ILE A 36 -5.74 10.44 3.75
C ILE A 36 -6.96 11.36 3.69
N LEU A 37 -8.12 10.76 3.94
CA LEU A 37 -9.36 11.51 3.91
C LEU A 37 -9.79 11.84 5.34
N GLY A 38 -9.74 10.82 6.19
CA GLY A 38 -10.10 11.00 7.59
C GLY A 38 -11.13 9.95 8.01
N PHE A 39 -11.63 9.22 7.01
CA PHE A 39 -12.62 8.19 7.28
C PHE A 39 -12.21 6.86 6.61
N GLU A 40 -12.70 5.78 7.20
CA GLU A 40 -12.40 4.46 6.68
C GLU A 40 -13.14 4.21 5.37
N ASP A 41 -12.38 4.15 4.29
CA ASP A 41 -12.95 3.93 2.97
C ASP A 41 -13.38 2.46 2.85
N ASP A 42 -13.36 1.97 1.62
CA ASP A 42 -13.76 0.60 1.36
C ASP A 42 -13.37 0.24 -0.08
N VAL A 43 -13.82 1.07 -1.01
CA VAL A 43 -13.54 0.85 -2.41
C VAL A 43 -12.02 0.97 -2.65
N VAL A 44 -11.45 1.98 -2.03
CA VAL A 44 -10.02 2.22 -2.15
C VAL A 44 -9.25 1.15 -1.37
N ILE A 45 -9.77 0.84 -0.20
CA ILE A 45 -9.14 -0.15 0.66
C ILE A 45 -9.13 -1.50 -0.07
N GLU A 46 -10.30 -1.85 -0.61
CA GLU A 46 -10.44 -3.10 -1.32
C GLU A 46 -9.51 -3.12 -2.55
N PHE A 47 -9.41 -1.98 -3.20
CA PHE A 47 -8.58 -1.85 -4.38
C PHE A 47 -7.13 -2.25 -4.07
N ILE A 48 -6.65 -1.75 -2.93
CA ILE A 48 -5.29 -2.04 -2.52
C ILE A 48 -5.19 -3.50 -2.10
N PHE A 49 -6.14 -3.91 -1.27
CA PHE A 49 -6.18 -5.29 -0.78
C PHE A 49 -6.34 -6.27 -1.94
N ASN A 50 -7.30 -5.98 -2.80
CA ASN A 50 -7.56 -6.82 -3.96
C ASN A 50 -6.31 -6.88 -4.83
N GLN A 51 -5.66 -5.73 -4.97
CA GLN A 51 -4.46 -5.63 -5.78
C GLN A 51 -3.28 -6.30 -5.06
N LEU A 52 -3.26 -6.12 -3.75
CA LEU A 52 -2.20 -6.71 -2.94
C LEU A 52 -2.50 -8.18 -2.70
N GLU A 53 -3.70 -8.58 -3.10
CA GLU A 53 -4.11 -9.97 -2.93
C GLU A 53 -3.45 -10.85 -3.99
N VAL A 54 -2.70 -10.21 -4.87
CA VAL A 54 -2.01 -10.92 -5.94
C VAL A 54 -0.53 -11.03 -5.59
N LYS A 55 0.23 -11.59 -6.53
CA LYS A 55 1.66 -11.75 -6.34
C LYS A 55 2.40 -10.60 -7.03
N ASN A 56 1.69 -9.97 -7.96
CA ASN A 56 2.27 -8.86 -8.70
C ASN A 56 1.21 -7.77 -8.89
N PRO A 57 1.14 -6.86 -7.88
CA PRO A 57 0.18 -5.77 -7.92
C PRO A 57 0.61 -4.69 -8.92
N ASP A 58 -0.37 -3.96 -9.42
CA ASP A 58 -0.11 -2.90 -10.37
C ASP A 58 -0.26 -1.55 -9.68
N SER A 59 0.81 -1.13 -9.02
CA SER A 59 0.81 0.14 -8.30
C SER A 59 0.09 1.20 -9.14
N LYS A 60 0.14 1.02 -10.45
CA LYS A 60 -0.50 1.95 -11.36
C LYS A 60 -2.00 1.99 -11.06
N MET A 61 -2.59 0.82 -11.02
CA MET A 61 -4.02 0.71 -10.74
C MET A 61 -4.34 1.19 -9.33
N MET A 62 -3.44 0.89 -8.41
CA MET A 62 -3.62 1.27 -7.02
C MET A 62 -3.70 2.80 -6.90
N GLN A 63 -2.72 3.47 -7.49
CA GLN A 63 -2.67 4.91 -7.46
C GLN A 63 -3.83 5.51 -8.26
N ILE A 64 -4.18 4.82 -9.34
CA ILE A 64 -5.27 5.26 -10.19
C ILE A 64 -6.59 5.16 -9.43
N ASN A 65 -6.73 4.07 -8.69
CA ASN A 65 -7.93 3.84 -7.92
C ASN A 65 -7.98 4.83 -6.75
N LEU A 66 -6.84 4.99 -6.10
CA LEU A 66 -6.74 5.90 -4.98
C LEU A 66 -7.12 7.31 -5.43
N THR A 67 -6.61 7.69 -6.59
CA THR A 67 -6.89 9.00 -7.14
C THR A 67 -8.40 9.18 -7.34
N GLY A 68 -9.09 8.05 -7.43
CA GLY A 68 -10.53 8.07 -7.63
C GLY A 68 -11.25 8.54 -6.35
N PHE A 69 -10.53 8.46 -5.24
CA PHE A 69 -11.08 8.87 -3.96
C PHE A 69 -10.23 9.99 -3.34
N LEU A 70 -8.93 9.78 -3.34
CA LEU A 70 -8.01 10.76 -2.79
C LEU A 70 -8.09 12.05 -3.60
N ASN A 71 -7.10 12.91 -3.39
CA ASN A 71 -7.05 14.18 -4.11
C ASN A 71 -6.18 14.03 -5.35
N GLY A 72 -5.47 12.91 -5.40
CA GLY A 72 -4.60 12.63 -6.52
C GLY A 72 -3.13 12.72 -6.12
N LYS A 73 -2.80 13.81 -5.44
CA LYS A 73 -1.43 14.03 -4.98
C LYS A 73 -1.13 13.07 -3.84
N ASN A 74 -2.12 12.85 -3.01
CA ASN A 74 -1.98 11.95 -1.87
C ASN A 74 -1.78 10.52 -2.38
N ALA A 75 -2.42 10.23 -3.50
CA ALA A 75 -2.33 8.92 -4.11
C ALA A 75 -0.88 8.63 -4.50
N ARG A 76 -0.24 9.66 -5.03
CA ARG A 76 1.15 9.54 -5.46
C ARG A 76 2.06 9.38 -4.24
N GLU A 77 1.75 10.15 -3.20
CA GLU A 77 2.53 10.09 -1.97
C GLU A 77 2.24 8.79 -1.21
N PHE A 78 0.99 8.37 -1.28
CA PHE A 78 0.58 7.15 -0.60
C PHE A 78 1.31 5.94 -1.16
N MET A 79 1.31 5.85 -2.49
CA MET A 79 1.96 4.75 -3.17
C MET A 79 3.48 4.79 -2.96
N GLY A 80 4.00 6.01 -2.88
CA GLY A 80 5.42 6.21 -2.67
C GLY A 80 5.81 5.97 -1.21
N GLU A 81 4.88 5.38 -0.48
CA GLU A 81 5.10 5.09 0.92
C GLU A 81 4.79 3.62 1.23
N LEU A 82 3.84 3.09 0.46
CA LEU A 82 3.45 1.70 0.64
C LEU A 82 4.17 0.84 -0.39
N TRP A 83 4.36 1.41 -1.57
CA TRP A 83 5.04 0.70 -2.64
C TRP A 83 6.47 0.39 -2.18
N PRO A 84 7.09 1.40 -1.53
CA PRO A 84 8.45 1.24 -1.02
C PRO A 84 8.47 0.38 0.24
N LEU A 85 7.36 0.41 0.96
CA LEU A 85 7.23 -0.36 2.18
C LEU A 85 7.45 -1.85 1.87
N LEU A 86 6.86 -2.28 0.77
CA LEU A 86 6.98 -3.67 0.35
C LEU A 86 8.39 -3.91 -0.20
N LEU A 87 8.94 -2.86 -0.80
CA LEU A 87 10.28 -2.95 -1.36
C LEU A 87 11.25 -3.44 -0.29
N SER A 88 11.09 -2.89 0.90
CA SER A 88 11.94 -3.26 2.02
C SER A 88 11.48 -4.60 2.61
N ALA A 89 10.18 -4.80 2.58
CA ALA A 89 9.60 -6.03 3.11
C ALA A 89 10.11 -7.21 2.30
N GLN A 90 10.07 -7.06 0.98
CA GLN A 90 10.52 -8.10 0.08
C GLN A 90 12.01 -8.38 0.31
N GLU A 91 12.66 -7.45 1.00
CA GLU A 91 14.08 -7.59 1.28
C GLU A 91 14.28 -8.26 2.63
N ASN A 92 13.19 -8.38 3.38
CA ASN A 92 13.23 -9.01 4.68
C ASN A 92 13.09 -10.52 4.53
N ILE A 93 12.67 -11.16 5.61
CA ILE A 93 12.48 -12.60 5.61
C ILE A 93 11.01 -12.92 5.85
N ALA A 94 10.42 -12.19 6.79
CA ALA A 94 9.02 -12.38 7.12
C ALA A 94 8.16 -11.45 6.27
N GLY A 95 8.80 -10.85 5.28
CA GLY A 95 8.12 -9.94 4.38
C GLY A 95 7.54 -8.74 5.15
N ILE A 96 8.34 -8.26 6.09
CA ILE A 96 7.95 -7.12 6.90
C ILE A 96 8.99 -6.01 6.76
N PRO A 97 8.47 -4.76 6.54
CA PRO A 97 9.35 -3.62 6.39
C PRO A 97 9.92 -3.18 7.74
N SER A 98 11.09 -2.55 7.67
CA SER A 98 11.76 -2.07 8.87
C SER A 98 10.91 -1.00 9.56
N ALA A 99 9.93 -0.51 8.82
CA ALA A 99 9.04 0.52 9.34
C ALA A 99 8.36 0.00 10.61
N PHE A 100 8.19 -1.31 10.67
CA PHE A 100 7.57 -1.93 11.82
C PHE A 100 8.61 -2.64 12.70
N LEU A 101 9.53 -3.32 12.03
CA LEU A 101 10.57 -4.04 12.74
C LEU A 101 11.12 -3.16 13.86
N GLU A 102 11.74 -2.06 13.46
CA GLU A 102 12.30 -1.12 14.42
C GLU A 102 11.22 -0.62 15.38
N LEU A 103 10.31 0.17 14.84
CA LEU A 103 9.22 0.72 15.62
C LEU A 103 8.43 -0.42 16.26
N LYS A 104 7.36 -0.05 16.95
CA LYS A 104 6.51 -1.03 17.60
C LYS A 104 5.05 -0.64 17.42
N LYS A 105 4.59 -0.77 16.19
CA LYS A 105 3.21 -0.43 15.86
C LYS A 105 2.27 -1.18 16.81
N GLU A 106 1.57 -0.41 17.62
CA GLU A 106 0.63 -0.98 18.57
C GLU A 106 -0.56 -1.59 17.85
N GLU A 107 -0.46 -2.89 17.60
CA GLU A 107 -1.53 -3.60 16.91
C GLU A 107 -2.01 -4.78 17.75
N ILE A 108 -3.00 -4.52 18.59
CA ILE A 108 -3.56 -5.55 19.45
C ILE A 108 -4.75 -6.21 18.76
N LYS A 109 -4.45 -6.94 17.69
CA LYS A 109 -5.49 -7.62 16.94
C LYS A 109 -4.84 -8.58 15.94
N GLN A 110 -5.66 -9.47 15.39
CA GLN A 110 -5.18 -10.44 14.43
C GLN A 110 -6.32 -10.89 13.52
N ARG A 111 -5.95 -11.24 12.29
CA ARG A 111 -6.93 -11.70 11.32
C ARG A 111 -8.19 -10.85 11.41
N SER A 1 -14.17 0.37 -14.70
CA SER A 1 -13.14 1.18 -15.30
C SER A 1 -12.78 2.35 -14.37
N HIS A 2 -13.75 2.75 -13.57
CA HIS A 2 -13.55 3.84 -12.65
C HIS A 2 -12.93 5.04 -13.37
N MET A 3 -11.80 5.47 -12.86
CA MET A 3 -11.09 6.60 -13.47
C MET A 3 -9.65 6.23 -13.82
N GLN A 4 -9.03 7.07 -14.62
CA GLN A 4 -7.67 6.84 -15.04
C GLN A 4 -6.88 8.15 -15.04
N LEU A 5 -5.61 8.05 -14.67
CA LEU A 5 -4.75 9.22 -14.62
C LEU A 5 -3.28 8.76 -14.63
N LYS A 6 -2.40 9.73 -14.43
CA LYS A 6 -0.97 9.44 -14.42
C LYS A 6 -0.55 8.99 -13.01
N PHE A 7 0.54 8.25 -12.96
CA PHE A 7 1.06 7.75 -11.70
C PHE A 7 2.46 8.29 -11.43
N ALA A 8 3.08 7.74 -10.39
CA ALA A 8 4.43 8.15 -10.02
C ALA A 8 5.44 7.34 -10.83
N GLU A 9 6.69 7.40 -10.40
CA GLU A 9 7.76 6.69 -11.07
C GLU A 9 8.26 5.54 -10.20
N CYS A 10 8.26 5.79 -8.90
CA CYS A 10 8.72 4.77 -7.95
C CYS A 10 7.73 3.60 -7.99
N LEU A 11 6.60 3.85 -8.62
CA LEU A 11 5.58 2.82 -8.74
C LEU A 11 6.04 1.76 -9.75
N GLU A 12 7.17 2.05 -10.37
CA GLU A 12 7.73 1.12 -11.35
C GLU A 12 8.84 0.28 -10.73
N LYS A 13 8.76 0.12 -9.42
CA LYS A 13 9.74 -0.65 -8.69
C LYS A 13 9.24 -2.08 -8.52
N LYS A 14 8.00 -2.29 -8.92
CA LYS A 14 7.39 -3.61 -8.82
C LYS A 14 7.51 -4.10 -7.37
N VAL A 15 6.87 -5.24 -7.12
CA VAL A 15 6.90 -5.83 -5.79
C VAL A 15 6.71 -7.35 -5.91
N ASP A 16 6.32 -7.94 -4.79
CA ASP A 16 6.10 -9.38 -4.76
C ASP A 16 5.51 -9.77 -3.40
N MET A 17 4.19 -9.87 -3.37
CA MET A 17 3.49 -10.22 -2.14
C MET A 17 3.88 -11.64 -1.69
N SER A 18 4.32 -12.43 -2.64
CA SER A 18 4.72 -13.80 -2.35
C SER A 18 6.04 -13.81 -1.59
N LYS A 19 6.62 -12.62 -1.47
CA LYS A 19 7.89 -12.47 -0.77
C LYS A 19 7.69 -11.56 0.45
N VAL A 20 6.88 -10.54 0.25
CA VAL A 20 6.59 -9.59 1.31
C VAL A 20 5.15 -9.78 1.79
N ASN A 21 4.93 -9.43 3.04
CA ASN A 21 3.60 -9.56 3.63
C ASN A 21 2.82 -8.27 3.38
N LEU A 22 1.60 -8.44 2.88
CA LEU A 22 0.75 -7.30 2.60
C LEU A 22 -0.15 -7.02 3.80
N GLU A 23 -0.41 -8.08 4.55
CA GLU A 23 -1.25 -7.97 5.74
C GLU A 23 -0.67 -6.94 6.71
N VAL A 24 0.66 -6.93 6.79
CA VAL A 24 1.34 -6.01 7.67
C VAL A 24 1.17 -4.58 7.13
N ILE A 25 0.61 -4.50 5.94
CA ILE A 25 0.38 -3.21 5.30
C ILE A 25 -1.11 -2.92 5.26
N LYS A 26 -1.89 -3.91 5.65
CA LYS A 26 -3.34 -3.78 5.66
C LYS A 26 -3.73 -2.60 6.55
N PRO A 27 -3.13 -2.59 7.78
CA PRO A 27 -3.41 -1.53 8.73
C PRO A 27 -2.71 -0.24 8.34
N TRP A 28 -1.60 -0.39 7.64
CA TRP A 28 -0.83 0.76 7.20
C TRP A 28 -1.58 1.42 6.04
N ILE A 29 -2.11 0.58 5.17
CA ILE A 29 -2.86 1.07 4.02
C ILE A 29 -4.22 1.58 4.48
N THR A 30 -4.91 0.73 5.23
CA THR A 30 -6.22 1.09 5.74
C THR A 30 -6.14 2.35 6.59
N LYS A 31 -5.06 2.45 7.35
CA LYS A 31 -4.85 3.61 8.21
C LYS A 31 -4.45 4.81 7.35
N ARG A 32 -3.65 4.53 6.33
CA ARG A 32 -3.19 5.57 5.43
C ARG A 32 -4.36 6.13 4.61
N VAL A 33 -5.11 5.21 4.01
CA VAL A 33 -6.25 5.59 3.21
C VAL A 33 -7.28 6.30 4.09
N THR A 34 -7.40 5.80 5.31
CA THR A 34 -8.34 6.37 6.26
C THR A 34 -7.88 7.77 6.70
N GLU A 35 -6.58 7.87 6.95
CA GLU A 35 -6.01 9.14 7.37
C GLU A 35 -5.97 10.12 6.20
N ILE A 36 -5.86 9.56 5.01
CA ILE A 36 -5.80 10.38 3.80
C ILE A 36 -7.05 11.27 3.74
N LEU A 37 -8.19 10.65 3.98
CA LEU A 37 -9.45 11.38 3.95
C LEU A 37 -9.89 11.68 5.39
N GLY A 38 -9.81 10.66 6.23
CA GLY A 38 -10.18 10.81 7.62
C GLY A 38 -11.19 9.72 8.03
N PHE A 39 -11.68 9.00 7.03
CA PHE A 39 -12.64 7.95 7.27
C PHE A 39 -12.22 6.65 6.58
N GLU A 40 -12.68 5.54 7.14
CA GLU A 40 -12.36 4.23 6.58
C GLU A 40 -13.14 4.00 5.28
N ASP A 41 -12.40 4.04 4.18
CA ASP A 41 -13.01 3.84 2.88
C ASP A 41 -13.44 2.38 2.75
N ASP A 42 -13.43 1.90 1.50
CA ASP A 42 -13.82 0.52 1.23
C ASP A 42 -13.45 0.18 -0.21
N VAL A 43 -13.78 1.10 -1.11
CA VAL A 43 -13.50 0.90 -2.52
C VAL A 43 -11.99 1.01 -2.75
N VAL A 44 -11.40 2.02 -2.13
CA VAL A 44 -9.97 2.23 -2.26
C VAL A 44 -9.22 1.12 -1.52
N ILE A 45 -9.71 0.79 -0.34
CA ILE A 45 -9.11 -0.26 0.46
C ILE A 45 -9.16 -1.58 -0.30
N GLU A 46 -10.34 -1.89 -0.80
CA GLU A 46 -10.54 -3.12 -1.56
C GLU A 46 -9.56 -3.18 -2.73
N PHE A 47 -9.40 -2.05 -3.39
CA PHE A 47 -8.50 -1.96 -4.54
C PHE A 47 -7.08 -2.39 -4.15
N ILE A 48 -6.62 -1.85 -3.03
CA ILE A 48 -5.28 -2.17 -2.54
C ILE A 48 -5.27 -3.60 -2.01
N PHE A 49 -6.32 -3.93 -1.26
CA PHE A 49 -6.43 -5.26 -0.69
C PHE A 49 -6.54 -6.32 -1.78
N ASN A 50 -7.43 -6.06 -2.73
CA ASN A 50 -7.65 -6.98 -3.83
C ASN A 50 -6.38 -7.07 -4.68
N GLN A 51 -5.74 -5.92 -4.84
CA GLN A 51 -4.51 -5.86 -5.62
C GLN A 51 -3.35 -6.48 -4.83
N LEU A 52 -3.35 -6.22 -3.53
CA LEU A 52 -2.32 -6.74 -2.66
C LEU A 52 -2.60 -8.22 -2.37
N GLU A 53 -3.72 -8.69 -2.89
CA GLU A 53 -4.12 -10.07 -2.69
C GLU A 53 -3.44 -10.97 -3.72
N VAL A 54 -2.76 -10.34 -4.67
CA VAL A 54 -2.07 -11.07 -5.72
C VAL A 54 -0.58 -11.13 -5.38
N LYS A 55 0.21 -11.54 -6.37
CA LYS A 55 1.64 -11.66 -6.19
C LYS A 55 2.34 -10.50 -6.91
N ASN A 56 1.60 -9.90 -7.84
CA ASN A 56 2.13 -8.79 -8.60
C ASN A 56 1.03 -7.75 -8.82
N PRO A 57 0.92 -6.82 -7.83
CA PRO A 57 -0.08 -5.77 -7.89
C PRO A 57 0.31 -4.70 -8.91
N ASP A 58 -0.70 -4.00 -9.41
CA ASP A 58 -0.47 -2.95 -10.39
C ASP A 58 -0.55 -1.59 -9.69
N SER A 59 0.60 -1.16 -9.18
CA SER A 59 0.67 0.12 -8.48
C SER A 59 -0.05 1.19 -9.30
N LYS A 60 0.01 1.05 -10.61
CA LYS A 60 -0.62 1.99 -11.51
C LYS A 60 -2.13 2.04 -11.20
N MET A 61 -2.71 0.86 -11.03
CA MET A 61 -4.12 0.76 -10.72
C MET A 61 -4.43 1.29 -9.32
N MET A 62 -3.50 1.05 -8.42
CA MET A 62 -3.65 1.49 -7.04
C MET A 62 -3.77 3.01 -6.98
N GLN A 63 -2.78 3.68 -7.57
CA GLN A 63 -2.76 5.13 -7.58
C GLN A 63 -3.93 5.67 -8.40
N ILE A 64 -4.27 4.93 -9.44
CA ILE A 64 -5.37 5.33 -10.30
C ILE A 64 -6.69 5.26 -9.52
N ASN A 65 -6.82 4.20 -8.74
CA ASN A 65 -8.01 4.01 -7.93
C ASN A 65 -8.00 4.99 -6.76
N LEU A 66 -6.84 5.09 -6.13
CA LEU A 66 -6.69 5.99 -5.00
C LEU A 66 -7.02 7.42 -5.44
N THR A 67 -6.47 7.81 -6.57
CA THR A 67 -6.70 9.13 -7.11
C THR A 67 -8.18 9.36 -7.36
N GLY A 68 -8.90 8.25 -7.50
CA GLY A 68 -10.33 8.31 -7.74
C GLY A 68 -11.08 8.74 -6.47
N PHE A 69 -10.47 8.46 -5.33
CA PHE A 69 -11.06 8.80 -4.06
C PHE A 69 -10.25 9.89 -3.35
N LEU A 70 -8.93 9.77 -3.45
CA LEU A 70 -8.03 10.73 -2.83
C LEU A 70 -8.10 12.05 -3.60
N ASN A 71 -7.11 12.90 -3.35
CA ASN A 71 -7.03 14.19 -4.01
C ASN A 71 -6.15 14.07 -5.24
N GLY A 72 -5.40 12.99 -5.30
CA GLY A 72 -4.50 12.74 -6.42
C GLY A 72 -3.04 12.85 -5.98
N LYS A 73 -2.77 13.89 -5.20
CA LYS A 73 -1.41 14.11 -4.71
C LYS A 73 -1.11 13.11 -3.59
N ASN A 74 -2.11 12.87 -2.75
CA ASN A 74 -1.96 11.95 -1.65
C ASN A 74 -1.77 10.53 -2.20
N ALA A 75 -2.38 10.29 -3.36
CA ALA A 75 -2.29 8.99 -4.00
C ALA A 75 -0.84 8.72 -4.38
N ARG A 76 -0.19 9.76 -4.90
CA ARG A 76 1.20 9.64 -5.31
C ARG A 76 2.10 9.42 -4.09
N GLU A 77 1.79 10.15 -3.04
CA GLU A 77 2.56 10.05 -1.81
C GLU A 77 2.25 8.72 -1.10
N PHE A 78 0.98 8.33 -1.15
CA PHE A 78 0.56 7.11 -0.53
C PHE A 78 1.27 5.89 -1.14
N MET A 79 1.25 5.84 -2.47
CA MET A 79 1.89 4.75 -3.18
C MET A 79 3.41 4.81 -3.03
N GLY A 80 3.92 6.03 -2.91
CA GLY A 80 5.34 6.23 -2.75
C GLY A 80 5.78 5.99 -1.30
N GLU A 81 4.87 5.40 -0.54
CA GLU A 81 5.14 5.11 0.86
C GLU A 81 4.84 3.65 1.17
N LEU A 82 3.87 3.11 0.44
CA LEU A 82 3.46 1.73 0.63
C LEU A 82 4.18 0.85 -0.41
N TRP A 83 4.31 1.39 -1.61
CA TRP A 83 4.97 0.67 -2.69
C TRP A 83 6.41 0.38 -2.24
N PRO A 84 7.05 1.41 -1.63
CA PRO A 84 8.41 1.27 -1.16
C PRO A 84 8.47 0.42 0.11
N LEU A 85 7.37 0.46 0.86
CA LEU A 85 7.28 -0.29 2.10
C LEU A 85 7.50 -1.78 1.81
N LEU A 86 6.87 -2.24 0.74
CA LEU A 86 6.99 -3.62 0.34
C LEU A 86 8.38 -3.88 -0.23
N LEU A 87 8.92 -2.85 -0.87
CA LEU A 87 10.25 -2.94 -1.46
C LEU A 87 11.24 -3.41 -0.39
N SER A 88 11.13 -2.80 0.78
CA SER A 88 12.01 -3.14 1.88
C SER A 88 11.53 -4.43 2.56
N ALA A 89 10.22 -4.61 2.55
CA ALA A 89 9.63 -5.80 3.14
C ALA A 89 10.09 -7.04 2.38
N GLN A 90 10.00 -6.94 1.06
CA GLN A 90 10.40 -8.05 0.20
C GLN A 90 11.88 -8.36 0.40
N GLU A 91 12.58 -7.43 1.02
CA GLU A 91 14.00 -7.59 1.29
C GLU A 91 14.21 -8.26 2.64
N ASN A 92 13.12 -8.38 3.39
CA ASN A 92 13.18 -9.00 4.71
C ASN A 92 12.99 -10.51 4.57
N ILE A 93 12.67 -11.14 5.69
CA ILE A 93 12.46 -12.57 5.71
C ILE A 93 10.99 -12.87 5.98
N ALA A 94 10.44 -12.14 6.93
CA ALA A 94 9.04 -12.31 7.30
C ALA A 94 8.17 -11.46 6.37
N GLY A 95 8.82 -10.77 5.44
CA GLY A 95 8.13 -9.94 4.49
C GLY A 95 7.54 -8.70 5.19
N ILE A 96 8.32 -8.15 6.12
CA ILE A 96 7.89 -6.98 6.86
C ILE A 96 8.89 -5.85 6.63
N PRO A 97 8.34 -4.62 6.50
CA PRO A 97 9.18 -3.45 6.28
C PRO A 97 9.88 -3.02 7.58
N SER A 98 11.03 -2.39 7.42
CA SER A 98 11.79 -1.93 8.56
C SER A 98 10.99 -0.91 9.37
N ALA A 99 9.95 -0.38 8.71
CA ALA A 99 9.10 0.60 9.36
C ALA A 99 8.46 -0.02 10.61
N PHE A 100 8.29 -1.32 10.56
CA PHE A 100 7.70 -2.05 11.67
C PHE A 100 8.77 -2.69 12.53
N LEU A 101 9.80 -3.18 11.86
CA LEU A 101 10.91 -3.83 12.56
C LEU A 101 11.46 -2.89 13.62
N GLU A 102 12.08 -1.82 13.16
CA GLU A 102 12.66 -0.84 14.06
C GLU A 102 11.63 -0.41 15.12
N LEU A 103 10.50 0.10 14.64
CA LEU A 103 9.44 0.54 15.52
C LEU A 103 8.97 -0.65 16.38
N LYS A 104 7.90 -0.41 17.11
CA LYS A 104 7.34 -1.44 17.97
C LYS A 104 6.29 -2.23 17.21
N LYS A 105 5.70 -3.20 17.89
CA LYS A 105 4.67 -4.03 17.29
C LYS A 105 5.27 -4.80 16.10
N GLU A 106 5.24 -6.11 16.22
CA GLU A 106 5.78 -6.97 15.17
C GLU A 106 4.85 -8.15 14.92
N GLU A 107 4.60 -8.41 13.64
CA GLU A 107 3.72 -9.50 13.25
C GLU A 107 4.54 -10.60 12.56
N ILE A 108 5.23 -11.38 13.38
CA ILE A 108 6.04 -12.47 12.87
C ILE A 108 5.14 -13.51 12.22
N LYS A 109 5.61 -14.06 11.11
CA LYS A 109 4.86 -15.07 10.38
C LYS A 109 4.93 -16.40 11.13
N GLN A 110 3.94 -17.23 10.89
CA GLN A 110 3.87 -18.53 11.54
C GLN A 110 3.65 -19.63 10.50
N ARG A 111 4.56 -20.60 10.51
CA ARG A 111 4.47 -21.71 9.57
C ARG A 111 5.52 -22.77 9.92
N SER A 1 -15.61 6.40 -15.20
CA SER A 1 -15.31 5.86 -13.88
C SER A 1 -14.53 6.88 -13.05
N HIS A 2 -14.10 6.44 -11.88
CA HIS A 2 -13.35 7.30 -10.98
C HIS A 2 -11.86 6.98 -11.10
N MET A 3 -11.43 6.77 -12.34
CA MET A 3 -10.03 6.47 -12.59
C MET A 3 -9.44 7.42 -13.64
N GLN A 4 -8.25 7.08 -14.08
CA GLN A 4 -7.56 7.90 -15.08
C GLN A 4 -6.83 9.06 -14.41
N LEU A 5 -5.51 8.98 -14.44
CA LEU A 5 -4.68 10.01 -13.84
C LEU A 5 -3.21 9.70 -14.10
N LYS A 6 -2.34 10.40 -13.38
CA LYS A 6 -0.92 10.20 -13.53
C LYS A 6 -0.39 9.39 -12.34
N PHE A 7 0.66 8.62 -12.61
CA PHE A 7 1.25 7.79 -11.58
C PHE A 7 2.74 8.13 -11.41
N ALA A 8 3.24 7.86 -10.21
CA ALA A 8 4.63 8.14 -9.90
C ALA A 8 5.52 7.21 -10.74
N GLU A 9 6.82 7.32 -10.48
CA GLU A 9 7.79 6.50 -11.21
C GLU A 9 8.25 5.33 -10.33
N CYS A 10 8.26 5.56 -9.03
CA CYS A 10 8.68 4.55 -8.08
C CYS A 10 7.72 3.37 -8.20
N LEU A 11 6.57 3.64 -8.79
CA LEU A 11 5.56 2.61 -8.98
C LEU A 11 6.09 1.53 -9.92
N GLU A 12 7.21 1.85 -10.56
CA GLU A 12 7.83 0.92 -11.49
C GLU A 12 8.91 0.11 -10.78
N LYS A 13 8.86 0.13 -9.46
CA LYS A 13 9.81 -0.60 -8.64
C LYS A 13 9.34 -2.04 -8.48
N LYS A 14 8.10 -2.28 -8.91
CA LYS A 14 7.53 -3.60 -8.81
C LYS A 14 7.61 -4.09 -7.36
N VAL A 15 7.00 -5.24 -7.12
CA VAL A 15 6.99 -5.82 -5.78
C VAL A 15 6.82 -7.33 -5.89
N ASP A 16 6.41 -7.93 -4.78
CA ASP A 16 6.20 -9.36 -4.74
C ASP A 16 5.56 -9.74 -3.40
N MET A 17 4.23 -9.81 -3.41
CA MET A 17 3.49 -10.15 -2.21
C MET A 17 3.87 -11.56 -1.72
N SER A 18 4.33 -12.37 -2.66
CA SER A 18 4.73 -13.73 -2.34
C SER A 18 6.06 -13.72 -1.56
N LYS A 19 6.64 -12.54 -1.47
CA LYS A 19 7.89 -12.38 -0.76
C LYS A 19 7.69 -11.46 0.44
N VAL A 20 6.85 -10.45 0.25
CA VAL A 20 6.56 -9.50 1.30
C VAL A 20 5.11 -9.69 1.77
N ASN A 21 4.89 -9.37 3.04
CA ASN A 21 3.56 -9.51 3.62
C ASN A 21 2.78 -8.21 3.41
N LEU A 22 1.60 -8.34 2.82
CA LEU A 22 0.76 -7.20 2.56
C LEU A 22 -0.17 -6.98 3.76
N GLU A 23 -0.43 -8.06 4.47
CA GLU A 23 -1.30 -7.99 5.64
C GLU A 23 -0.76 -6.99 6.65
N VAL A 24 0.56 -6.98 6.78
CA VAL A 24 1.22 -6.07 7.71
C VAL A 24 1.06 -4.63 7.20
N ILE A 25 0.54 -4.52 5.99
CA ILE A 25 0.34 -3.21 5.38
C ILE A 25 -1.16 -2.89 5.38
N LYS A 26 -1.95 -3.87 5.78
CA LYS A 26 -3.39 -3.71 5.82
C LYS A 26 -3.75 -2.55 6.76
N PRO A 27 -3.08 -2.57 7.95
CA PRO A 27 -3.31 -1.53 8.94
C PRO A 27 -2.64 -0.22 8.53
N TRP A 28 -1.55 -0.35 7.78
CA TRP A 28 -0.81 0.81 7.32
C TRP A 28 -1.63 1.48 6.21
N ILE A 29 -2.07 0.66 5.27
CA ILE A 29 -2.86 1.16 4.15
C ILE A 29 -4.18 1.72 4.68
N THR A 30 -4.86 0.91 5.48
CA THR A 30 -6.13 1.32 6.05
C THR A 30 -5.96 2.61 6.85
N LYS A 31 -4.85 2.69 7.55
CA LYS A 31 -4.56 3.87 8.36
C LYS A 31 -4.20 5.04 7.44
N ARG A 32 -3.48 4.71 6.38
CA ARG A 32 -3.08 5.72 5.42
C ARG A 32 -4.27 6.23 4.62
N VAL A 33 -5.03 5.27 4.09
CA VAL A 33 -6.21 5.60 3.30
C VAL A 33 -7.20 6.36 4.18
N THR A 34 -7.34 5.89 5.41
CA THR A 34 -8.25 6.52 6.36
C THR A 34 -7.75 7.92 6.74
N GLU A 35 -6.44 8.01 6.91
CA GLU A 35 -5.81 9.27 7.28
C GLU A 35 -5.80 10.22 6.08
N ILE A 36 -5.74 9.63 4.90
CA ILE A 36 -5.72 10.41 3.66
C ILE A 36 -6.95 11.31 3.61
N LEU A 37 -8.10 10.70 3.88
CA LEU A 37 -9.35 11.44 3.87
C LEU A 37 -9.74 11.79 5.32
N GLY A 38 -9.64 10.81 6.19
CA GLY A 38 -9.97 10.99 7.58
C GLY A 38 -10.98 9.96 8.05
N PHE A 39 -11.51 9.22 7.09
CA PHE A 39 -12.49 8.18 7.39
C PHE A 39 -12.11 6.86 6.74
N GLU A 40 -12.60 5.78 7.33
CA GLU A 40 -12.32 4.44 6.82
C GLU A 40 -13.11 4.19 5.53
N ASP A 41 -12.38 4.11 4.44
CA ASP A 41 -13.00 3.87 3.14
C ASP A 41 -13.28 2.38 2.99
N ASP A 42 -13.31 1.95 1.73
CA ASP A 42 -13.57 0.55 1.43
C ASP A 42 -13.20 0.27 -0.03
N VAL A 43 -13.62 1.18 -0.89
CA VAL A 43 -13.34 1.06 -2.32
C VAL A 43 -11.83 1.12 -2.55
N VAL A 44 -11.21 2.07 -1.87
CA VAL A 44 -9.77 2.25 -2.00
C VAL A 44 -9.05 1.10 -1.28
N ILE A 45 -9.57 0.75 -0.12
CA ILE A 45 -8.99 -0.33 0.67
C ILE A 45 -9.07 -1.63 -0.13
N GLU A 46 -10.25 -1.88 -0.68
CA GLU A 46 -10.47 -3.09 -1.46
C GLU A 46 -9.51 -3.13 -2.65
N PHE A 47 -9.37 -1.98 -3.29
CA PHE A 47 -8.49 -1.87 -4.45
C PHE A 47 -7.06 -2.28 -4.09
N ILE A 48 -6.61 -1.77 -2.95
CA ILE A 48 -5.27 -2.08 -2.47
C ILE A 48 -5.20 -3.54 -2.03
N PHE A 49 -6.21 -3.93 -1.27
CA PHE A 49 -6.28 -5.31 -0.77
C PHE A 49 -6.43 -6.29 -1.92
N ASN A 50 -7.37 -6.01 -2.80
CA ASN A 50 -7.62 -6.86 -3.95
C ASN A 50 -6.36 -6.93 -4.81
N GLN A 51 -5.72 -5.77 -4.96
CA GLN A 51 -4.52 -5.68 -5.76
C GLN A 51 -3.34 -6.32 -5.02
N LEU A 52 -3.33 -6.11 -3.71
CA LEU A 52 -2.27 -6.66 -2.88
C LEU A 52 -2.56 -8.13 -2.59
N GLU A 53 -3.71 -8.57 -3.07
CA GLU A 53 -4.12 -9.95 -2.88
C GLU A 53 -3.48 -10.86 -3.94
N VAL A 54 -2.74 -10.22 -4.84
CA VAL A 54 -2.07 -10.95 -5.90
C VAL A 54 -0.58 -11.07 -5.57
N LYS A 55 0.17 -11.59 -6.53
CA LYS A 55 1.60 -11.75 -6.36
C LYS A 55 2.33 -10.63 -7.10
N ASN A 56 1.61 -9.99 -8.00
CA ASN A 56 2.18 -8.90 -8.79
C ASN A 56 1.10 -7.82 -9.00
N PRO A 57 1.04 -6.89 -8.00
CA PRO A 57 0.07 -5.81 -8.07
C PRO A 57 0.50 -4.74 -9.09
N ASP A 58 -0.48 -4.08 -9.67
CA ASP A 58 -0.22 -3.04 -10.65
C ASP A 58 -0.31 -1.67 -9.97
N SER A 59 0.79 -1.27 -9.37
CA SER A 59 0.86 0.01 -8.68
C SER A 59 0.14 1.08 -9.51
N LYS A 60 0.15 0.87 -10.82
CA LYS A 60 -0.49 1.80 -11.73
C LYS A 60 -1.99 1.88 -11.41
N MET A 61 -2.60 0.72 -11.29
CA MET A 61 -4.02 0.64 -10.99
C MET A 61 -4.29 1.06 -9.54
N MET A 62 -3.32 0.76 -8.68
CA MET A 62 -3.44 1.10 -7.28
C MET A 62 -3.62 2.61 -7.08
N GLN A 63 -2.71 3.36 -7.69
CA GLN A 63 -2.77 4.81 -7.58
C GLN A 63 -3.95 5.36 -8.38
N ILE A 64 -4.25 4.68 -9.48
CA ILE A 64 -5.35 5.09 -10.33
C ILE A 64 -6.67 4.88 -9.57
N ASN A 65 -6.73 3.78 -8.84
CA ASN A 65 -7.91 3.46 -8.07
C ASN A 65 -7.99 4.37 -6.84
N LEU A 66 -6.81 4.64 -6.29
CA LEU A 66 -6.73 5.47 -5.10
C LEU A 66 -7.15 6.91 -5.47
N THR A 67 -6.62 7.37 -6.61
CA THR A 67 -6.92 8.71 -7.07
C THR A 67 -8.43 8.87 -7.27
N GLY A 68 -9.10 7.74 -7.46
CA GLY A 68 -10.54 7.75 -7.66
C GLY A 68 -11.26 8.19 -6.38
N PHE A 69 -10.55 8.12 -5.27
CA PHE A 69 -11.10 8.51 -3.98
C PHE A 69 -10.32 9.66 -3.37
N LEU A 70 -8.99 9.49 -3.33
CA LEU A 70 -8.12 10.50 -2.78
C LEU A 70 -8.30 11.80 -3.55
N ASN A 71 -7.37 12.72 -3.33
CA ASN A 71 -7.41 14.01 -4.01
C ASN A 71 -6.58 13.95 -5.29
N GLY A 72 -5.79 12.89 -5.39
CA GLY A 72 -4.94 12.69 -6.55
C GLY A 72 -3.46 12.77 -6.18
N LYS A 73 -3.13 13.79 -5.41
CA LYS A 73 -1.75 13.99 -4.98
C LYS A 73 -1.43 13.01 -3.86
N ASN A 74 -2.46 12.68 -3.09
CA ASN A 74 -2.30 11.75 -1.98
C ASN A 74 -2.04 10.35 -2.53
N ALA A 75 -2.66 10.07 -3.66
CA ALA A 75 -2.50 8.77 -4.30
C ALA A 75 -1.05 8.59 -4.74
N ARG A 76 -0.49 9.68 -5.25
CA ARG A 76 0.90 9.66 -5.71
C ARG A 76 1.85 9.51 -4.52
N GLU A 77 1.53 10.23 -3.46
CA GLU A 77 2.35 10.19 -2.25
C GLU A 77 2.11 8.87 -1.50
N PHE A 78 0.87 8.42 -1.54
CA PHE A 78 0.51 7.17 -0.88
C PHE A 78 1.31 6.00 -1.43
N MET A 79 1.30 5.90 -2.76
CA MET A 79 2.02 4.82 -3.42
C MET A 79 3.52 4.93 -3.19
N GLY A 80 3.95 6.16 -2.95
CA GLY A 80 5.37 6.42 -2.71
C GLY A 80 5.71 6.22 -1.24
N GLU A 81 4.86 5.47 -0.55
CA GLU A 81 5.06 5.19 0.86
C GLU A 81 4.76 3.72 1.16
N LEU A 82 3.79 3.20 0.43
CA LEU A 82 3.38 1.81 0.61
C LEU A 82 4.11 0.93 -0.41
N TRP A 83 4.29 1.49 -1.60
CA TRP A 83 4.97 0.77 -2.67
C TRP A 83 6.40 0.47 -2.20
N PRO A 84 7.02 1.49 -1.56
CA PRO A 84 8.37 1.34 -1.06
C PRO A 84 8.41 0.49 0.21
N LEU A 85 7.30 0.53 0.93
CA LEU A 85 7.19 -0.24 2.16
C LEU A 85 7.40 -1.72 1.85
N LEU A 86 6.80 -2.16 0.77
CA LEU A 86 6.91 -3.55 0.35
C LEU A 86 8.32 -3.80 -0.18
N LEU A 87 8.89 -2.77 -0.80
CA LEU A 87 10.22 -2.87 -1.36
C LEU A 87 11.19 -3.35 -0.26
N SER A 88 11.04 -2.75 0.90
CA SER A 88 11.89 -3.09 2.03
C SER A 88 11.42 -4.40 2.66
N ALA A 89 10.11 -4.60 2.62
CA ALA A 89 9.51 -5.80 3.18
C ALA A 89 9.99 -7.02 2.39
N GLN A 90 9.94 -6.89 1.07
CA GLN A 90 10.37 -7.97 0.20
C GLN A 90 11.84 -8.29 0.42
N GLU A 91 12.51 -7.36 1.09
CA GLU A 91 13.93 -7.52 1.37
C GLU A 91 14.12 -8.23 2.72
N ASN A 92 13.02 -8.39 3.44
CA ASN A 92 13.06 -9.04 4.73
C ASN A 92 12.84 -10.55 4.54
N ILE A 93 12.55 -11.22 5.65
CA ILE A 93 12.33 -12.65 5.61
C ILE A 93 10.85 -12.94 5.87
N ALA A 94 10.30 -12.23 6.85
CA ALA A 94 8.90 -12.39 7.20
C ALA A 94 8.05 -11.49 6.31
N GLY A 95 8.72 -10.80 5.40
CA GLY A 95 8.04 -9.91 4.48
C GLY A 95 7.47 -8.70 5.22
N ILE A 96 8.24 -8.21 6.17
CA ILE A 96 7.83 -7.06 6.96
C ILE A 96 8.80 -5.90 6.71
N PRO A 97 8.23 -4.68 6.57
CA PRO A 97 9.02 -3.49 6.34
C PRO A 97 9.73 -3.05 7.62
N SER A 98 10.91 -2.47 7.44
CA SER A 98 11.69 -1.99 8.57
C SER A 98 10.90 -0.96 9.36
N ALA A 99 9.88 -0.42 8.70
CA ALA A 99 9.03 0.58 9.33
C ALA A 99 8.38 -0.01 10.58
N PHE A 100 8.18 -1.31 10.54
CA PHE A 100 7.57 -2.01 11.66
C PHE A 100 8.63 -2.67 12.54
N LEU A 101 9.65 -3.21 11.89
CA LEU A 101 10.74 -3.87 12.60
C LEU A 101 11.28 -2.92 13.67
N GLU A 102 11.93 -1.86 13.20
CA GLU A 102 12.51 -0.88 14.11
C GLU A 102 11.53 -0.56 15.24
N LEU A 103 10.29 -0.29 14.85
CA LEU A 103 9.25 0.03 15.82
C LEU A 103 9.34 -0.94 16.99
N LYS A 104 8.67 -2.08 16.83
CA LYS A 104 8.66 -3.10 17.86
C LYS A 104 8.43 -4.47 17.21
N LYS A 105 9.39 -4.87 16.40
CA LYS A 105 9.31 -6.15 15.71
C LYS A 105 10.72 -6.68 15.47
N GLU A 106 11.44 -6.90 16.56
CA GLU A 106 12.80 -7.41 16.48
C GLU A 106 12.81 -8.79 15.82
N GLU A 107 14.00 -9.21 15.42
CA GLU A 107 14.16 -10.51 14.77
C GLU A 107 15.63 -10.74 14.41
N ILE A 108 16.45 -10.85 15.44
CA ILE A 108 17.87 -11.07 15.25
C ILE A 108 18.34 -10.30 14.02
N LYS A 109 18.53 -9.00 14.22
CA LYS A 109 18.98 -8.14 13.14
C LYS A 109 20.43 -8.47 12.79
N GLN A 110 20.67 -8.67 11.50
CA GLN A 110 22.01 -9.00 11.03
C GLN A 110 22.22 -8.43 9.62
N ARG A 111 23.49 -8.23 9.29
CA ARG A 111 23.85 -7.70 7.99
C ARG A 111 23.32 -8.61 6.88
#